data_4EUP
#
_entry.id   4EUP
#
_cell.length_a   127.655
_cell.length_b   53.700
_cell.length_c   150.514
_cell.angle_alpha   90.00
_cell.angle_beta   112.46
_cell.angle_gamma   90.00
#
_symmetry.space_group_name_H-M   'P 1 21 1'
#
loop_
_entity.id
_entity.type
_entity.pdbx_description
1 polymer 'HLA class I histocompatibility antigen, A-2 alpha chain'
2 polymer Beta-2-microglobulin
3 polymer 'Melanoma antigen recognized by T-cells 1'
4 polymer 'JKF6 alpha chain'
5 polymer 'JKF6 beta chain'
6 water water
#
loop_
_entity_poly.entity_id
_entity_poly.type
_entity_poly.pdbx_seq_one_letter_code
_entity_poly.pdbx_strand_id
1 'polypeptide(L)'
;GSHSMRYFFTSVSRPGRGEPRFIAVGYVDDTQFVRFDSDAASQRMEPRAPWIEQEGPEYWDGETRKVKAHSQTHRVDLGT
LRGYYNQSEAGSHTVQRMYGCDVGSDWRFLRGYHQYAYDGKDYIALKEDLRSWTAADMAAQTTKHKWEAAHVAEQLRAYL
EGTCVEWLRRYLENGKETLQRTDAPKTHMTHHAVSDHEATLRCWALSFYPAEITLTWQRDGEDQTQDTELVETRPAGDGT
FQKWAAVVVPSGQEQRYTCHVQHEGLPKPLTLRWE
;
D,A
2 'polypeptide(L)'
;MIQRTPKIQVYSRHPAENGKSNFLNCYVSGFHPSDIEVDLLKNGERIEKVEHSDLSFSKDWSFYLLYYTEFTPTEKDEYA
CRVNHVTLSQPKIVKWDRDM
;
E,B
3 'polypeptide(L)' ALGIGILTV F,C
4 'polypeptide(L)'
;MQKEVEQNSGPLSVPEGAIASLNCTYSDRGSQSFFWYRQYSGKSPELIMSIYSNGDKEDGRFTAQLNKASQYVSLLIRDA
QPSDSATYLCAVSGGGADGLTFGKGTQVVVTPNIQNPDPAVYQLRDSKSADKSVCLFTDFDSQTNVSQSKDSDVYITDKC
VLDMRSMDFKSNSAVAWSNKSDFACANAFNNSIIPEDTFFPSPESS
;
G,I
5 'polypeptide(L)'
;MDKVTQSSRYLVKRTGEKVFLECVQDMDHENMFWYRQDPGLGLRLIYFSYDVKMKEKGDIPEGYSVSREKKERFSLILAS
ASTDQTSMYLCASSFLGTGVEQYFGPGTRLTVVEDLNKVFPPEVALFEPSEAEISHTQKATLVCLATGFYPDHVELSWWV
NGKEVHSGVCTDPQPLKEQPALNDSRYALSSRLRVSATFWQDPRNHFRCQVQFYGLSEADEWTQDRAKPVTQIVSAEAWG
RAD
;
H,J
#
# COMPACT_ATOMS: atom_id res chain seq x y z
N GLY A 1 -16.07 -46.67 32.47
CA GLY A 1 -16.02 -45.80 33.70
C GLY A 1 -15.25 -44.52 33.44
N SER A 2 -14.66 -43.95 34.49
CA SER A 2 -13.94 -42.69 34.36
C SER A 2 -12.68 -42.67 33.46
N HIS A 3 -12.21 -41.45 33.19
CA HIS A 3 -11.14 -41.26 32.22
C HIS A 3 -10.26 -40.09 32.57
N SER A 4 -8.99 -40.19 32.21
CA SER A 4 -8.03 -39.13 32.42
C SER A 4 -7.36 -38.76 31.10
N MET A 5 -6.94 -37.52 30.99
CA MET A 5 -5.87 -37.16 30.05
C MET A 5 -4.86 -36.38 30.87
N ARG A 6 -3.59 -36.71 30.73
CA ARG A 6 -2.58 -36.15 31.59
C ARG A 6 -1.29 -35.98 30.87
N TYR A 7 -0.67 -34.83 31.04
CA TYR A 7 0.67 -34.61 30.51
C TYR A 7 1.65 -34.48 31.69
N PHE A 8 2.87 -34.98 31.49
CA PHE A 8 3.94 -34.80 32.45
C PHE A 8 5.18 -34.19 31.73
N PHE A 9 5.76 -33.13 32.31
CA PHE A 9 6.98 -32.57 31.75
C PHE A 9 8.07 -32.61 32.83
N THR A 10 9.28 -32.92 32.41
CA THR A 10 10.41 -32.95 33.31
C THR A 10 11.55 -32.24 32.60
N SER A 11 12.16 -31.28 33.28
CA SER A 11 13.33 -30.61 32.74
C SER A 11 14.49 -30.70 33.75
N VAL A 12 15.66 -31.12 33.28
CA VAL A 12 16.76 -31.38 34.20
C VAL A 12 18.01 -30.68 33.73
N SER A 13 18.50 -29.68 34.47
CA SER A 13 19.75 -29.01 34.11
C SER A 13 20.93 -29.97 34.18
N ARG A 14 21.90 -29.71 33.32
CA ARG A 14 23.11 -30.49 33.29
C ARG A 14 24.31 -29.60 32.99
N PRO A 15 24.93 -29.09 34.04
CA PRO A 15 26.01 -28.11 33.98
C PRO A 15 27.17 -28.48 33.06
N GLY A 16 27.48 -27.63 32.12
CA GLY A 16 28.61 -27.89 31.27
C GLY A 16 28.35 -28.91 30.22
N ARG A 17 27.14 -28.94 29.70
CA ARG A 17 26.78 -29.85 28.65
C ARG A 17 25.95 -29.08 27.66
N GLY A 18 24.70 -28.82 27.92
CA GLY A 18 24.06 -27.90 27.02
C GLY A 18 22.65 -27.62 27.41
N GLU A 19 21.91 -26.92 26.59
CA GLU A 19 20.55 -26.81 27.05
C GLU A 19 20.12 -28.13 27.68
N PRO A 20 19.37 -28.02 28.78
CA PRO A 20 19.07 -29.16 29.67
C PRO A 20 18.15 -30.18 29.02
N ARG A 21 17.89 -31.27 29.73
CA ARG A 21 17.03 -32.30 29.14
C ARG A 21 15.59 -31.99 29.43
N PHE A 22 14.73 -32.23 28.45
CA PHE A 22 13.30 -32.08 28.65
C PHE A 22 12.53 -33.26 28.12
N ILE A 23 11.83 -33.97 29.02
CA ILE A 23 10.99 -35.09 28.61
C ILE A 23 9.51 -34.74 28.72
N ALA A 24 8.73 -34.94 27.66
CA ALA A 24 7.29 -34.73 27.76
C ALA A 24 6.58 -35.99 27.42
N VAL A 25 5.67 -36.39 28.29
CA VAL A 25 4.89 -37.58 28.04
C VAL A 25 3.42 -37.24 28.28
N GLY A 26 2.53 -37.92 27.56
CA GLY A 26 1.12 -37.63 27.66
C GLY A 26 0.44 -38.95 27.69
N TYR A 27 -0.49 -39.08 28.62
CA TYR A 27 -1.26 -40.31 28.82
C TYR A 27 -2.74 -40.09 28.56
N VAL A 28 -3.42 -41.12 28.06
CA VAL A 28 -4.88 -41.20 28.19
C VAL A 28 -5.21 -42.40 29.08
N ASP A 29 -5.75 -42.14 30.28
CA ASP A 29 -5.91 -43.20 31.26
C ASP A 29 -4.59 -43.86 31.55
N ASP A 30 -4.52 -45.18 31.38
CA ASP A 30 -3.26 -45.88 31.66
C ASP A 30 -2.37 -46.13 30.42
N THR A 31 -2.65 -45.43 29.33
CA THR A 31 -1.95 -45.64 28.07
C THR A 31 -1.26 -44.38 27.58
N GLN A 32 0.04 -44.47 27.35
CA GLN A 32 0.80 -43.36 26.81
C GLN A 32 0.37 -43.16 25.38
N PHE A 33 0.05 -41.93 24.96
CA PHE A 33 -0.21 -41.71 23.54
C PHE A 33 0.78 -40.79 22.75
N VAL A 34 1.61 -40.06 23.49
CA VAL A 34 2.57 -39.15 22.87
C VAL A 34 3.91 -39.14 23.61
N ARG A 35 4.87 -38.37 23.08
CA ARG A 35 6.20 -38.34 23.67
C ARG A 35 6.96 -37.17 23.07
N PHE A 36 7.88 -36.64 23.87
CA PHE A 36 8.86 -35.68 23.42
C PHE A 36 10.00 -35.75 24.38
N ASP A 37 11.19 -35.81 23.79
CA ASP A 37 12.47 -35.88 24.44
C ASP A 37 13.38 -34.96 23.65
N SER A 38 13.87 -33.91 24.30
CA SER A 38 14.76 -32.90 23.68
C SER A 38 16.05 -33.45 23.13
N ASP A 39 16.45 -34.64 23.58
CA ASP A 39 17.76 -35.20 23.23
C ASP A 39 17.73 -36.12 22.01
N ALA A 40 16.64 -36.09 21.23
CA ALA A 40 16.34 -37.18 20.28
C ALA A 40 16.39 -36.71 18.88
N ALA A 41 16.58 -37.67 17.97
CA ALA A 41 16.72 -37.36 16.55
C ALA A 41 15.60 -36.42 16.04
N SER A 42 14.35 -36.87 16.25
CA SER A 42 13.10 -36.24 15.78
C SER A 42 12.95 -34.76 15.93
N GLN A 43 13.09 -34.30 17.17
CA GLN A 43 12.74 -32.94 17.55
C GLN A 43 11.26 -32.73 17.19
N ARG A 44 10.51 -33.81 17.17
CA ARG A 44 9.07 -33.74 17.03
C ARG A 44 8.35 -34.41 18.21
N MET A 45 7.11 -34.00 18.46
CA MET A 45 6.21 -34.76 19.31
C MET A 45 5.93 -36.09 18.57
N GLU A 46 6.04 -37.23 19.26
CA GLU A 46 5.89 -38.53 18.60
C GLU A 46 4.79 -39.41 19.16
N PRO A 47 4.10 -40.15 18.28
CA PRO A 47 3.00 -40.98 18.77
C PRO A 47 3.58 -42.16 19.52
N ARG A 48 2.85 -42.64 20.53
CA ARG A 48 3.21 -43.87 21.20
C ARG A 48 2.01 -44.82 21.40
N ALA A 49 0.79 -44.35 21.09
CA ALA A 49 -0.41 -45.23 20.94
C ALA A 49 -0.94 -45.34 19.49
N PRO A 50 -1.54 -46.49 19.10
CA PRO A 50 -1.97 -46.68 17.70
C PRO A 50 -2.99 -45.64 17.19
N TRP A 51 -4.08 -45.44 17.93
CA TRP A 51 -5.14 -44.54 17.51
C TRP A 51 -4.76 -43.11 17.25
N ILE A 52 -3.74 -42.58 17.92
CA ILE A 52 -3.48 -41.15 17.81
C ILE A 52 -2.85 -40.89 16.45
N GLU A 53 -2.37 -41.96 15.82
CA GLU A 53 -1.66 -41.83 14.58
C GLU A 53 -2.54 -41.29 13.41
N GLN A 54 -3.82 -41.14 13.70
CA GLN A 54 -4.73 -40.67 12.67
C GLN A 54 -4.93 -39.15 12.63
N GLU A 55 -4.20 -38.42 13.45
CA GLU A 55 -4.25 -36.96 13.38
C GLU A 55 -3.26 -36.45 12.28
N GLY A 56 -3.74 -35.59 11.41
CA GLY A 56 -2.93 -35.13 10.29
C GLY A 56 -1.73 -34.27 10.63
N PRO A 57 -0.89 -33.96 9.60
CA PRO A 57 0.33 -33.16 9.76
C PRO A 57 0.12 -31.92 10.65
N GLU A 58 -0.97 -31.18 10.45
CA GLU A 58 -1.21 -29.96 11.24
C GLU A 58 -1.35 -30.21 12.75
N TYR A 59 -1.78 -31.41 13.13
CA TYR A 59 -1.82 -31.76 14.56
C TYR A 59 -0.42 -31.98 15.09
N TRP A 60 0.42 -32.60 14.28
CA TRP A 60 1.79 -32.86 14.72
C TRP A 60 2.70 -31.62 14.67
N ASP A 61 2.36 -30.62 13.89
CA ASP A 61 3.12 -29.39 13.94
C ASP A 61 2.71 -28.65 15.17
N GLY A 62 1.39 -28.50 15.31
CA GLY A 62 0.77 -27.89 16.45
C GLY A 62 1.40 -28.38 17.72
N GLU A 63 1.37 -29.70 17.92
CA GLU A 63 1.86 -30.25 19.18
C GLU A 63 3.37 -30.11 19.32
N THR A 64 4.10 -30.32 18.22
CA THR A 64 5.53 -29.99 18.19
C THR A 64 5.78 -28.58 18.65
N ARG A 65 5.05 -27.60 18.10
CA ARG A 65 5.29 -26.20 18.45
C ARG A 65 5.01 -25.90 19.91
N LYS A 66 3.81 -26.26 20.38
CA LYS A 66 3.50 -26.19 21.82
C LYS A 66 4.52 -26.91 22.74
N VAL A 67 4.93 -28.14 22.39
CA VAL A 67 5.82 -28.86 23.31
C VAL A 67 7.19 -28.19 23.44
N LYS A 68 7.70 -27.65 22.34
CA LYS A 68 8.93 -26.87 22.32
C LYS A 68 8.78 -25.64 23.21
N ALA A 69 7.73 -24.84 22.99
CA ALA A 69 7.38 -23.74 23.92
C ALA A 69 7.64 -24.16 25.36
N HIS A 70 7.09 -25.33 25.75
CA HIS A 70 7.15 -25.82 27.13
C HIS A 70 8.54 -26.12 27.56
N SER A 71 9.36 -26.63 26.64
CA SER A 71 10.72 -26.92 27.05
C SER A 71 11.36 -25.56 27.33
N GLN A 72 11.33 -24.68 26.31
CA GLN A 72 11.96 -23.37 26.42
C GLN A 72 11.62 -22.65 27.71
N THR A 73 10.36 -22.77 28.11
CA THR A 73 9.83 -22.25 29.36
C THR A 73 10.59 -22.79 30.52
N HIS A 74 10.64 -24.12 30.60
CA HIS A 74 11.27 -24.82 31.72
C HIS A 74 12.79 -24.62 31.78
N ARG A 75 13.42 -24.38 30.62
CA ARG A 75 14.79 -23.93 30.63
C ARG A 75 14.86 -22.65 31.43
N VAL A 76 14.12 -21.64 30.99
CA VAL A 76 14.18 -20.35 31.65
C VAL A 76 13.93 -20.59 33.13
N ASP A 77 12.95 -21.47 33.43
CA ASP A 77 12.56 -21.77 34.81
C ASP A 77 13.73 -22.25 35.71
N LEU A 78 14.40 -23.35 35.34
CA LEU A 78 15.68 -23.67 35.96
C LEU A 78 16.52 -22.40 35.83
N GLY A 79 17.11 -21.86 36.87
CA GLY A 79 17.80 -20.60 36.58
C GLY A 79 17.02 -19.41 37.09
N THR A 80 15.76 -19.27 36.71
CA THR A 80 14.97 -18.41 37.56
C THR A 80 14.88 -19.01 38.99
N LEU A 81 14.55 -20.29 39.10
CA LEU A 81 14.45 -20.92 40.42
C LEU A 81 15.78 -20.89 41.19
N ARG A 82 16.89 -21.04 40.45
CA ARG A 82 18.23 -20.81 40.99
C ARG A 82 18.39 -19.40 41.58
N GLY A 83 18.05 -18.38 40.81
CA GLY A 83 18.10 -17.00 41.30
C GLY A 83 17.36 -16.87 42.63
N TYR A 84 16.09 -17.26 42.63
CA TYR A 84 15.25 -17.28 43.84
C TYR A 84 15.88 -18.03 45.01
N TYR A 85 16.61 -19.10 44.75
CA TYR A 85 17.11 -19.94 45.83
C TYR A 85 18.62 -19.75 46.09
N ASN A 86 19.20 -18.74 45.43
CA ASN A 86 20.64 -18.47 45.47
C ASN A 86 21.45 -19.76 45.34
N GLN A 87 21.28 -20.46 44.22
CA GLN A 87 22.11 -21.60 43.91
C GLN A 87 22.87 -21.35 42.60
N SER A 88 24.07 -21.90 42.53
CA SER A 88 24.93 -21.75 41.40
C SER A 88 24.59 -22.71 40.28
N GLU A 89 25.20 -22.41 39.14
CA GLU A 89 24.97 -23.13 37.90
C GLU A 89 25.70 -24.44 37.87
N ALA A 90 26.34 -24.80 38.97
CA ALA A 90 27.16 -25.98 39.02
C ALA A 90 26.41 -27.19 39.45
N GLY A 91 25.28 -27.00 40.10
CA GLY A 91 24.46 -28.13 40.54
C GLY A 91 23.39 -28.59 39.54
N SER A 92 23.10 -29.89 39.50
CA SER A 92 21.99 -30.31 38.66
C SER A 92 20.62 -30.16 39.34
N HIS A 93 19.69 -29.47 38.69
CA HIS A 93 18.34 -29.33 39.23
C HIS A 93 17.23 -29.83 38.30
N THR A 94 16.07 -30.16 38.88
CA THR A 94 14.91 -30.58 38.08
C THR A 94 13.76 -29.62 38.20
N VAL A 95 13.01 -29.51 37.12
CA VAL A 95 11.72 -28.85 37.25
C VAL A 95 10.67 -29.78 36.66
N GLN A 96 9.56 -29.94 37.36
CA GLN A 96 8.54 -30.89 36.93
C GLN A 96 7.18 -30.22 36.98
N ARG A 97 6.33 -30.54 36.01
CA ARG A 97 4.96 -30.03 36.06
C ARG A 97 3.98 -30.93 35.34
N MET A 98 3.03 -31.52 36.08
CA MET A 98 1.99 -32.28 35.40
C MET A 98 0.65 -31.53 35.29
N TYR A 99 -0.20 -31.79 34.25
CA TYR A 99 -1.58 -31.23 34.20
C TYR A 99 -2.53 -32.13 33.37
N GLY A 100 -3.83 -31.94 33.52
CA GLY A 100 -4.79 -32.81 32.85
C GLY A 100 -6.20 -32.71 33.43
N CYS A 101 -7.12 -33.47 32.86
CA CYS A 101 -8.52 -33.35 33.28
C CYS A 101 -9.20 -34.71 33.49
N ASP A 102 -10.11 -34.81 34.45
CA ASP A 102 -10.91 -36.04 34.64
C ASP A 102 -12.33 -36.00 34.12
N VAL A 103 -12.82 -37.14 33.65
CA VAL A 103 -14.23 -37.26 33.21
C VAL A 103 -14.85 -38.55 33.72
N GLY A 104 -16.17 -38.56 33.87
CA GLY A 104 -16.87 -39.77 34.30
C GLY A 104 -17.43 -40.65 33.17
N SER A 105 -18.29 -41.57 33.56
CA SER A 105 -18.89 -42.55 32.66
C SER A 105 -19.64 -41.87 31.47
N ASP A 106 -20.53 -40.93 31.80
CA ASP A 106 -21.16 -40.02 30.83
C ASP A 106 -20.14 -39.13 30.04
N TRP A 107 -18.90 -39.04 30.53
CA TRP A 107 -17.82 -38.24 29.90
C TRP A 107 -17.92 -36.73 30.16
N ARG A 108 -18.61 -36.37 31.24
CA ARG A 108 -18.78 -35.00 31.64
C ARG A 108 -17.55 -34.57 32.39
N PHE A 109 -17.42 -33.27 32.66
CA PHE A 109 -16.29 -32.80 33.41
C PHE A 109 -16.31 -33.25 34.89
N LEU A 110 -15.16 -33.64 35.43
CA LEU A 110 -15.05 -34.01 36.84
C LEU A 110 -14.15 -33.09 37.65
N ARG A 111 -12.83 -33.28 37.53
CA ARG A 111 -11.87 -32.38 38.14
C ARG A 111 -10.76 -31.96 37.20
N GLY A 112 -10.13 -30.85 37.53
CA GLY A 112 -8.97 -30.44 36.77
C GLY A 112 -7.83 -30.22 37.70
N TYR A 113 -6.63 -30.29 37.17
CA TYR A 113 -5.46 -30.03 37.99
C TYR A 113 -4.31 -29.50 37.14
N HIS A 114 -3.40 -28.84 37.83
CA HIS A 114 -2.15 -28.35 37.28
C HIS A 114 -1.18 -28.19 38.45
N GLN A 115 -0.02 -28.84 38.39
CA GLN A 115 0.92 -28.87 39.51
C GLN A 115 2.36 -28.72 39.08
N TYR A 116 3.13 -28.00 39.88
CA TYR A 116 4.51 -27.71 39.53
C TYR A 116 5.51 -28.03 40.68
N ALA A 117 6.63 -28.68 40.35
CA ALA A 117 7.69 -28.99 41.34
C ALA A 117 9.07 -28.46 40.98
N TYR A 118 9.84 -28.11 42.02
CA TYR A 118 11.27 -27.83 41.84
C TYR A 118 12.08 -28.78 42.72
N ASP A 119 13.03 -29.50 42.10
CA ASP A 119 13.85 -30.49 42.81
C ASP A 119 12.98 -31.41 43.70
N GLY A 120 11.93 -31.96 43.13
CA GLY A 120 11.17 -33.01 43.78
C GLY A 120 10.15 -32.50 44.77
N LYS A 121 10.23 -31.21 45.11
CA LYS A 121 9.34 -30.61 46.15
C LYS A 121 8.18 -29.76 45.56
N ASP A 122 6.99 -29.82 46.18
CA ASP A 122 5.84 -28.99 45.77
C ASP A 122 6.26 -27.51 45.67
N TYR A 123 5.92 -26.84 44.57
CA TYR A 123 6.31 -25.43 44.40
C TYR A 123 5.13 -24.49 44.31
N ILE A 124 4.20 -24.80 43.41
CA ILE A 124 2.95 -24.08 43.25
C ILE A 124 1.89 -25.00 42.55
N ALA A 125 0.64 -24.90 42.99
CA ALA A 125 -0.42 -25.74 42.46
C ALA A 125 -1.70 -24.94 42.26
N LEU A 126 -2.50 -25.39 41.29
CA LEU A 126 -3.79 -24.80 41.05
C LEU A 126 -4.56 -25.35 42.23
N LYS A 127 -5.58 -24.65 42.68
CA LYS A 127 -6.52 -25.26 43.59
C LYS A 127 -7.56 -25.99 42.74
N GLU A 128 -8.48 -26.70 43.38
CA GLU A 128 -9.42 -27.53 42.64
C GLU A 128 -10.46 -26.66 41.96
N ASP A 129 -10.75 -25.50 42.55
CA ASP A 129 -11.66 -24.51 41.93
C ASP A 129 -11.17 -24.17 40.48
N LEU A 130 -9.86 -24.26 40.24
CA LEU A 130 -9.14 -23.73 39.07
C LEU A 130 -8.88 -22.22 39.03
N ARG A 131 -9.17 -21.51 40.11
CA ARG A 131 -9.06 -20.04 40.12
C ARG A 131 -7.98 -19.47 41.03
N SER A 132 -7.38 -20.32 41.88
CA SER A 132 -6.49 -19.87 42.95
C SER A 132 -5.29 -20.80 43.12
N TRP A 133 -4.20 -20.30 43.70
CA TRP A 133 -2.98 -21.09 43.80
C TRP A 133 -2.56 -21.32 45.24
N THR A 134 -2.06 -22.52 45.50
CA THR A 134 -1.41 -22.84 46.76
C THR A 134 0.04 -22.63 46.43
N ALA A 135 0.72 -21.85 47.24
CA ALA A 135 2.17 -21.64 47.13
C ALA A 135 2.85 -22.29 48.34
N ALA A 136 3.96 -23.01 48.11
CA ALA A 136 4.62 -23.73 49.19
C ALA A 136 5.51 -22.85 50.10
N ASP A 137 6.32 -21.97 49.51
CA ASP A 137 7.23 -21.07 50.24
C ASP A 137 7.24 -19.67 49.62
N MET A 138 8.22 -18.83 50.00
CA MET A 138 8.24 -17.41 49.58
C MET A 138 8.66 -17.16 48.14
N ALA A 139 9.31 -18.12 47.51
CA ALA A 139 9.72 -17.95 46.12
C ALA A 139 8.53 -18.32 45.24
N ALA A 140 7.78 -19.30 45.70
CA ALA A 140 6.61 -19.73 44.98
C ALA A 140 5.59 -18.59 45.02
N GLN A 141 5.75 -17.74 46.02
CA GLN A 141 4.85 -16.63 46.22
C GLN A 141 5.22 -15.50 45.29
N THR A 142 6.42 -15.52 44.75
CA THR A 142 6.79 -14.57 43.70
C THR A 142 6.10 -14.98 42.40
N THR A 143 6.21 -16.27 42.11
CA THR A 143 5.60 -16.88 40.97
C THR A 143 4.12 -16.60 40.95
N LYS A 144 3.45 -16.81 42.09
CA LYS A 144 1.99 -16.68 42.18
C LYS A 144 1.55 -15.28 41.77
N HIS A 145 2.19 -14.27 42.35
CA HIS A 145 1.89 -12.87 41.99
C HIS A 145 2.16 -12.69 40.50
N LYS A 146 3.22 -13.35 40.00
CA LYS A 146 3.48 -13.30 38.58
C LYS A 146 2.32 -13.88 37.78
N TRP A 147 1.85 -15.05 38.19
CA TRP A 147 0.79 -15.74 37.46
C TRP A 147 -0.59 -15.12 37.70
N GLU A 148 -0.72 -14.29 38.73
CA GLU A 148 -1.98 -13.57 38.96
C GLU A 148 -2.06 -12.38 38.04
N ALA A 149 -1.01 -11.56 38.09
CA ALA A 149 -0.80 -10.50 37.15
C ALA A 149 -1.17 -11.00 35.74
N ALA A 150 -0.64 -12.16 35.33
CA ALA A 150 -0.81 -12.71 33.98
C ALA A 150 -2.10 -13.51 33.69
N HIS A 151 -2.96 -13.65 34.71
CA HIS A 151 -4.25 -14.33 34.54
C HIS A 151 -4.04 -15.79 34.06
N VAL A 152 -3.08 -16.48 34.68
CA VAL A 152 -2.72 -17.80 34.22
C VAL A 152 -3.86 -18.75 34.54
N ALA A 153 -4.44 -18.59 35.74
CA ALA A 153 -5.54 -19.47 36.14
C ALA A 153 -6.77 -19.36 35.26
N GLU A 154 -7.13 -18.14 34.88
CA GLU A 154 -8.13 -17.95 33.83
C GLU A 154 -7.82 -18.80 32.60
N GLN A 155 -6.58 -18.73 32.09
CA GLN A 155 -6.16 -19.55 30.94
C GLN A 155 -6.28 -21.05 31.22
N LEU A 156 -5.62 -21.51 32.28
CA LEU A 156 -5.65 -22.92 32.65
C LEU A 156 -7.06 -23.45 32.85
N ARG A 157 -7.92 -22.62 33.43
CA ARG A 157 -9.31 -23.05 33.62
C ARG A 157 -10.06 -23.23 32.30
N ALA A 158 -9.72 -22.38 31.34
CA ALA A 158 -10.35 -22.50 30.06
C ALA A 158 -9.84 -23.77 29.41
N TYR A 159 -8.60 -24.16 29.69
CA TYR A 159 -8.03 -25.34 29.07
C TYR A 159 -8.53 -26.64 29.70
N LEU A 160 -8.25 -26.76 31.01
CA LEU A 160 -8.74 -27.84 31.86
C LEU A 160 -10.22 -28.15 31.64
N GLU A 161 -11.10 -27.14 31.77
CA GLU A 161 -12.54 -27.36 31.57
C GLU A 161 -12.96 -27.41 30.10
N GLY A 162 -12.03 -27.18 29.18
CA GLY A 162 -12.43 -26.94 27.80
C GLY A 162 -11.75 -27.84 26.80
N THR A 163 -10.82 -27.28 26.04
CA THR A 163 -10.00 -28.06 25.12
C THR A 163 -9.68 -29.46 25.64
N CYS A 164 -9.27 -29.52 26.91
CA CYS A 164 -8.86 -30.75 27.57
C CYS A 164 -9.93 -31.78 27.50
N VAL A 165 -11.14 -31.42 27.88
CA VAL A 165 -12.23 -32.39 27.87
C VAL A 165 -12.61 -32.81 26.42
N GLU A 166 -12.53 -31.85 25.50
CA GLU A 166 -12.97 -32.05 24.14
C GLU A 166 -11.97 -32.93 23.43
N TRP A 167 -10.68 -32.75 23.72
CA TRP A 167 -9.68 -33.60 23.04
C TRP A 167 -9.64 -35.04 23.55
N LEU A 168 -9.88 -35.21 24.86
CA LEU A 168 -10.02 -36.52 25.51
C LEU A 168 -11.14 -37.31 24.91
N ARG A 169 -12.31 -36.68 24.81
CA ARG A 169 -13.49 -37.29 24.18
C ARG A 169 -13.14 -37.83 22.80
N ARG A 170 -12.59 -36.96 21.94
CA ARG A 170 -12.12 -37.35 20.62
C ARG A 170 -11.13 -38.56 20.63
N TYR A 171 -10.14 -38.50 21.50
CA TYR A 171 -9.25 -39.62 21.67
C TYR A 171 -10.11 -40.84 22.01
N LEU A 172 -10.90 -40.75 23.10
CA LEU A 172 -11.74 -41.85 23.50
C LEU A 172 -12.58 -42.40 22.34
N GLU A 173 -13.00 -41.53 21.43
CA GLU A 173 -13.77 -42.01 20.28
C GLU A 173 -12.92 -42.63 19.17
N ASN A 174 -11.83 -41.99 18.76
CA ASN A 174 -11.06 -42.52 17.61
C ASN A 174 -10.27 -43.73 18.04
N GLY A 175 -10.31 -44.07 19.33
CA GLY A 175 -9.54 -45.19 19.85
C GLY A 175 -10.36 -46.09 20.74
N LYS A 176 -11.69 -46.07 20.54
CA LYS A 176 -12.58 -46.88 21.38
C LYS A 176 -12.11 -48.32 21.49
N GLU A 177 -11.75 -48.94 20.36
CA GLU A 177 -11.34 -50.35 20.38
C GLU A 177 -10.13 -50.65 21.29
N THR A 178 -9.24 -49.66 21.50
CA THR A 178 -8.13 -49.85 22.44
C THR A 178 -8.30 -49.09 23.75
N LEU A 179 -8.95 -47.92 23.75
CA LEU A 179 -9.10 -47.15 25.00
C LEU A 179 -10.33 -47.47 25.83
N GLN A 180 -11.39 -47.94 25.17
CA GLN A 180 -12.60 -48.38 25.87
C GLN A 180 -12.70 -49.87 26.16
N ARG A 181 -11.71 -50.63 25.71
CA ARG A 181 -11.57 -52.04 26.08
C ARG A 181 -11.33 -52.07 27.58
N THR A 182 -11.50 -53.23 28.19
CA THR A 182 -11.22 -53.44 29.60
C THR A 182 -10.79 -54.92 29.79
N ASP A 183 -9.52 -55.12 30.13
CA ASP A 183 -8.91 -56.47 30.21
C ASP A 183 -8.99 -56.93 31.64
N ALA A 184 -9.78 -57.97 31.89
CA ALA A 184 -10.07 -58.44 33.25
C ALA A 184 -8.91 -59.30 33.79
N PRO A 185 -8.59 -59.16 35.10
CA PRO A 185 -7.43 -59.83 35.68
C PRO A 185 -7.45 -61.36 35.62
N LYS A 186 -6.47 -61.95 34.93
CA LYS A 186 -6.24 -63.38 35.04
C LYS A 186 -5.77 -63.75 36.46
N THR A 187 -6.57 -64.54 37.15
CA THR A 187 -6.40 -64.70 38.58
C THR A 187 -5.95 -66.11 39.00
N HIS A 188 -4.97 -66.16 39.92
CA HIS A 188 -4.52 -67.42 40.52
C HIS A 188 -3.82 -67.19 41.88
N MET A 189 -3.55 -68.28 42.59
CA MET A 189 -2.87 -68.23 43.87
C MET A 189 -1.72 -69.23 43.89
N THR A 190 -0.61 -68.86 44.54
CA THR A 190 0.48 -69.78 44.90
C THR A 190 0.61 -69.96 46.43
N HIS A 191 1.34 -71.01 46.83
CA HIS A 191 1.55 -71.34 48.26
C HIS A 191 3.02 -71.75 48.43
N HIS A 192 3.71 -71.19 49.42
CA HIS A 192 5.13 -71.52 49.72
C HIS A 192 5.37 -71.67 51.20
N ALA A 193 6.05 -72.74 51.60
CA ALA A 193 6.43 -72.93 53.00
C ALA A 193 7.60 -72.02 53.41
N VAL A 194 7.70 -71.74 54.72
CA VAL A 194 8.91 -71.17 55.35
C VAL A 194 9.22 -71.96 56.65
N SER A 195 10.42 -71.78 57.23
CA SER A 195 10.73 -72.42 58.54
C SER A 195 9.46 -72.36 59.39
N ASP A 196 9.07 -73.54 59.87
CA ASP A 196 7.72 -73.82 60.35
C ASP A 196 7.25 -73.13 61.64
N HIS A 197 5.93 -73.07 61.83
CA HIS A 197 4.99 -73.77 60.95
C HIS A 197 4.27 -72.50 60.54
N GLU A 198 4.59 -72.04 59.31
CA GLU A 198 3.86 -70.99 58.58
C GLU A 198 4.07 -71.08 57.05
N ALA A 199 3.04 -70.67 56.31
CA ALA A 199 3.05 -70.72 54.85
C ALA A 199 2.63 -69.39 54.25
N THR A 200 3.13 -69.07 53.06
CA THR A 200 2.81 -67.83 52.34
C THR A 200 1.79 -68.11 51.23
N LEU A 201 0.64 -67.45 51.34
CA LEU A 201 -0.31 -67.41 50.21
C LEU A 201 -0.05 -66.17 49.39
N ARG A 202 -0.13 -66.30 48.07
CA ARG A 202 0.19 -65.19 47.18
C ARG A 202 -0.89 -65.01 46.10
N CYS A 203 -1.71 -63.99 46.26
CA CYS A 203 -2.82 -63.73 45.35
C CYS A 203 -2.48 -62.88 44.10
N TRP A 204 -2.56 -63.48 42.92
CA TRP A 204 -2.09 -62.82 41.69
C TRP A 204 -3.19 -62.16 40.83
N ALA A 205 -2.92 -60.95 40.36
CA ALA A 205 -3.78 -60.32 39.40
C ALA A 205 -2.90 -60.04 38.23
N LEU A 206 -3.23 -60.58 37.06
CA LEU A 206 -2.32 -60.47 35.94
C LEU A 206 -3.01 -60.03 34.67
N SER A 207 -2.20 -59.40 33.81
CA SER A 207 -2.61 -58.80 32.55
C SER A 207 -3.97 -58.10 32.55
N PHE A 208 -4.21 -57.27 33.55
CA PHE A 208 -5.46 -56.47 33.59
C PHE A 208 -5.22 -55.06 33.05
N TYR A 209 -6.32 -54.42 32.62
CA TYR A 209 -6.37 -52.98 32.22
C TYR A 209 -7.78 -52.45 32.48
N PRO A 210 -7.90 -51.24 33.02
CA PRO A 210 -6.89 -50.27 33.42
C PRO A 210 -6.12 -50.76 34.62
N ALA A 211 -5.29 -49.90 35.20
CA ALA A 211 -4.41 -50.27 36.30
C ALA A 211 -5.03 -50.22 37.71
N GLU A 212 -6.17 -49.53 37.85
CA GLU A 212 -6.89 -49.44 39.14
C GLU A 212 -7.30 -50.86 39.56
N ILE A 213 -6.75 -51.36 40.67
CA ILE A 213 -7.14 -52.68 41.11
C ILE A 213 -7.17 -52.76 42.62
N THR A 214 -7.95 -53.68 43.17
CA THR A 214 -7.94 -53.77 44.62
C THR A 214 -7.97 -55.20 45.17
N LEU A 215 -6.91 -55.53 45.90
CA LEU A 215 -6.64 -56.90 46.35
C LEU A 215 -6.70 -57.01 47.86
N THR A 216 -7.63 -57.84 48.34
CA THR A 216 -8.00 -57.80 49.75
C THR A 216 -7.98 -59.20 50.37
N TRP A 217 -7.37 -59.32 51.55
CA TRP A 217 -7.28 -60.59 52.29
C TRP A 217 -8.12 -60.61 53.58
N GLN A 218 -8.90 -61.36 54.15
CA GLN A 218 -9.77 -61.56 55.35
C GLN A 218 -9.58 -60.54 56.49
N THR A 228 1.24 -59.34 55.41
CA THR A 228 0.46 -58.56 54.45
C THR A 228 1.38 -57.71 53.57
N GLU A 229 1.61 -58.17 52.35
CA GLU A 229 2.40 -57.42 51.38
C GLU A 229 1.56 -57.12 50.17
N LEU A 230 1.77 -55.93 49.66
CA LEU A 230 1.05 -55.49 48.49
C LEU A 230 2.09 -54.76 47.69
N VAL A 231 2.68 -55.43 46.71
CA VAL A 231 3.58 -54.76 45.79
C VAL A 231 2.81 -53.70 44.99
N GLU A 232 3.51 -52.70 44.50
CA GLU A 232 2.83 -51.70 43.71
C GLU A 232 2.55 -52.27 42.32
N THR A 233 1.39 -51.92 41.80
CA THR A 233 1.00 -52.29 40.47
C THR A 233 2.09 -51.91 39.52
N ARG A 234 2.44 -52.85 38.67
CA ARG A 234 3.60 -52.71 37.87
C ARG A 234 3.20 -53.09 36.45
N PRO A 235 3.83 -52.49 35.43
CA PRO A 235 3.50 -52.80 34.04
C PRO A 235 4.07 -54.15 33.59
N ALA A 236 3.39 -54.84 32.70
CA ALA A 236 3.90 -56.07 32.19
C ALA A 236 4.74 -55.71 30.94
N GLY A 237 4.51 -54.51 30.40
CA GLY A 237 5.24 -54.10 29.21
C GLY A 237 4.45 -54.16 27.93
N ASP A 238 3.34 -54.89 27.92
CA ASP A 238 2.50 -54.98 26.71
C ASP A 238 1.27 -54.04 26.77
N GLY A 239 1.04 -53.37 27.90
CA GLY A 239 -0.07 -52.45 27.96
C GLY A 239 -0.92 -52.83 29.13
N THR A 240 -0.66 -54.01 29.68
CA THR A 240 -1.42 -54.48 30.86
C THR A 240 -0.61 -54.38 32.16
N PHE A 241 -1.28 -54.64 33.28
CA PHE A 241 -0.68 -54.41 34.59
C PHE A 241 -0.67 -55.69 35.38
N GLN A 242 0.30 -55.84 36.30
CA GLN A 242 0.41 -57.01 37.21
C GLN A 242 0.40 -56.43 38.63
N LYS A 243 -0.19 -57.16 39.60
CA LYS A 243 0.04 -56.86 41.02
C LYS A 243 -0.13 -58.15 41.81
N TRP A 244 0.48 -58.23 42.99
CA TRP A 244 0.18 -59.33 43.90
C TRP A 244 0.03 -58.88 45.33
N ALA A 245 -0.66 -59.69 46.13
CA ALA A 245 -0.76 -59.50 47.57
C ALA A 245 -0.59 -60.84 48.23
N ALA A 246 -0.15 -60.83 49.49
CA ALA A 246 0.39 -62.04 50.11
C ALA A 246 0.37 -61.99 51.63
N VAL A 247 -0.12 -63.06 52.24
CA VAL A 247 -0.09 -63.22 53.70
C VAL A 247 0.66 -64.45 54.18
N VAL A 248 1.34 -64.26 55.31
CA VAL A 248 1.99 -65.32 56.03
C VAL A 248 0.93 -65.83 56.98
N VAL A 249 0.58 -67.10 56.84
CA VAL A 249 -0.49 -67.67 57.65
C VAL A 249 -0.09 -69.01 58.27
N PRO A 250 -0.46 -69.21 59.56
CA PRO A 250 -0.26 -70.46 60.33
C PRO A 250 -0.52 -71.74 59.53
N SER A 251 0.56 -72.50 59.28
CA SER A 251 0.57 -73.73 58.47
C SER A 251 -0.62 -74.64 58.74
N GLY A 252 -1.26 -75.12 57.67
CA GLY A 252 -2.42 -76.01 57.78
C GLY A 252 -3.79 -75.33 57.80
N GLN A 253 -3.80 -74.01 58.03
CA GLN A 253 -5.06 -73.22 58.16
C GLN A 253 -5.46 -72.42 56.89
N GLU A 254 -5.16 -72.98 55.72
CA GLU A 254 -5.29 -72.28 54.43
C GLU A 254 -6.74 -71.99 53.99
N GLN A 255 -7.71 -72.73 54.53
CA GLN A 255 -9.10 -72.56 54.12
C GLN A 255 -9.81 -71.42 54.80
N ARG A 256 -9.22 -70.92 55.90
CA ARG A 256 -9.78 -69.75 56.62
C ARG A 256 -9.63 -68.46 55.82
N TYR A 257 -8.67 -68.45 54.90
CA TYR A 257 -8.28 -67.24 54.18
C TYR A 257 -8.80 -67.23 52.76
N THR A 258 -9.06 -66.01 52.27
CA THR A 258 -9.67 -65.79 50.96
C THR A 258 -9.23 -64.43 50.39
N CYS A 259 -9.20 -64.35 49.06
CA CYS A 259 -8.69 -63.17 48.41
C CYS A 259 -9.70 -62.52 47.45
N HIS A 260 -10.06 -61.27 47.71
CA HIS A 260 -11.11 -60.61 46.92
C HIS A 260 -10.54 -59.58 45.93
N VAL A 261 -10.85 -59.78 44.65
CA VAL A 261 -10.24 -58.99 43.59
C VAL A 261 -11.29 -58.10 42.94
N GLN A 262 -11.25 -56.81 43.25
CA GLN A 262 -12.19 -55.88 42.64
C GLN A 262 -11.49 -55.15 41.52
N HIS A 263 -12.18 -55.06 40.37
CA HIS A 263 -11.62 -54.48 39.15
C HIS A 263 -12.70 -54.15 38.14
N GLU A 264 -12.49 -53.04 37.42
CA GLU A 264 -13.42 -52.55 36.42
C GLU A 264 -13.81 -53.53 35.29
N GLY A 265 -13.08 -54.63 35.15
CA GLY A 265 -13.36 -55.58 34.07
C GLY A 265 -14.10 -56.83 34.52
N LEU A 266 -14.38 -56.91 35.82
CA LEU A 266 -15.06 -58.08 36.37
C LEU A 266 -16.54 -57.75 36.69
N PRO A 267 -17.48 -58.33 35.91
CA PRO A 267 -18.89 -58.15 36.20
C PRO A 267 -19.20 -58.31 37.70
N LYS A 268 -18.54 -59.26 38.38
CA LYS A 268 -18.62 -59.33 39.86
C LYS A 268 -17.29 -59.70 40.52
N PRO A 269 -17.06 -59.17 41.74
CA PRO A 269 -15.86 -59.48 42.52
C PRO A 269 -15.50 -60.98 42.53
N LEU A 270 -14.32 -61.32 42.00
CA LEU A 270 -13.75 -62.66 42.17
C LEU A 270 -13.34 -62.88 43.64
N THR A 271 -13.33 -64.14 44.07
CA THR A 271 -13.01 -64.55 45.45
C THR A 271 -12.23 -65.85 45.39
N LEU A 272 -11.09 -65.93 46.07
CA LEU A 272 -10.16 -67.06 45.87
C LEU A 272 -9.95 -67.91 47.11
N ARG A 273 -9.77 -69.20 46.87
CA ARG A 273 -9.84 -70.24 47.90
C ARG A 273 -8.47 -70.78 48.39
N TRP A 274 -7.82 -71.58 47.52
CA TRP A 274 -6.70 -72.51 47.87
C TRP A 274 -7.20 -73.83 48.53
N MET B 1 14.47 -29.68 47.85
CA MET B 1 15.56 -30.67 47.46
C MET B 1 15.76 -31.80 48.52
N ILE B 2 15.06 -32.91 48.31
CA ILE B 2 15.40 -34.17 48.97
C ILE B 2 15.43 -35.32 47.95
N GLN B 3 16.28 -36.31 48.25
CA GLN B 3 16.55 -37.50 47.41
C GLN B 3 15.72 -38.71 47.88
N ARG B 4 15.25 -39.53 46.94
CA ARG B 4 14.67 -40.81 47.31
C ARG B 4 15.32 -41.99 46.59
N THR B 5 15.54 -43.08 47.32
CA THR B 5 16.10 -44.31 46.75
C THR B 5 15.01 -45.07 45.96
N PRO B 6 15.40 -45.72 44.86
CA PRO B 6 14.44 -46.44 44.03
C PRO B 6 13.94 -47.74 44.66
N LYS B 7 12.66 -48.03 44.44
CA LYS B 7 12.12 -49.34 44.71
C LYS B 7 12.43 -50.17 43.48
N ILE B 8 12.59 -51.49 43.62
CA ILE B 8 12.90 -52.30 42.45
C ILE B 8 12.04 -53.54 42.40
N GLN B 9 11.37 -53.78 41.27
CA GLN B 9 10.79 -55.09 41.04
C GLN B 9 11.35 -55.74 39.81
N VAL B 10 11.61 -57.04 39.89
CA VAL B 10 12.24 -57.83 38.85
C VAL B 10 11.28 -58.97 38.54
N TYR B 11 10.84 -59.08 37.28
CA TYR B 11 9.77 -60.01 36.95
C TYR B 11 9.75 -60.29 35.47
N SER B 12 8.82 -61.12 35.02
CA SER B 12 8.70 -61.45 33.60
C SER B 12 7.32 -61.02 33.15
N ARG B 13 7.22 -60.51 31.91
CA ARG B 13 5.94 -60.11 31.33
C ARG B 13 4.92 -61.23 31.44
N HIS B 14 5.30 -62.43 31.04
CA HIS B 14 4.38 -63.60 31.03
C HIS B 14 4.79 -64.61 32.11
N PRO B 15 3.85 -65.44 32.60
CA PRO B 15 4.23 -66.43 33.62
C PRO B 15 5.50 -67.23 33.25
N ALA B 16 6.38 -67.46 34.21
CA ALA B 16 7.67 -68.11 33.93
C ALA B 16 7.55 -69.57 33.51
N GLU B 17 7.98 -69.88 32.30
CA GLU B 17 7.99 -71.26 31.86
C GLU B 17 9.32 -71.61 31.22
N ASN B 18 10.01 -72.56 31.83
CA ASN B 18 11.35 -72.91 31.40
C ASN B 18 11.38 -73.33 29.93
N GLY B 19 12.12 -72.59 29.13
CA GLY B 19 12.35 -72.93 27.72
C GLY B 19 11.61 -72.05 26.74
N LYS B 20 10.57 -71.38 27.22
CA LYS B 20 9.85 -70.45 26.37
C LYS B 20 10.38 -69.04 26.56
N SER B 21 10.78 -68.39 25.46
CA SER B 21 11.16 -66.99 25.45
C SER B 21 10.04 -66.13 26.03
N ASN B 22 10.44 -65.01 26.63
CA ASN B 22 9.56 -64.25 27.49
C ASN B 22 10.27 -62.91 27.50
N PHE B 23 9.77 -61.94 28.28
CA PHE B 23 10.51 -60.70 28.54
C PHE B 23 10.84 -60.52 30.00
N LEU B 24 12.08 -60.11 30.27
CA LEU B 24 12.54 -59.86 31.65
C LEU B 24 12.41 -58.38 32.01
N ASN B 25 11.87 -58.10 33.18
CA ASN B 25 11.49 -56.75 33.54
C ASN B 25 12.16 -56.31 34.81
N CYS B 26 12.69 -55.08 34.81
CA CYS B 26 13.13 -54.45 36.02
C CYS B 26 12.44 -53.11 36.07
N TYR B 27 11.62 -52.93 37.10
CA TYR B 27 10.78 -51.75 37.25
C TYR B 27 11.28 -50.99 38.45
N VAL B 28 11.69 -49.75 38.19
CA VAL B 28 12.30 -48.93 39.20
C VAL B 28 11.45 -47.69 39.29
N SER B 29 11.10 -47.31 40.52
CA SER B 29 10.15 -46.27 40.74
C SER B 29 10.37 -45.72 42.13
N GLY B 30 9.81 -44.53 42.42
CA GLY B 30 9.88 -43.92 43.74
C GLY B 30 11.16 -43.15 44.07
N PHE B 31 12.04 -42.97 43.10
CA PHE B 31 13.35 -42.34 43.31
C PHE B 31 13.42 -40.85 42.85
N HIS B 32 14.36 -40.08 43.38
CA HIS B 32 14.60 -38.69 42.92
C HIS B 32 16.05 -38.34 43.27
N PRO B 33 16.82 -37.74 42.32
CA PRO B 33 16.60 -37.40 40.91
C PRO B 33 16.33 -38.57 39.97
N SER B 34 16.07 -38.21 38.71
CA SER B 34 15.81 -39.09 37.60
C SER B 34 17.05 -39.80 37.06
N ASP B 35 18.22 -39.34 37.47
CA ASP B 35 19.47 -39.87 36.97
C ASP B 35 19.73 -41.18 37.67
N ILE B 36 19.59 -42.27 36.95
CA ILE B 36 19.71 -43.61 37.51
C ILE B 36 20.32 -44.46 36.43
N GLU B 37 21.14 -45.40 36.86
CA GLU B 37 21.60 -46.45 35.99
C GLU B 37 20.89 -47.75 36.41
N VAL B 38 20.38 -48.46 35.41
CA VAL B 38 19.76 -49.74 35.62
C VAL B 38 20.34 -50.70 34.62
N ASP B 39 20.96 -51.78 35.08
CA ASP B 39 21.39 -52.85 34.16
C ASP B 39 20.70 -54.22 34.51
N LEU B 40 20.47 -55.04 33.48
CA LEU B 40 19.90 -56.37 33.65
C LEU B 40 20.99 -57.47 33.57
N LEU B 41 20.96 -58.47 34.44
CA LEU B 41 22.03 -59.47 34.45
C LEU B 41 21.64 -60.92 34.15
N LYS B 42 22.61 -61.68 33.61
CA LYS B 42 22.47 -63.12 33.41
C LYS B 42 23.72 -63.75 33.95
N ASN B 43 23.54 -64.69 34.86
CA ASN B 43 24.65 -65.31 35.56
C ASN B 43 25.79 -64.34 35.90
N GLY B 44 25.41 -63.17 36.44
CA GLY B 44 26.37 -62.15 36.85
C GLY B 44 26.71 -61.10 35.81
N GLU B 45 26.35 -61.35 34.55
CA GLU B 45 26.81 -60.52 33.42
C GLU B 45 25.76 -59.62 32.77
N ARG B 46 26.18 -58.40 32.41
CA ARG B 46 25.28 -57.40 31.85
C ARG B 46 24.75 -57.90 30.52
N ILE B 47 23.43 -57.85 30.33
CA ILE B 47 22.82 -58.14 29.03
C ILE B 47 22.97 -56.91 28.13
N GLU B 48 23.49 -57.14 26.92
CA GLU B 48 23.73 -56.12 25.90
C GLU B 48 22.55 -55.18 25.61
N LYS B 49 21.45 -55.72 25.09
CA LYS B 49 20.35 -54.90 24.54
C LYS B 49 19.09 -54.80 25.43
N VAL B 50 19.06 -53.76 26.27
CA VAL B 50 17.93 -53.52 27.16
C VAL B 50 17.25 -52.25 26.72
N GLU B 51 15.93 -52.28 26.66
CA GLU B 51 15.18 -51.07 26.35
C GLU B 51 14.52 -50.51 27.63
N HIS B 52 14.06 -49.26 27.58
CA HIS B 52 13.36 -48.63 28.71
C HIS B 52 12.24 -47.70 28.22
N SER B 53 11.10 -47.68 28.92
CA SER B 53 10.04 -46.68 28.72
C SER B 53 10.50 -45.20 28.88
N ASP B 54 9.62 -44.25 28.56
CA ASP B 54 10.00 -42.85 28.73
C ASP B 54 9.81 -42.43 30.17
N LEU B 55 10.71 -41.57 30.65
CA LEU B 55 10.64 -41.02 31.99
C LEU B 55 9.25 -40.51 32.28
N SER B 56 8.68 -41.01 33.37
CA SER B 56 7.46 -40.46 33.88
C SER B 56 7.49 -40.46 35.40
N PHE B 57 6.52 -39.80 36.04
CA PHE B 57 6.54 -39.71 37.50
C PHE B 57 5.15 -39.76 38.15
N SER B 58 5.13 -39.98 39.46
CA SER B 58 3.91 -40.16 40.24
C SER B 58 3.36 -38.87 40.79
N LYS B 59 2.14 -38.96 41.32
CA LYS B 59 1.52 -37.84 42.04
C LYS B 59 2.44 -37.21 43.10
N ASP B 60 3.33 -38.01 43.72
CA ASP B 60 4.35 -37.48 44.66
C ASP B 60 5.67 -37.05 44.01
N TRP B 61 5.65 -36.85 42.69
CA TRP B 61 6.82 -36.34 41.93
C TRP B 61 7.97 -37.33 41.68
N SER B 62 7.93 -38.51 42.28
CA SER B 62 9.02 -39.46 42.17
C SER B 62 8.93 -40.25 40.87
N PHE B 63 10.08 -40.49 40.23
CA PHE B 63 10.07 -41.12 38.90
C PHE B 63 9.83 -42.64 38.92
N TYR B 64 9.49 -43.17 37.74
CA TYR B 64 9.51 -44.58 37.49
C TYR B 64 9.94 -44.83 36.07
N LEU B 65 10.49 -46.03 35.86
CA LEU B 65 11.04 -46.48 34.59
C LEU B 65 10.92 -47.96 34.52
N LEU B 66 10.46 -48.48 33.39
CA LEU B 66 10.48 -49.87 33.13
C LEU B 66 11.67 -50.17 32.19
N TYR B 67 12.47 -51.17 32.58
CA TYR B 67 13.56 -51.71 31.78
C TYR B 67 13.26 -53.16 31.42
N TYR B 68 13.26 -53.50 30.14
CA TYR B 68 12.94 -54.87 29.76
C TYR B 68 13.93 -55.48 28.75
N THR B 69 14.16 -56.79 28.85
CA THR B 69 14.98 -57.49 27.88
C THR B 69 14.45 -58.89 27.68
N GLU B 70 14.30 -59.29 26.43
CA GLU B 70 13.91 -60.62 26.10
C GLU B 70 14.88 -61.66 26.64
N PHE B 71 14.33 -62.71 27.23
CA PHE B 71 15.11 -63.71 27.88
C PHE B 71 14.37 -65.05 27.92
N THR B 72 15.12 -66.15 27.93
CA THR B 72 14.52 -67.44 28.14
C THR B 72 14.92 -67.99 29.48
N PRO B 73 13.99 -68.05 30.43
CA PRO B 73 14.24 -68.65 31.73
C PRO B 73 14.42 -70.16 31.69
N THR B 74 15.46 -70.64 32.35
CA THR B 74 15.65 -72.06 32.55
C THR B 74 15.60 -72.29 34.05
N GLU B 75 15.89 -73.52 34.48
CA GLU B 75 15.78 -73.89 35.88
C GLU B 75 16.93 -73.33 36.66
N LYS B 76 18.08 -73.20 36.01
CA LYS B 76 19.28 -72.86 36.73
C LYS B 76 19.88 -71.48 36.45
N ASP B 77 19.49 -70.82 35.37
CA ASP B 77 20.08 -69.51 35.01
C ASP B 77 19.66 -68.37 35.96
N GLU B 78 20.64 -67.71 36.59
CA GLU B 78 20.38 -66.60 37.53
C GLU B 78 20.17 -65.33 36.73
N TYR B 79 19.06 -64.63 36.97
CA TYR B 79 18.80 -63.28 36.41
C TYR B 79 18.58 -62.27 37.53
N ALA B 80 19.02 -61.05 37.28
CA ALA B 80 19.01 -60.01 38.31
C ALA B 80 18.93 -58.63 37.69
N CYS B 81 18.77 -57.63 38.55
CA CYS B 81 18.69 -56.23 38.13
C CYS B 81 19.71 -55.44 38.93
N ARG B 82 20.52 -54.63 38.24
CA ARG B 82 21.60 -53.87 38.90
C ARG B 82 21.32 -52.39 38.75
N VAL B 83 21.02 -51.74 39.87
CA VAL B 83 20.62 -50.35 39.92
C VAL B 83 21.67 -49.48 40.62
N ASN B 84 22.10 -48.39 39.99
CA ASN B 84 22.92 -47.41 40.70
C ASN B 84 22.31 -46.01 40.64
N HIS B 85 22.43 -45.30 41.76
CA HIS B 85 21.72 -44.06 42.03
C HIS B 85 22.48 -43.30 43.15
N VAL B 86 22.41 -41.98 43.11
CA VAL B 86 23.10 -41.13 44.05
C VAL B 86 22.61 -41.33 45.49
N THR B 87 21.53 -42.07 45.68
CA THR B 87 21.10 -42.31 47.05
C THR B 87 21.73 -43.58 47.63
N LEU B 88 22.26 -44.43 46.76
CA LEU B 88 22.86 -45.69 47.18
C LEU B 88 24.35 -45.46 47.31
N SER B 89 25.04 -46.24 48.14
CA SER B 89 26.52 -46.12 48.25
C SER B 89 27.26 -47.24 47.54
N GLN B 90 26.48 -48.21 47.08
CA GLN B 90 26.97 -49.42 46.41
C GLN B 90 25.84 -49.96 45.55
N PRO B 91 26.18 -50.56 44.39
CA PRO B 91 25.14 -51.04 43.47
C PRO B 91 24.13 -52.00 44.12
N LYS B 92 22.86 -51.79 43.82
CA LYS B 92 21.77 -52.58 44.42
C LYS B 92 21.38 -53.69 43.44
N ILE B 93 21.65 -54.92 43.86
CA ILE B 93 21.42 -56.08 43.01
C ILE B 93 20.25 -56.86 43.53
N VAL B 94 19.19 -56.95 42.75
CA VAL B 94 18.04 -57.78 43.10
C VAL B 94 17.92 -58.92 42.12
N LYS B 95 17.92 -60.14 42.68
CA LYS B 95 17.73 -61.36 41.92
C LYS B 95 16.29 -61.52 41.49
N TRP B 96 16.08 -61.94 40.24
CA TRP B 96 14.75 -62.38 39.82
C TRP B 96 14.22 -63.52 40.71
N ASP B 97 12.96 -63.46 41.07
CA ASP B 97 12.31 -64.58 41.68
C ASP B 97 11.00 -64.85 40.97
N ARG B 98 10.87 -66.04 40.39
CA ARG B 98 9.65 -66.40 39.63
C ARG B 98 8.44 -66.48 40.53
N ASP B 99 8.66 -66.83 41.79
CA ASP B 99 7.58 -67.08 42.77
C ASP B 99 6.92 -65.74 43.04
N MET B 100 7.60 -64.68 42.60
CA MET B 100 7.23 -63.28 42.83
C MET B 100 7.36 -62.43 41.55
N ALA C 1 -4.38 -33.11 23.21
CA ALA C 1 -3.91 -31.78 22.73
C ALA C 1 -3.41 -30.97 23.88
N LEU C 2 -2.30 -30.29 23.62
CA LEU C 2 -1.70 -29.44 24.61
C LEU C 2 -2.49 -28.14 24.90
N GLY C 3 -2.01 -27.32 25.85
CA GLY C 3 -2.72 -26.09 26.22
C GLY C 3 -1.95 -24.81 26.48
N ILE C 4 -2.73 -23.78 26.77
CA ILE C 4 -2.25 -22.44 26.99
C ILE C 4 -1.88 -22.28 28.45
N GLY C 5 -1.42 -21.11 28.84
CA GLY C 5 -1.28 -20.79 30.25
C GLY C 5 0.00 -21.38 30.79
N ILE C 6 0.82 -21.97 29.94
CA ILE C 6 2.14 -22.32 30.41
C ILE C 6 2.98 -21.07 30.28
N LEU C 7 3.47 -20.57 31.41
CA LEU C 7 4.20 -19.34 31.44
C LEU C 7 5.41 -19.54 32.33
N THR C 8 6.47 -18.80 32.06
CA THR C 8 7.73 -18.88 32.86
C THR C 8 7.45 -18.59 34.34
N VAL C 9 8.13 -19.28 35.26
CA VAL C 9 8.00 -18.96 36.71
C VAL C 9 8.66 -17.59 37.09
N GLY D 1 9.05 48.35 -37.09
CA GLY D 1 10.06 47.27 -37.36
C GLY D 1 9.62 45.93 -36.81
N SER D 2 10.38 44.88 -37.17
CA SER D 2 10.14 43.48 -36.75
C SER D 2 10.06 43.26 -35.26
N HIS D 3 9.44 42.15 -34.86
CA HIS D 3 9.34 41.83 -33.45
C HIS D 3 9.61 40.37 -33.27
N SER D 4 9.81 39.96 -32.02
CA SER D 4 10.54 38.72 -31.70
C SER D 4 10.19 38.20 -30.33
N MET D 5 9.93 36.90 -30.21
CA MET D 5 9.84 36.27 -28.90
C MET D 5 10.73 35.06 -28.89
N ARG D 6 11.63 34.99 -27.89
CA ARG D 6 12.61 33.91 -27.78
C ARG D 6 12.73 33.42 -26.36
N TYR D 7 12.96 32.12 -26.25
CA TYR D 7 13.07 31.46 -24.95
C TYR D 7 14.44 30.73 -24.89
N PHE D 8 15.15 30.86 -23.76
CA PHE D 8 16.42 30.19 -23.67
C PHE D 8 16.38 29.31 -22.44
N PHE D 9 16.85 28.08 -22.58
CA PHE D 9 16.94 27.14 -21.48
C PHE D 9 18.37 26.64 -21.47
N THR D 10 18.92 26.50 -20.26
CA THR D 10 20.27 26.03 -19.99
C THR D 10 20.19 25.12 -18.79
N SER D 11 20.73 23.93 -18.92
CA SER D 11 20.76 23.00 -17.80
C SER D 11 22.17 22.46 -17.69
N VAL D 12 22.62 22.30 -16.45
CA VAL D 12 24.02 22.03 -16.19
C VAL D 12 24.13 20.97 -15.13
N SER D 13 24.75 19.84 -15.46
CA SER D 13 24.90 18.80 -14.46
C SER D 13 25.96 19.18 -13.42
N ARG D 14 25.68 18.80 -12.17
CA ARG D 14 26.68 19.03 -11.11
C ARG D 14 26.94 17.78 -10.29
N PRO D 15 27.90 16.95 -10.76
CA PRO D 15 28.34 15.70 -10.15
C PRO D 15 28.37 15.71 -8.62
N GLY D 16 27.58 14.83 -8.02
CA GLY D 16 27.51 14.70 -6.56
C GLY D 16 27.15 15.98 -5.81
N ARG D 17 26.39 16.88 -6.45
CA ARG D 17 25.78 18.04 -5.75
C ARG D 17 24.25 18.07 -5.92
N GLY D 18 23.64 16.93 -6.23
CA GLY D 18 22.19 16.88 -6.46
C GLY D 18 21.79 17.16 -7.89
N GLU D 19 20.48 17.32 -8.11
CA GLU D 19 19.94 17.52 -9.45
C GLU D 19 20.45 18.79 -10.14
N PRO D 20 20.49 18.79 -11.49
CA PRO D 20 21.15 19.86 -12.27
C PRO D 20 20.53 21.23 -12.10
N ARG D 21 21.38 22.24 -12.22
CA ARG D 21 20.96 23.63 -12.22
C ARG D 21 20.21 23.88 -13.54
N PHE D 22 19.04 24.49 -13.45
CA PHE D 22 18.20 24.78 -14.62
C PHE D 22 17.82 26.25 -14.64
N ILE D 23 18.02 26.89 -15.78
CA ILE D 23 17.69 28.27 -15.93
C ILE D 23 16.88 28.47 -17.18
N ALA D 24 15.70 29.05 -17.00
CA ALA D 24 14.87 29.40 -18.12
C ALA D 24 14.69 30.90 -18.13
N VAL D 25 15.02 31.52 -19.26
CA VAL D 25 14.78 32.95 -19.42
C VAL D 25 13.90 33.14 -20.64
N GLY D 26 13.08 34.20 -20.66
CA GLY D 26 12.20 34.48 -21.78
C GLY D 26 12.34 35.94 -22.18
N TYR D 27 12.46 36.17 -23.48
CA TYR D 27 12.65 37.52 -24.04
C TYR D 27 11.51 37.94 -24.97
N VAL D 28 11.10 39.20 -24.89
CA VAL D 28 10.44 39.79 -26.05
C VAL D 28 11.32 40.90 -26.61
N ASP D 29 11.83 40.64 -27.79
CA ASP D 29 12.39 41.67 -28.62
C ASP D 29 13.57 42.39 -28.02
N ASP D 30 14.55 41.72 -27.42
CA ASP D 30 15.56 42.45 -26.55
C ASP D 30 15.10 42.87 -25.13
N THR D 31 13.92 42.47 -24.65
CA THR D 31 13.54 42.70 -23.24
C THR D 31 13.22 41.41 -22.53
N GLN D 32 13.80 41.21 -21.35
CA GLN D 32 13.52 40.00 -20.57
C GLN D 32 12.17 40.19 -19.95
N PHE D 33 11.25 39.25 -20.16
CA PHE D 33 9.96 39.33 -19.52
C PHE D 33 9.65 38.31 -18.46
N VAL D 34 10.44 37.23 -18.39
CA VAL D 34 10.25 36.17 -17.39
C VAL D 34 11.56 35.45 -17.10
N ARG D 35 11.56 34.65 -16.04
CA ARG D 35 12.71 33.85 -15.67
C ARG D 35 12.35 32.69 -14.74
N PHE D 36 13.15 31.63 -14.80
CA PHE D 36 12.99 30.49 -13.92
C PHE D 36 14.33 29.93 -13.58
N ASP D 37 14.50 29.60 -12.31
CA ASP D 37 15.78 29.18 -11.74
C ASP D 37 15.58 28.14 -10.62
N SER D 38 16.01 26.92 -10.90
CA SER D 38 15.76 25.78 -10.02
C SER D 38 16.38 25.96 -8.65
N ASP D 39 17.43 26.78 -8.57
CA ASP D 39 18.10 27.03 -7.29
C ASP D 39 17.41 28.07 -6.42
N ALA D 40 16.62 28.95 -7.04
CA ALA D 40 15.90 30.01 -6.31
C ALA D 40 14.81 29.47 -5.35
N ALA D 41 14.40 30.32 -4.41
CA ALA D 41 13.53 29.89 -3.33
C ALA D 41 12.08 29.64 -3.81
N SER D 42 11.55 30.57 -4.60
CA SER D 42 10.16 30.55 -5.04
C SER D 42 9.66 29.29 -5.82
N GLN D 43 10.50 28.72 -6.67
CA GLN D 43 10.10 27.56 -7.47
C GLN D 43 8.91 27.96 -8.33
N ARG D 44 9.03 29.15 -8.90
CA ARG D 44 7.97 29.72 -9.68
C ARG D 44 8.56 30.44 -10.89
N MET D 45 7.87 30.41 -12.01
CA MET D 45 8.20 31.32 -13.10
C MET D 45 7.95 32.75 -12.60
N GLU D 46 8.88 33.68 -12.85
CA GLU D 46 8.81 35.04 -12.24
C GLU D 46 8.87 36.13 -13.29
N PRO D 47 8.21 37.27 -13.05
CA PRO D 47 8.26 38.38 -14.00
C PRO D 47 9.58 39.19 -13.94
N ARG D 48 9.95 39.85 -15.04
CA ARG D 48 11.18 40.64 -15.15
C ARG D 48 10.91 41.86 -16.03
N ALA D 49 9.71 41.93 -16.60
CA ALA D 49 9.25 43.17 -17.27
C ALA D 49 7.89 43.66 -16.71
N PRO D 50 7.66 44.98 -16.68
CA PRO D 50 6.42 45.56 -16.12
C PRO D 50 5.07 44.94 -16.58
N TRP D 51 4.84 44.93 -17.88
CA TRP D 51 3.57 44.54 -18.46
C TRP D 51 3.16 43.07 -18.33
N ILE D 52 4.08 42.18 -17.96
CA ILE D 52 3.70 40.77 -17.82
C ILE D 52 3.00 40.56 -16.49
N GLU D 53 3.34 41.43 -15.53
CA GLU D 53 2.73 41.47 -14.19
C GLU D 53 1.22 41.46 -14.26
N GLN D 54 0.64 41.80 -15.43
CA GLN D 54 -0.83 41.79 -15.57
C GLN D 54 -1.47 40.43 -15.84
N GLU D 55 -0.71 39.42 -16.21
CA GLU D 55 -1.34 38.10 -16.35
C GLU D 55 -1.72 37.53 -14.94
N GLY D 56 -2.83 36.81 -14.85
CA GLY D 56 -3.33 36.29 -13.58
C GLY D 56 -2.69 34.99 -13.11
N PRO D 57 -3.22 34.43 -12.01
CA PRO D 57 -2.72 33.18 -11.43
C PRO D 57 -2.66 32.04 -12.43
N GLU D 58 -3.68 31.93 -13.28
CA GLU D 58 -3.80 30.77 -14.19
C GLU D 58 -2.58 30.72 -15.13
N TYR D 59 -2.10 31.91 -15.52
CA TYR D 59 -0.92 32.05 -16.36
C TYR D 59 0.30 31.62 -15.58
N TRP D 60 0.48 32.22 -14.42
CA TRP D 60 1.65 31.92 -13.64
C TRP D 60 1.71 30.47 -13.17
N ASP D 61 0.57 29.82 -13.04
CA ASP D 61 0.57 28.41 -12.74
C ASP D 61 0.98 27.55 -13.94
N GLY D 62 0.39 27.85 -15.09
CA GLY D 62 0.62 27.12 -16.30
C GLY D 62 2.09 27.25 -16.63
N GLU D 63 2.57 28.50 -16.66
CA GLU D 63 3.98 28.80 -17.01
C GLU D 63 4.94 28.03 -16.10
N THR D 64 4.60 27.99 -14.82
CA THR D 64 5.43 27.31 -13.83
C THR D 64 5.41 25.82 -14.09
N ARG D 65 4.20 25.26 -14.20
CA ARG D 65 4.03 23.82 -14.46
C ARG D 65 4.73 23.41 -15.74
N LYS D 66 4.59 24.23 -16.78
CA LYS D 66 5.25 24.00 -18.07
C LYS D 66 6.75 24.03 -17.87
N VAL D 67 7.27 25.14 -17.30
CA VAL D 67 8.74 25.28 -17.21
C VAL D 67 9.43 24.20 -16.36
N LYS D 68 8.75 23.72 -15.33
CA LYS D 68 9.27 22.66 -14.50
C LYS D 68 9.44 21.40 -15.35
N ALA D 69 8.44 21.12 -16.21
CA ALA D 69 8.56 20.00 -17.13
C ALA D 69 9.85 20.11 -17.96
N HIS D 70 10.11 21.29 -18.53
CA HIS D 70 11.29 21.48 -19.33
C HIS D 70 12.57 21.16 -18.56
N SER D 71 12.60 21.51 -17.26
CA SER D 71 13.78 21.17 -16.50
C SER D 71 13.79 19.66 -16.39
N GLN D 72 12.67 19.05 -15.99
CA GLN D 72 12.62 17.61 -15.80
C GLN D 72 13.08 16.88 -17.03
N THR D 73 12.70 17.39 -18.19
CA THR D 73 13.16 16.92 -19.47
C THR D 73 14.68 16.96 -19.58
N HIS D 74 15.24 18.16 -19.39
CA HIS D 74 16.67 18.38 -19.47
C HIS D 74 17.48 17.60 -18.44
N ARG D 75 16.91 17.31 -17.25
CA ARG D 75 17.54 16.33 -16.30
C ARG D 75 17.82 15.03 -17.02
N VAL D 76 16.74 14.42 -17.51
CA VAL D 76 16.81 13.16 -18.21
C VAL D 76 17.75 13.28 -19.39
N ASP D 77 17.70 14.40 -20.11
CA ASP D 77 18.55 14.57 -21.30
C ASP D 77 20.04 14.45 -20.98
N LEU D 78 20.46 15.00 -19.85
CA LEU D 78 21.84 14.85 -19.41
C LEU D 78 22.18 13.34 -19.21
N GLY D 79 21.27 12.57 -18.61
CA GLY D 79 21.47 11.13 -18.43
C GLY D 79 21.66 10.46 -19.77
N THR D 80 20.70 10.69 -20.66
CA THR D 80 20.70 10.17 -22.03
C THR D 80 21.96 10.54 -22.82
N LEU D 81 22.36 11.81 -22.82
CA LEU D 81 23.52 12.19 -23.64
C LEU D 81 24.82 11.55 -23.15
N ARG D 82 24.91 11.32 -21.84
CA ARG D 82 26.03 10.57 -21.29
C ARG D 82 26.13 9.23 -22.03
N GLY D 83 25.03 8.47 -21.99
CA GLY D 83 24.92 7.18 -22.67
C GLY D 83 25.40 7.26 -24.09
N TYR D 84 24.67 8.02 -24.90
CA TYR D 84 25.02 8.22 -26.31
C TYR D 84 26.51 8.56 -26.57
N TYR D 85 27.19 9.24 -25.63
CA TYR D 85 28.62 9.65 -25.80
C TYR D 85 29.64 8.88 -24.92
N ASN D 86 29.13 7.89 -24.18
CA ASN D 86 29.91 7.06 -23.24
C ASN D 86 30.70 7.90 -22.27
N GLN D 87 29.99 8.69 -21.46
CA GLN D 87 30.62 9.58 -20.47
C GLN D 87 30.09 9.23 -19.07
N SER D 88 30.89 9.50 -18.05
CA SER D 88 30.53 9.12 -16.68
C SER D 88 29.85 10.25 -15.92
N GLU D 89 29.14 9.85 -14.88
CA GLU D 89 28.43 10.75 -14.02
C GLU D 89 29.35 11.75 -13.35
N ALA D 90 30.65 11.55 -13.46
CA ALA D 90 31.65 12.38 -12.78
C ALA D 90 31.93 13.76 -13.40
N GLY D 91 31.74 13.89 -14.70
CA GLY D 91 32.00 15.15 -15.38
C GLY D 91 30.76 16.00 -15.53
N SER D 92 30.97 17.31 -15.42
CA SER D 92 29.90 18.30 -15.58
C SER D 92 29.56 18.50 -17.03
N HIS D 93 28.28 18.47 -17.34
CA HIS D 93 27.84 18.76 -18.67
C HIS D 93 26.67 19.74 -18.76
N THR D 94 26.69 20.49 -19.85
CA THR D 94 25.65 21.49 -20.21
C THR D 94 24.69 21.06 -21.32
N VAL D 95 23.42 21.39 -21.12
CA VAL D 95 22.43 21.25 -22.20
C VAL D 95 21.70 22.56 -22.43
N GLN D 96 21.58 22.92 -23.70
CA GLN D 96 20.99 24.20 -24.08
C GLN D 96 19.93 24.05 -25.19
N ARG D 97 18.95 24.96 -25.18
CA ARG D 97 17.84 24.97 -26.13
C ARG D 97 17.35 26.46 -26.22
N MET D 98 17.14 26.93 -27.45
CA MET D 98 16.48 28.22 -27.71
C MET D 98 15.39 27.95 -28.75
N TYR D 99 14.23 28.59 -28.63
CA TYR D 99 13.20 28.55 -29.65
C TYR D 99 12.44 29.86 -29.59
N GLY D 100 11.77 30.20 -30.69
CA GLY D 100 11.00 31.44 -30.75
C GLY D 100 10.35 31.68 -32.09
N CYS D 101 9.52 32.73 -32.17
CA CYS D 101 8.99 33.23 -33.47
C CYS D 101 9.43 34.65 -33.75
N ASP D 102 9.56 34.96 -35.03
CA ASP D 102 9.63 36.33 -35.51
C ASP D 102 8.32 36.70 -36.15
N VAL D 103 7.96 37.98 -36.07
CA VAL D 103 6.82 38.55 -36.85
C VAL D 103 7.24 39.91 -37.31
N GLY D 104 6.66 40.35 -38.44
CA GLY D 104 6.99 41.64 -39.06
C GLY D 104 6.42 42.91 -38.43
N SER D 105 6.50 44.03 -39.15
CA SER D 105 5.89 45.30 -38.70
C SER D 105 4.38 45.25 -38.75
N ASP D 106 3.85 44.47 -39.69
CA ASP D 106 2.42 44.20 -39.77
C ASP D 106 2.00 43.15 -38.71
N TRP D 107 2.99 42.46 -38.12
CA TRP D 107 2.84 41.38 -37.11
C TRP D 107 2.38 40.03 -37.66
N ARG D 108 2.64 39.80 -38.94
CA ARG D 108 2.43 38.50 -39.53
C ARG D 108 3.61 37.63 -39.16
N PHE D 109 3.36 36.32 -39.05
CA PHE D 109 4.43 35.35 -38.88
C PHE D 109 5.54 35.54 -39.92
N LEU D 110 6.81 35.54 -39.47
CA LEU D 110 7.97 35.61 -40.37
C LEU D 110 8.73 34.29 -40.44
N ARG D 111 9.41 33.93 -39.36
CA ARG D 111 10.06 32.64 -39.25
C ARG D 111 9.93 32.06 -37.86
N GLY D 112 10.02 30.73 -37.77
CA GLY D 112 10.06 30.00 -36.50
C GLY D 112 11.41 29.34 -36.30
N TYR D 113 11.79 29.04 -35.07
CA TYR D 113 13.06 28.37 -34.90
C TYR D 113 13.12 27.61 -33.60
N HIS D 114 13.94 26.56 -33.62
CA HIS D 114 14.05 25.73 -32.47
C HIS D 114 15.34 24.94 -32.54
N GLN D 115 16.11 25.03 -31.46
CA GLN D 115 17.51 24.63 -31.49
C GLN D 115 18.02 24.03 -30.19
N TYR D 116 18.96 23.08 -30.32
CA TYR D 116 19.43 22.31 -29.18
C TYR D 116 20.91 21.99 -29.27
N ALA D 117 21.61 22.07 -28.14
CA ALA D 117 23.05 21.94 -28.10
C ALA D 117 23.54 21.12 -26.93
N TYR D 118 24.58 20.30 -27.13
CA TYR D 118 25.21 19.59 -26.03
C TYR D 118 26.65 20.07 -25.85
N ASP D 119 27.00 20.41 -24.60
CA ASP D 119 28.30 20.93 -24.22
C ASP D 119 28.75 22.00 -25.25
N GLY D 120 27.92 23.02 -25.43
CA GLY D 120 28.32 24.15 -26.27
C GLY D 120 28.32 23.89 -27.76
N LYS D 121 28.26 22.63 -28.20
CA LYS D 121 28.16 22.35 -29.66
C LYS D 121 26.73 22.02 -30.20
N ASP D 122 26.45 22.37 -31.48
CA ASP D 122 25.15 22.07 -32.12
C ASP D 122 24.79 20.59 -31.97
N TYR D 123 23.55 20.33 -31.59
CA TYR D 123 23.11 18.95 -31.47
C TYR D 123 22.10 18.66 -32.53
N ILE D 124 20.92 19.30 -32.45
CA ILE D 124 19.90 19.10 -33.46
C ILE D 124 18.96 20.31 -33.57
N ALA D 125 18.88 20.91 -34.76
CA ALA D 125 18.03 22.08 -34.96
C ALA D 125 16.87 21.78 -35.89
N LEU D 126 15.76 22.52 -35.74
CA LEU D 126 14.63 22.40 -36.62
C LEU D 126 14.90 23.23 -37.85
N LYS D 127 14.51 22.71 -39.00
CA LYS D 127 14.70 23.45 -40.23
C LYS D 127 13.74 24.65 -40.35
N GLU D 128 14.18 25.65 -41.11
CA GLU D 128 13.35 26.78 -41.53
C GLU D 128 11.90 26.38 -41.94
N ASP D 129 11.75 25.28 -42.71
CA ASP D 129 10.42 24.76 -43.11
C ASP D 129 9.55 24.21 -41.95
N LEU D 130 10.14 24.11 -40.77
CA LEU D 130 9.47 23.60 -39.58
C LEU D 130 8.83 22.24 -39.75
N ARG D 131 9.48 21.36 -40.52
CA ARG D 131 9.06 19.96 -40.68
C ARG D 131 10.23 18.95 -40.57
N SER D 132 11.37 19.28 -41.19
CA SER D 132 12.59 18.45 -41.12
C SER D 132 13.59 18.90 -40.03
N TRP D 133 14.63 18.10 -39.81
CA TRP D 133 15.66 18.34 -38.76
C TRP D 133 17.07 18.29 -39.38
N THR D 134 18.02 19.06 -38.82
CA THR D 134 19.44 18.88 -39.11
C THR D 134 20.08 18.17 -37.92
N ALA D 135 20.83 17.09 -38.17
CA ALA D 135 21.53 16.34 -37.10
C ALA D 135 23.04 16.43 -37.23
N ALA D 136 23.68 17.05 -36.24
CA ALA D 136 25.15 17.15 -36.25
C ALA D 136 25.85 15.77 -36.40
N ASP D 137 25.59 14.88 -35.44
CA ASP D 137 26.33 13.63 -35.31
C ASP D 137 25.46 12.39 -35.55
N MET D 138 26.00 11.21 -35.20
CA MET D 138 25.21 9.95 -35.13
C MET D 138 24.34 9.86 -33.88
N ALA D 139 24.62 10.69 -32.88
CA ALA D 139 23.84 10.63 -31.64
C ALA D 139 22.60 11.47 -31.79
N ALA D 140 22.76 12.55 -32.54
CA ALA D 140 21.65 13.44 -32.82
C ALA D 140 20.71 12.75 -33.84
N GLN D 141 21.28 11.82 -34.62
CA GLN D 141 20.50 11.03 -35.56
C GLN D 141 19.54 10.12 -34.82
N THR D 142 19.96 9.64 -33.65
CA THR D 142 19.10 8.87 -32.74
C THR D 142 17.97 9.74 -32.21
N THR D 143 18.28 10.98 -31.84
CA THR D 143 17.28 11.92 -31.35
C THR D 143 16.28 12.15 -32.48
N LYS D 144 16.82 12.36 -33.68
CA LYS D 144 16.02 12.74 -34.83
C LYS D 144 14.96 11.73 -35.18
N HIS D 145 15.35 10.45 -35.32
CA HIS D 145 14.37 9.37 -35.58
C HIS D 145 13.31 9.39 -34.50
N LYS D 146 13.74 9.53 -33.24
CA LYS D 146 12.81 9.52 -32.12
C LYS D 146 11.81 10.67 -32.30
N TRP D 147 12.33 11.84 -32.60
CA TRP D 147 11.48 12.99 -32.72
C TRP D 147 10.59 12.95 -33.95
N GLU D 148 11.03 12.27 -35.01
CA GLU D 148 10.13 12.05 -36.16
C GLU D 148 9.00 11.11 -35.78
N ALA D 149 9.35 10.02 -35.09
CA ALA D 149 8.40 9.07 -34.56
C ALA D 149 7.26 9.75 -33.82
N ALA D 150 7.63 10.60 -32.86
CA ALA D 150 6.71 11.19 -31.87
C ALA D 150 6.07 12.49 -32.36
N HIS D 151 6.34 12.79 -33.63
CA HIS D 151 5.79 13.96 -34.33
C HIS D 151 6.10 15.26 -33.60
N VAL D 152 7.37 15.48 -33.27
CA VAL D 152 7.78 16.71 -32.64
C VAL D 152 7.64 17.91 -33.61
N ALA D 153 8.14 17.79 -34.85
CA ALA D 153 7.95 18.88 -35.83
C ALA D 153 6.51 19.33 -35.90
N GLU D 154 5.60 18.36 -35.96
CA GLU D 154 4.16 18.61 -36.04
C GLU D 154 3.77 19.60 -34.97
N GLN D 155 4.05 19.26 -33.70
CA GLN D 155 3.74 20.13 -32.57
C GLN D 155 4.41 21.50 -32.70
N LEU D 156 5.75 21.52 -32.62
CA LEU D 156 6.49 22.78 -32.76
C LEU D 156 5.93 23.76 -33.82
N ARG D 157 5.46 23.22 -34.95
CA ARG D 157 4.99 24.11 -36.00
C ARG D 157 3.67 24.77 -35.60
N ALA D 158 2.73 23.95 -35.14
CA ALA D 158 1.57 24.46 -34.43
C ALA D 158 2.00 25.52 -33.43
N TYR D 159 2.96 25.24 -32.58
CA TYR D 159 3.35 26.25 -31.63
C TYR D 159 3.96 27.49 -32.28
N LEU D 160 4.99 27.32 -33.10
CA LEU D 160 5.68 28.47 -33.68
C LEU D 160 4.81 29.41 -34.54
N GLU D 161 3.98 28.89 -35.43
CA GLU D 161 2.93 29.71 -36.05
C GLU D 161 1.78 29.51 -35.13
N GLY D 162 1.00 30.49 -34.80
CA GLY D 162 0.00 30.14 -33.81
C GLY D 162 0.36 30.46 -32.40
N THR D 163 0.11 29.58 -31.45
CA THR D 163 0.19 30.06 -30.09
C THR D 163 1.35 31.03 -29.83
N CYS D 164 2.57 30.69 -30.28
CA CYS D 164 3.69 31.67 -30.28
C CYS D 164 3.39 33.05 -30.85
N VAL D 165 2.88 33.14 -32.07
CA VAL D 165 2.60 34.46 -32.66
C VAL D 165 1.42 35.09 -31.89
N GLU D 166 0.46 34.25 -31.51
CA GLU D 166 -0.66 34.75 -30.72
C GLU D 166 -0.21 35.45 -29.44
N TRP D 167 0.76 34.87 -28.72
CA TRP D 167 1.21 35.49 -27.44
C TRP D 167 2.11 36.70 -27.57
N LEU D 168 3.10 36.60 -28.45
CA LEU D 168 3.86 37.80 -28.92
C LEU D 168 2.97 39.08 -29.20
N ARG D 169 1.92 38.94 -30.02
CA ARG D 169 0.96 40.02 -30.24
C ARG D 169 0.35 40.54 -28.96
N ARG D 170 -0.11 39.63 -28.09
CA ARG D 170 -0.73 40.07 -26.85
C ARG D 170 0.26 40.86 -25.96
N TYR D 171 1.49 40.34 -25.84
CA TYR D 171 2.55 41.06 -25.14
C TYR D 171 2.80 42.42 -25.79
N LEU D 172 3.08 42.43 -27.09
CA LEU D 172 3.25 43.69 -27.79
C LEU D 172 2.18 44.73 -27.46
N GLU D 173 0.92 44.30 -27.32
CA GLU D 173 -0.17 45.25 -27.06
C GLU D 173 -0.29 45.67 -25.59
N ASN D 174 -0.27 44.70 -24.67
CA ASN D 174 -0.29 44.99 -23.24
C ASN D 174 0.95 45.77 -22.77
N GLY D 175 2.05 45.66 -23.50
CA GLY D 175 3.28 46.36 -23.12
C GLY D 175 3.71 47.42 -24.12
N LYS D 176 2.74 48.02 -24.81
CA LYS D 176 3.03 48.93 -25.90
C LYS D 176 3.91 50.12 -25.52
N GLU D 177 3.76 50.60 -24.30
CA GLU D 177 4.55 51.75 -23.85
C GLU D 177 6.06 51.46 -23.77
N THR D 178 6.45 50.29 -23.23
CA THR D 178 7.88 49.89 -23.26
C THR D 178 8.31 49.11 -24.51
N LEU D 179 7.50 48.12 -24.90
CA LEU D 179 7.89 47.24 -26.02
C LEU D 179 7.89 47.87 -27.42
N GLN D 180 6.91 48.74 -27.72
CA GLN D 180 6.84 49.43 -29.03
C GLN D 180 7.43 50.82 -29.02
N ARG D 181 8.30 51.09 -28.04
CA ARG D 181 9.06 52.33 -27.98
C ARG D 181 10.33 52.14 -28.78
N THR D 182 10.86 53.23 -29.32
CA THR D 182 12.23 53.23 -29.83
C THR D 182 13.01 54.23 -28.95
N ASP D 183 14.32 54.04 -28.80
CA ASP D 183 15.14 54.98 -28.00
C ASP D 183 16.36 55.32 -28.82
N ALA D 184 16.37 56.52 -29.37
CA ALA D 184 17.47 56.89 -30.24
C ALA D 184 18.80 56.92 -29.46
N PRO D 185 19.90 56.48 -30.10
CA PRO D 185 21.22 56.67 -29.54
C PRO D 185 21.56 58.13 -29.23
N LYS D 186 21.99 58.39 -28.00
CA LYS D 186 22.67 59.64 -27.71
C LYS D 186 24.10 59.48 -28.22
N THR D 187 24.53 60.39 -29.09
CA THR D 187 25.85 60.29 -29.75
C THR D 187 26.81 61.37 -29.30
N HIS D 188 28.09 61.02 -29.34
CA HIS D 188 29.19 61.95 -29.14
C HIS D 188 30.50 61.27 -29.51
N MET D 189 31.50 62.05 -29.91
CA MET D 189 32.78 61.47 -30.17
C MET D 189 33.83 61.91 -29.15
N THR D 190 34.79 61.05 -28.85
CA THR D 190 35.93 61.40 -27.99
C THR D 190 37.27 61.27 -28.71
N HIS D 191 38.30 61.80 -28.04
CA HIS D 191 39.62 61.91 -28.59
C HIS D 191 40.68 61.70 -27.53
N HIS D 192 41.53 60.70 -27.77
CA HIS D 192 42.67 60.40 -26.91
C HIS D 192 43.79 60.13 -27.89
N ALA D 193 45.02 60.16 -27.40
CA ALA D 193 46.14 59.93 -28.26
C ALA D 193 47.07 58.84 -27.76
N VAL D 194 47.79 58.23 -28.70
CA VAL D 194 48.63 57.09 -28.40
C VAL D 194 50.12 57.38 -28.48
N SER D 195 50.50 58.52 -29.06
CA SER D 195 51.92 58.87 -29.12
C SER D 195 52.30 59.77 -30.29
N ASP D 196 53.07 59.20 -31.23
CA ASP D 196 53.71 59.96 -32.27
C ASP D 196 52.61 60.35 -33.21
N HIS D 197 51.97 61.47 -32.99
CA HIS D 197 50.96 61.85 -33.98
C HIS D 197 50.22 60.61 -34.54
N GLU D 198 49.88 59.71 -33.63
CA GLU D 198 48.82 58.71 -33.78
C GLU D 198 47.82 58.92 -32.64
N ALA D 199 46.55 59.08 -32.99
CA ALA D 199 45.52 59.26 -31.98
C ALA D 199 44.29 58.41 -32.28
N THR D 200 43.51 58.11 -31.24
CA THR D 200 42.25 57.36 -31.38
C THR D 200 41.04 58.30 -31.32
N LEU D 201 40.05 57.99 -32.17
CA LEU D 201 38.74 58.66 -32.16
C LEU D 201 37.68 57.64 -31.76
N ARG D 202 36.94 57.90 -30.68
CA ARG D 202 35.89 56.97 -30.23
C ARG D 202 34.46 57.44 -30.53
N CYS D 203 33.70 56.68 -31.29
CA CYS D 203 32.40 57.16 -31.68
C CYS D 203 31.28 56.48 -30.92
N TRP D 204 30.72 57.20 -29.95
CA TRP D 204 29.84 56.62 -28.93
C TRP D 204 28.33 56.62 -29.29
N ALA D 205 27.65 55.50 -29.03
CA ALA D 205 26.20 55.43 -29.16
C ALA D 205 25.69 54.97 -27.83
N LEU D 206 24.91 55.83 -27.15
CA LEU D 206 24.48 55.54 -25.78
C LEU D 206 22.98 55.48 -25.55
N SER D 207 22.62 54.71 -24.50
CA SER D 207 21.24 54.41 -24.05
C SER D 207 20.14 54.25 -25.10
N PHE D 208 20.37 53.35 -26.04
CA PHE D 208 19.46 53.18 -27.13
C PHE D 208 18.76 51.85 -27.00
N TYR D 209 17.58 51.76 -27.61
CA TYR D 209 16.77 50.56 -27.68
C TYR D 209 16.01 50.57 -29.01
N PRO D 210 15.90 49.43 -29.67
CA PRO D 210 16.39 48.11 -29.24
C PRO D 210 17.87 47.93 -29.58
N ALA D 211 18.41 46.76 -29.27
CA ALA D 211 19.83 46.52 -29.46
C ALA D 211 20.45 46.63 -30.89
N GLU D 212 19.68 46.48 -31.97
CA GLU D 212 20.26 46.56 -33.36
C GLU D 212 20.85 47.94 -33.70
N ILE D 213 22.16 48.00 -33.93
CA ILE D 213 22.75 49.28 -34.26
C ILE D 213 23.88 49.04 -35.26
N THR D 214 24.29 50.06 -35.99
CA THR D 214 25.45 49.91 -36.87
C THR D 214 26.32 51.16 -36.84
N LEU D 215 27.58 51.00 -36.41
CA LEU D 215 28.55 52.09 -36.43
C LEU D 215 29.60 51.83 -37.51
N THR D 216 29.67 52.72 -38.51
CA THR D 216 30.66 52.62 -39.61
C THR D 216 31.59 53.83 -39.68
N TRP D 217 32.88 53.60 -40.01
CA TRP D 217 33.81 54.71 -40.27
C TRP D 217 34.06 54.97 -41.77
N GLN D 218 34.64 56.13 -42.08
CA GLN D 218 34.86 56.59 -43.46
C GLN D 218 35.98 57.63 -43.63
N ARG D 219 35.99 58.23 -44.83
CA ARG D 219 37.09 59.07 -45.39
C ARG D 219 36.57 60.27 -46.22
N ASP D 227 43.26 49.36 -36.23
CA ASP D 227 42.52 50.06 -37.26
C ASP D 227 41.10 50.39 -36.75
N THR D 228 40.27 49.35 -36.52
CA THR D 228 38.83 49.56 -36.30
C THR D 228 38.24 48.67 -35.19
N GLU D 229 38.57 49.03 -33.95
CA GLU D 229 37.89 48.43 -32.80
C GLU D 229 36.39 48.57 -33.01
N LEU D 230 35.62 47.62 -32.53
CA LEU D 230 34.17 47.78 -32.45
C LEU D 230 33.72 46.82 -31.37
N VAL D 231 33.38 47.35 -30.20
CA VAL D 231 32.93 46.49 -29.10
C VAL D 231 31.57 45.92 -29.44
N GLU D 232 31.27 44.74 -28.90
CA GLU D 232 29.94 44.23 -29.00
C GLU D 232 29.03 45.16 -28.27
N THR D 233 27.84 45.35 -28.82
CA THR D 233 26.76 45.97 -28.11
C THR D 233 26.64 45.45 -26.67
N ARG D 234 26.49 46.36 -25.72
CA ARG D 234 26.45 45.98 -24.31
C ARG D 234 25.27 46.63 -23.55
N PRO D 235 24.70 45.90 -22.55
CA PRO D 235 23.62 46.44 -21.75
C PRO D 235 24.14 47.50 -20.78
N ALA D 236 23.47 48.65 -20.77
CA ALA D 236 23.63 49.67 -19.76
C ALA D 236 23.10 49.15 -18.41
N GLY D 237 22.15 48.22 -18.45
CA GLY D 237 21.54 47.70 -17.21
C GLY D 237 20.22 48.37 -16.82
N ASP D 238 19.89 49.46 -17.49
CA ASP D 238 18.57 50.05 -17.34
C ASP D 238 17.64 49.74 -18.50
N GLY D 239 17.92 48.73 -19.29
CA GLY D 239 17.01 48.38 -20.36
C GLY D 239 17.49 48.95 -21.68
N THR D 240 18.58 49.70 -21.65
CA THR D 240 19.15 50.22 -22.92
C THR D 240 20.55 49.67 -23.20
N PHE D 241 21.06 49.98 -24.37
CA PHE D 241 22.35 49.47 -24.85
C PHE D 241 23.31 50.60 -25.31
N GLN D 242 24.60 50.31 -25.20
CA GLN D 242 25.71 51.19 -25.43
C GLN D 242 26.59 50.46 -26.46
N LYS D 243 27.20 51.19 -27.42
CA LYS D 243 28.23 50.65 -28.35
C LYS D 243 29.18 51.74 -28.82
N TRP D 244 30.43 51.39 -29.10
CA TRP D 244 31.37 52.38 -29.61
C TRP D 244 32.34 51.81 -30.64
N ALA D 245 32.52 52.53 -31.75
CA ALA D 245 33.60 52.20 -32.67
C ALA D 245 34.77 53.14 -32.42
N ALA D 246 35.96 52.68 -32.79
CA ALA D 246 37.19 53.46 -32.70
C ALA D 246 38.11 53.23 -33.90
N VAL D 247 38.75 54.29 -34.35
CA VAL D 247 39.83 54.22 -35.34
C VAL D 247 41.11 54.84 -34.78
N VAL D 248 42.25 54.38 -35.30
CA VAL D 248 43.52 55.01 -35.03
C VAL D 248 43.93 55.86 -36.25
N VAL D 249 44.17 57.15 -36.01
CA VAL D 249 44.48 58.11 -37.09
C VAL D 249 45.83 58.86 -36.89
N PRO D 250 46.64 58.97 -37.98
CA PRO D 250 47.75 59.92 -37.99
C PRO D 250 47.29 61.30 -37.49
N SER D 251 47.85 61.72 -36.37
CA SER D 251 47.44 62.92 -35.63
C SER D 251 47.03 64.14 -36.46
N GLY D 252 47.57 64.26 -37.67
CA GLY D 252 47.14 65.31 -38.57
C GLY D 252 45.72 65.14 -39.09
N GLN D 253 45.40 63.92 -39.51
CA GLN D 253 44.31 63.62 -40.44
C GLN D 253 42.88 63.44 -39.87
N GLU D 254 42.63 63.85 -38.62
CA GLU D 254 41.37 63.55 -37.91
C GLU D 254 40.08 64.09 -38.56
N GLN D 255 40.23 65.14 -39.38
CA GLN D 255 39.07 65.78 -40.02
C GLN D 255 38.54 65.00 -41.22
N ARG D 256 39.37 64.08 -41.75
CA ARG D 256 39.05 63.31 -42.96
C ARG D 256 38.11 62.12 -42.63
N TYR D 257 38.09 61.73 -41.35
CA TYR D 257 37.34 60.56 -40.91
C TYR D 257 35.93 60.94 -40.46
N THR D 258 35.01 60.01 -40.65
CA THR D 258 33.60 60.26 -40.37
C THR D 258 32.93 59.02 -39.80
N CYS D 259 32.42 59.13 -38.58
CA CYS D 259 31.61 58.05 -38.02
C CYS D 259 30.13 58.12 -38.46
N HIS D 260 29.62 57.00 -38.98
CA HIS D 260 28.24 56.93 -39.45
C HIS D 260 27.44 55.94 -38.63
N VAL D 261 26.26 56.37 -38.20
CA VAL D 261 25.47 55.65 -37.22
C VAL D 261 24.08 55.38 -37.77
N GLN D 262 23.62 54.13 -37.65
CA GLN D 262 22.24 53.77 -37.99
C GLN D 262 21.49 53.08 -36.85
N HIS D 263 20.21 53.41 -36.72
CA HIS D 263 19.35 52.85 -35.69
C HIS D 263 17.90 53.03 -36.08
N GLU D 264 17.07 52.06 -35.71
CA GLU D 264 15.64 52.08 -35.98
C GLU D 264 14.92 53.33 -35.51
N GLY D 265 15.36 53.94 -34.41
CA GLY D 265 14.66 55.08 -33.80
C GLY D 265 15.13 56.45 -34.26
N LEU D 266 15.93 56.44 -35.31
CA LEU D 266 16.64 57.61 -35.75
C LEU D 266 16.05 58.04 -37.10
N PRO D 267 15.28 59.16 -37.10
CA PRO D 267 14.62 59.69 -38.27
C PRO D 267 15.48 59.55 -39.54
N LYS D 268 16.80 59.67 -39.38
CA LYS D 268 17.75 59.35 -40.46
C LYS D 268 19.18 59.19 -39.90
N PRO D 269 20.05 58.42 -40.61
CA PRO D 269 21.46 58.21 -40.21
C PRO D 269 22.19 59.49 -39.77
N LEU D 270 22.97 59.40 -38.70
CA LEU D 270 23.72 60.53 -38.21
C LEU D 270 25.15 60.44 -38.71
N THR D 271 25.87 61.55 -38.56
CA THR D 271 27.19 61.72 -39.17
C THR D 271 28.00 62.63 -38.25
N LEU D 272 29.14 62.14 -37.76
CA LEU D 272 29.91 62.89 -36.76
C LEU D 272 31.35 63.14 -37.21
N ARG D 273 31.87 64.33 -36.83
CA ARG D 273 33.23 64.79 -37.16
C ARG D 273 33.55 65.28 -35.71
N TRP D 274 34.72 65.88 -35.61
CA TRP D 274 35.34 66.24 -34.37
C TRP D 274 36.15 67.51 -34.59
N MET E 1 32.34 19.08 -26.88
CA MET E 1 33.11 19.77 -25.77
C MET E 1 34.26 20.64 -26.31
N ILE E 2 33.95 21.92 -26.49
CA ILE E 2 34.98 22.93 -26.60
C ILE E 2 34.61 24.03 -25.59
N GLN E 3 35.64 24.74 -25.14
CA GLN E 3 35.50 25.84 -24.22
C GLN E 3 35.86 27.11 -25.00
N ARG E 4 35.31 28.25 -24.59
CA ARG E 4 35.80 29.54 -25.05
C ARG E 4 35.97 30.45 -23.86
N THR E 5 36.91 31.37 -23.97
CA THR E 5 37.25 32.24 -22.87
C THR E 5 36.31 33.43 -22.85
N PRO E 6 36.09 34.00 -21.66
CA PRO E 6 35.23 35.16 -21.62
C PRO E 6 35.85 36.43 -22.24
N LYS E 7 34.98 37.25 -22.79
CA LYS E 7 35.27 38.60 -23.23
C LYS E 7 34.74 39.45 -22.09
N ILE E 8 35.55 40.38 -21.60
CA ILE E 8 35.10 41.23 -20.50
C ILE E 8 35.07 42.66 -20.99
N GLN E 9 33.99 43.36 -20.64
CA GLN E 9 33.96 44.80 -20.73
C GLN E 9 33.59 45.43 -19.39
N VAL E 10 34.27 46.52 -19.05
CA VAL E 10 34.08 47.22 -17.78
C VAL E 10 33.72 48.70 -17.94
N TYR E 11 32.51 49.04 -17.56
CA TYR E 11 32.01 50.36 -17.87
C TYR E 11 30.99 50.85 -16.84
N SER E 12 30.64 52.13 -16.95
CA SER E 12 29.58 52.75 -16.14
C SER E 12 28.28 52.83 -16.95
N ARG E 13 27.14 52.76 -16.26
CA ARG E 13 25.80 52.76 -16.88
C ARG E 13 25.47 54.14 -17.44
N HIS E 14 26.04 55.18 -16.86
CA HIS E 14 25.82 56.57 -17.34
C HIS E 14 27.16 57.26 -17.60
N PRO E 15 27.15 58.37 -18.37
CA PRO E 15 28.39 59.15 -18.48
C PRO E 15 29.02 59.38 -17.09
N ALA E 16 30.22 58.86 -16.91
CA ALA E 16 30.93 59.07 -15.65
C ALA E 16 31.23 60.55 -15.37
N GLU E 17 30.74 61.01 -14.23
CA GLU E 17 30.94 62.36 -13.71
C GLU E 17 31.22 62.05 -12.26
N ASN E 18 32.25 62.68 -11.74
CA ASN E 18 32.76 62.28 -10.46
C ASN E 18 32.17 63.06 -9.35
N GLY E 19 31.73 62.29 -8.35
CA GLY E 19 30.98 62.79 -7.22
C GLY E 19 29.53 62.39 -7.34
N LYS E 20 29.16 61.86 -8.50
CA LYS E 20 27.80 61.40 -8.66
C LYS E 20 27.73 59.88 -8.66
N SER E 21 26.85 59.32 -7.85
CA SER E 21 26.61 57.91 -7.83
C SER E 21 26.20 57.50 -9.24
N ASN E 22 26.47 56.23 -9.56
CA ASN E 22 26.36 55.66 -10.90
C ASN E 22 26.39 54.16 -10.65
N PHE E 23 26.50 53.37 -11.72
CA PHE E 23 26.69 51.93 -11.59
C PHE E 23 27.88 51.43 -12.37
N LEU E 24 28.67 50.56 -11.74
CA LEU E 24 29.80 49.96 -12.39
C LEU E 24 29.29 48.63 -12.87
N ASN E 25 29.53 48.34 -14.15
CA ASN E 25 29.10 47.09 -14.80
C ASN E 25 30.31 46.26 -15.21
N CYS E 26 30.24 44.96 -15.00
CA CYS E 26 31.17 44.05 -15.64
C CYS E 26 30.36 43.17 -16.57
N TYR E 27 30.79 43.12 -17.83
CA TYR E 27 30.04 42.41 -18.82
C TYR E 27 30.86 41.33 -19.44
N VAL E 28 30.50 40.08 -19.10
CA VAL E 28 31.20 38.92 -19.62
C VAL E 28 30.30 38.12 -20.58
N SER E 29 30.84 37.85 -21.78
CA SER E 29 30.16 37.13 -22.87
C SER E 29 31.19 36.30 -23.62
N GLY E 30 30.75 35.39 -24.51
CA GLY E 30 31.64 34.60 -25.33
C GLY E 30 32.20 33.35 -24.69
N PHE E 31 31.86 33.10 -23.43
CA PHE E 31 32.41 31.94 -22.68
C PHE E 31 31.52 30.67 -22.63
N HIS E 32 32.16 29.55 -22.27
CA HIS E 32 31.49 28.26 -22.10
C HIS E 32 32.57 27.41 -21.46
N PRO E 33 32.21 26.59 -20.46
CA PRO E 33 30.94 26.40 -19.76
C PRO E 33 30.54 27.64 -18.98
N SER E 34 29.30 27.69 -18.52
CA SER E 34 28.74 28.91 -17.96
C SER E 34 29.14 29.16 -16.52
N ASP E 35 29.81 28.21 -15.92
CA ASP E 35 30.21 28.41 -14.55
C ASP E 35 31.42 29.32 -14.57
N ILE E 36 31.23 30.54 -14.08
CA ILE E 36 32.24 31.62 -14.12
C ILE E 36 32.29 32.27 -12.74
N GLU E 37 33.34 33.02 -12.44
CA GLU E 37 33.46 33.73 -11.16
C GLU E 37 33.73 35.18 -11.54
N VAL E 38 32.93 36.12 -11.04
CA VAL E 38 33.15 37.53 -11.40
C VAL E 38 33.10 38.43 -10.16
N ASP E 39 34.20 39.12 -9.85
CA ASP E 39 34.21 40.11 -8.78
C ASP E 39 34.47 41.51 -9.33
N LEU E 40 33.82 42.51 -8.74
CA LEU E 40 34.16 43.91 -8.98
C LEU E 40 35.15 44.37 -7.91
N LEU E 41 36.14 45.17 -8.27
CA LEU E 41 37.13 45.57 -7.28
C LEU E 41 37.28 47.07 -7.15
N LYS E 42 37.44 47.55 -5.92
CA LYS E 42 37.78 48.94 -5.71
C LYS E 42 39.16 49.00 -5.07
N ASN E 43 40.05 49.76 -5.69
CA ASN E 43 41.45 49.78 -5.28
C ASN E 43 41.89 48.40 -4.83
N GLY E 44 41.63 47.42 -5.70
CA GLY E 44 42.12 46.06 -5.49
C GLY E 44 41.28 45.27 -4.52
N GLU E 45 40.42 45.93 -3.75
CA GLU E 45 39.56 45.23 -2.80
C GLU E 45 38.18 44.93 -3.36
N ARG E 46 37.67 43.74 -3.08
CA ARG E 46 36.40 43.26 -3.62
C ARG E 46 35.18 44.00 -3.05
N ILE E 47 34.33 44.53 -3.93
CA ILE E 47 33.04 45.16 -3.54
C ILE E 47 32.00 44.07 -3.20
N GLU E 48 31.15 44.34 -2.22
CA GLU E 48 30.35 43.28 -1.61
C GLU E 48 28.96 42.97 -2.16
N LYS E 49 28.17 44.03 -2.39
CA LYS E 49 26.77 43.89 -2.79
C LYS E 49 26.78 44.09 -4.30
N VAL E 50 26.87 42.98 -5.02
CA VAL E 50 26.99 43.03 -6.47
C VAL E 50 25.94 42.09 -7.01
N GLU E 51 25.01 42.59 -7.79
CA GLU E 51 24.13 41.66 -8.52
C GLU E 51 24.58 41.35 -9.99
N HIS E 52 23.85 40.42 -10.63
CA HIS E 52 24.13 39.98 -11.98
C HIS E 52 22.83 39.58 -12.71
N SER E 53 22.87 39.62 -14.04
CA SER E 53 21.71 39.34 -14.87
C SER E 53 21.31 37.87 -14.78
N ASP E 54 20.31 37.46 -15.54
CA ASP E 54 20.01 36.05 -15.63
C ASP E 54 20.84 35.39 -16.69
N LEU E 55 21.44 34.27 -16.33
CA LEU E 55 22.18 33.49 -17.30
C LEU E 55 21.40 33.31 -18.63
N SER E 56 22.03 33.77 -19.68
CA SER E 56 21.49 33.66 -21.00
C SER E 56 22.65 33.46 -21.94
N PHE E 57 22.37 33.21 -23.22
CA PHE E 57 23.42 32.91 -24.20
C PHE E 57 23.07 33.30 -25.65
N SER E 58 24.07 33.36 -26.53
CA SER E 58 23.90 33.83 -27.90
C SER E 58 23.61 32.76 -28.91
N LYS E 59 23.44 33.22 -30.14
CA LYS E 59 23.17 32.38 -31.30
C LYS E 59 24.22 31.28 -31.42
N ASP E 60 25.50 31.61 -31.26
CA ASP E 60 26.57 30.60 -31.25
C ASP E 60 26.69 29.78 -29.95
N TRP E 61 25.72 29.89 -29.03
CA TRP E 61 25.63 29.07 -27.78
C TRP E 61 26.42 29.59 -26.56
N SER E 62 27.20 30.63 -26.75
CA SER E 62 28.05 31.19 -25.69
C SER E 62 27.33 32.12 -24.73
N PHE E 63 27.69 32.03 -23.46
CA PHE E 63 27.01 32.75 -22.41
C PHE E 63 27.45 34.20 -22.31
N TYR E 64 26.58 34.97 -21.68
CA TYR E 64 26.89 36.28 -21.21
C TYR E 64 26.12 36.47 -19.93
N LEU E 65 26.68 37.30 -19.04
CA LEU E 65 26.10 37.70 -17.77
C LEU E 65 26.48 39.16 -17.52
N LEU E 66 25.54 39.98 -17.04
CA LEU E 66 25.89 41.30 -16.58
C LEU E 66 26.05 41.33 -15.04
N TYR E 67 27.16 41.88 -14.54
CA TYR E 67 27.33 42.08 -13.11
C TYR E 67 27.37 43.56 -12.89
N TYR E 68 26.70 44.08 -11.88
CA TYR E 68 26.69 45.54 -11.67
C TYR E 68 26.69 45.87 -10.18
N THR E 69 27.38 46.93 -9.78
CA THR E 69 27.22 47.49 -8.42
C THR E 69 27.12 49.03 -8.45
N GLU E 70 26.49 49.63 -7.46
CA GLU E 70 26.45 51.10 -7.38
C GLU E 70 27.78 51.62 -6.86
N PHE E 71 28.35 52.60 -7.56
CA PHE E 71 29.62 53.17 -7.15
C PHE E 71 29.68 54.68 -7.43
N THR E 72 30.72 55.33 -6.92
CA THR E 72 30.94 56.72 -7.19
C THR E 72 32.33 56.90 -7.74
N PRO E 73 32.45 57.23 -9.04
CA PRO E 73 33.76 57.52 -9.60
C PRO E 73 34.39 58.77 -8.99
N THR E 74 35.66 58.68 -8.63
CA THR E 74 36.45 59.85 -8.30
C THR E 74 37.60 59.85 -9.31
N GLU E 75 38.45 60.86 -9.27
CA GLU E 75 39.54 60.93 -10.25
C GLU E 75 40.61 59.87 -9.96
N LYS E 76 40.66 59.45 -8.70
CA LYS E 76 41.83 58.71 -8.22
C LYS E 76 41.60 57.22 -7.99
N ASP E 77 40.39 56.79 -7.65
CA ASP E 77 40.15 55.38 -7.29
C ASP E 77 40.35 54.44 -8.48
N GLU E 78 41.06 53.32 -8.29
CA GLU E 78 41.02 52.23 -9.28
C GLU E 78 39.74 51.41 -9.13
N TYR E 79 39.03 51.19 -10.24
CA TYR E 79 37.96 50.18 -10.33
C TYR E 79 38.35 49.20 -11.41
N ALA E 80 38.06 47.93 -11.18
CA ALA E 80 38.48 46.86 -12.07
C ALA E 80 37.54 45.69 -11.97
N CYS E 81 37.59 44.81 -12.96
CA CYS E 81 36.79 43.61 -12.90
C CYS E 81 37.71 42.40 -12.96
N ARG E 82 37.47 41.46 -12.03
CA ARG E 82 38.29 40.24 -11.89
C ARG E 82 37.45 39.02 -12.26
N VAL E 83 37.90 38.31 -13.29
CA VAL E 83 37.18 37.18 -13.86
C VAL E 83 37.93 35.85 -13.65
N ASN E 84 37.24 34.86 -13.11
CA ASN E 84 37.79 33.50 -13.07
C ASN E 84 36.93 32.46 -13.82
N HIS E 85 37.60 31.54 -14.51
CA HIS E 85 36.93 30.62 -15.42
C HIS E 85 37.91 29.51 -15.73
N VAL E 86 37.42 28.31 -16.03
CA VAL E 86 38.31 27.16 -16.21
C VAL E 86 39.15 27.26 -17.49
N THR E 87 38.76 28.13 -18.42
CA THR E 87 39.62 28.46 -19.60
C THR E 87 40.92 29.27 -19.29
N LEU E 88 40.95 29.91 -18.11
CA LEU E 88 41.95 30.88 -17.74
C LEU E 88 42.90 30.23 -16.74
N SER E 89 44.21 30.42 -16.95
CA SER E 89 45.21 29.84 -16.06
C SER E 89 45.63 30.85 -15.03
N GLN E 90 45.07 32.06 -15.13
CA GLN E 90 45.25 33.09 -14.12
C GLN E 90 44.13 34.12 -14.22
N PRO E 91 43.64 34.56 -13.04
CA PRO E 91 42.59 35.56 -12.95
C PRO E 91 42.85 36.77 -13.87
N LYS E 92 41.83 37.14 -14.63
CA LYS E 92 41.93 38.24 -15.57
C LYS E 92 41.41 39.52 -14.92
N ILE E 93 42.32 40.45 -14.67
CA ILE E 93 41.94 41.71 -14.07
C ILE E 93 41.82 42.71 -15.20
N VAL E 94 40.69 43.41 -15.28
CA VAL E 94 40.49 44.46 -16.29
C VAL E 94 40.11 45.77 -15.62
N LYS E 95 40.98 46.76 -15.72
CA LYS E 95 40.69 48.02 -15.07
C LYS E 95 39.64 48.76 -15.87
N TRP E 96 38.76 49.47 -15.16
CA TRP E 96 37.82 50.39 -15.79
C TRP E 96 38.55 51.57 -16.41
N ASP E 97 38.25 51.84 -17.67
CA ASP E 97 38.65 53.09 -18.32
C ASP E 97 37.39 53.83 -18.83
N ARG E 98 37.16 54.99 -18.22
CA ARG E 98 36.02 55.82 -18.58
C ARG E 98 36.16 56.32 -20.03
N ASP E 99 37.40 56.59 -20.44
CA ASP E 99 37.71 57.13 -21.77
C ASP E 99 37.11 56.17 -22.81
N MET E 100 37.03 54.89 -22.42
CA MET E 100 36.35 53.81 -23.18
C MET E 100 35.04 53.38 -22.51
N ALA F 1 4.29 32.99 -23.69
CA ALA F 1 3.73 31.70 -23.20
C ALA F 1 4.54 30.58 -23.71
N LEU F 2 5.01 29.73 -22.83
CA LEU F 2 5.69 28.50 -23.26
C LEU F 2 4.76 27.53 -24.06
N GLY F 3 5.33 26.45 -24.59
CA GLY F 3 4.52 25.50 -25.37
C GLY F 3 4.87 24.01 -25.45
N ILE F 4 4.05 23.32 -26.22
CA ILE F 4 4.19 21.90 -26.49
C ILE F 4 5.38 21.63 -27.43
N GLY F 5 5.77 20.36 -27.52
CA GLY F 5 6.74 19.93 -28.52
C GLY F 5 8.14 19.85 -27.96
N ILE F 6 8.22 19.81 -26.63
CA ILE F 6 9.51 19.79 -25.97
C ILE F 6 9.59 18.46 -25.28
N LEU F 7 10.32 17.54 -25.92
CA LEU F 7 10.38 16.12 -25.56
C LEU F 7 11.80 15.71 -25.23
N THR F 8 11.95 14.67 -24.43
CA THR F 8 13.24 13.98 -24.20
C THR F 8 14.06 13.72 -25.49
N VAL F 9 15.38 13.58 -25.37
CA VAL F 9 16.24 13.17 -26.51
C VAL F 9 16.42 11.61 -26.67
N LYS G 3 -4.11 -18.81 5.92
CA LYS G 3 -4.24 -18.58 7.41
C LYS G 3 -4.12 -17.12 7.83
N GLU G 4 -5.11 -16.28 7.50
CA GLU G 4 -5.16 -14.95 8.12
C GLU G 4 -6.32 -14.80 9.09
N VAL G 5 -6.35 -13.66 9.77
CA VAL G 5 -7.46 -13.28 10.62
C VAL G 5 -8.24 -12.23 9.82
N GLU G 6 -9.58 -12.28 9.87
CA GLU G 6 -10.35 -11.29 9.13
C GLU G 6 -11.48 -10.70 9.94
N GLN G 7 -11.67 -9.40 9.80
CA GLN G 7 -12.75 -8.72 10.51
C GLN G 7 -13.55 -7.84 9.57
N ASN G 8 -14.81 -7.59 9.91
CA ASN G 8 -15.69 -6.71 9.13
C ASN G 8 -15.06 -5.35 8.81
N SER G 9 -15.62 -4.64 7.82
CA SER G 9 -15.01 -3.37 7.36
C SER G 9 -15.41 -2.04 8.04
N GLY G 10 -14.43 -1.14 8.22
CA GLY G 10 -14.68 0.16 8.84
C GLY G 10 -15.07 1.16 7.77
N PRO G 11 -15.44 2.39 8.15
CA PRO G 11 -15.91 2.72 9.48
C PRO G 11 -17.33 2.22 9.72
N LEU G 12 -17.52 1.58 10.85
CA LEU G 12 -18.82 1.18 11.33
C LEU G 12 -19.28 2.37 12.15
N SER G 13 -20.54 2.76 11.96
CA SER G 13 -21.12 3.99 12.54
C SER G 13 -22.12 3.62 13.63
N VAL G 14 -21.97 4.16 14.84
CA VAL G 14 -22.77 3.71 15.96
C VAL G 14 -23.31 4.86 16.82
N PRO G 15 -24.65 4.98 16.89
CA PRO G 15 -25.33 5.98 17.71
C PRO G 15 -25.00 5.86 19.20
N GLU G 16 -24.70 6.98 19.85
CA GLU G 16 -24.38 6.95 21.27
C GLU G 16 -25.54 6.34 22.09
N GLY G 17 -25.24 5.26 22.81
CA GLY G 17 -26.24 4.53 23.55
C GLY G 17 -26.46 3.16 22.94
N ALA G 18 -26.19 3.05 21.65
CA ALA G 18 -26.34 1.78 20.93
C ALA G 18 -25.13 0.84 21.09
N ILE G 19 -25.25 -0.36 20.53
CA ILE G 19 -24.25 -1.42 20.68
C ILE G 19 -23.36 -1.53 19.45
N ALA G 20 -22.05 -1.50 19.63
CA ALA G 20 -21.14 -1.65 18.52
C ALA G 20 -20.78 -3.11 18.35
N SER G 21 -21.07 -3.69 17.19
CA SER G 21 -20.71 -5.09 16.92
C SER G 21 -19.42 -5.35 16.10
N LEU G 22 -18.37 -5.72 16.80
CA LEU G 22 -17.11 -6.03 16.17
C LEU G 22 -17.02 -7.52 16.12
N ASN G 23 -16.64 -8.04 14.96
CA ASN G 23 -16.55 -9.49 14.75
C ASN G 23 -15.21 -9.85 14.18
N CYS G 24 -14.90 -11.13 14.18
CA CYS G 24 -13.60 -11.61 13.78
C CYS G 24 -13.61 -13.10 13.44
N THR G 25 -13.04 -13.48 12.30
CA THR G 25 -12.84 -14.91 11.97
C THR G 25 -11.37 -15.26 11.75
N TYR G 26 -11.01 -16.47 12.13
CA TYR G 26 -9.65 -16.96 12.02
C TYR G 26 -9.57 -18.32 11.31
N SER G 27 -8.47 -18.53 10.58
CA SER G 27 -8.36 -19.72 9.76
C SER G 27 -7.87 -20.94 10.51
N ASP G 28 -7.08 -20.76 11.55
CA ASP G 28 -6.53 -21.92 12.28
C ASP G 28 -7.39 -22.47 13.43
N ARG G 29 -8.03 -23.62 13.20
CA ARG G 29 -8.94 -24.23 14.18
C ARG G 29 -8.28 -24.65 15.47
N GLY G 30 -6.95 -24.78 15.47
CA GLY G 30 -6.22 -25.21 16.67
C GLY G 30 -5.97 -24.12 17.70
N SER G 31 -6.33 -22.89 17.34
CA SER G 31 -5.97 -21.68 18.10
C SER G 31 -6.66 -21.65 19.44
N GLN G 32 -6.07 -20.94 20.40
CA GLN G 32 -6.51 -21.08 21.77
C GLN G 32 -6.55 -19.80 22.57
N SER G 33 -5.92 -18.74 22.09
CA SER G 33 -6.04 -17.42 22.76
C SER G 33 -6.52 -16.37 21.80
N PHE G 34 -7.35 -15.47 22.30
CA PHE G 34 -7.97 -14.44 21.44
C PHE G 34 -8.01 -13.11 22.12
N PHE G 35 -7.63 -12.08 21.37
CA PHE G 35 -7.42 -10.77 21.96
C PHE G 35 -8.12 -9.67 21.24
N TRP G 36 -8.62 -8.71 22.03
CA TRP G 36 -9.11 -7.41 21.52
C TRP G 36 -8.22 -6.23 21.98
N TYR G 37 -7.73 -5.45 21.01
CA TYR G 37 -6.88 -4.27 21.23
C TYR G 37 -7.67 -3.05 20.83
N ARG G 38 -7.60 -1.99 21.62
CA ARG G 38 -8.18 -0.71 21.20
C ARG G 38 -7.03 0.22 20.87
N GLN G 39 -7.11 0.83 19.70
CA GLN G 39 -6.14 1.80 19.31
C GLN G 39 -6.75 3.13 18.89
N TYR G 40 -6.59 4.15 19.74
CA TYR G 40 -6.97 5.53 19.35
C TYR G 40 -5.98 6.10 18.32
N SER G 41 -6.39 7.16 17.62
CA SER G 41 -5.58 7.88 16.62
C SER G 41 -4.16 8.31 17.00
N GLY G 42 -3.20 7.69 16.31
CA GLY G 42 -1.77 7.85 16.58
C GLY G 42 -1.38 7.47 18.00
N LYS G 43 -2.00 6.43 18.55
CA LYS G 43 -1.57 5.92 19.83
C LYS G 43 -1.28 4.47 19.61
N SER G 44 -0.65 3.80 20.57
CA SER G 44 -0.37 2.38 20.41
C SER G 44 -1.62 1.53 20.75
N PRO G 45 -1.67 0.27 20.27
CA PRO G 45 -2.81 -0.54 20.71
C PRO G 45 -2.80 -0.81 22.21
N GLU G 46 -3.99 -0.93 22.80
CA GLU G 46 -4.17 -1.18 24.21
C GLU G 46 -4.92 -2.50 24.31
N LEU G 47 -4.42 -3.42 25.10
CA LEU G 47 -5.15 -4.65 25.34
C LEU G 47 -6.35 -4.32 26.22
N ILE G 48 -7.55 -4.60 25.73
CA ILE G 48 -8.80 -4.35 26.47
C ILE G 48 -9.62 -5.59 26.77
N MET G 49 -9.28 -6.73 26.19
CA MET G 49 -10.07 -7.93 26.42
C MET G 49 -9.37 -9.18 25.90
N SER G 50 -9.36 -10.22 26.75
CA SER G 50 -8.83 -11.58 26.41
C SER G 50 -9.88 -12.63 26.67
N ILE G 51 -9.95 -13.64 25.82
CA ILE G 51 -10.99 -14.65 25.90
C ILE G 51 -10.42 -16.03 25.54
N TYR G 52 -10.87 -17.08 26.21
CA TYR G 52 -10.25 -18.40 26.07
C TYR G 52 -11.18 -19.59 26.04
N SER G 53 -12.37 -19.46 26.60
CA SER G 53 -13.30 -20.57 26.58
C SER G 53 -14.50 -20.21 25.75
N ASN G 54 -15.16 -21.24 25.23
CA ASN G 54 -16.42 -21.04 24.52
C ASN G 54 -17.44 -20.34 25.42
N GLY G 55 -18.06 -19.29 24.85
CA GLY G 55 -19.06 -18.48 25.52
C GLY G 55 -18.76 -17.00 25.66
N ASP G 56 -19.35 -16.41 26.68
CA ASP G 56 -19.40 -14.96 26.90
C ASP G 56 -18.52 -14.55 28.05
N LYS G 57 -17.87 -13.41 27.91
CA LYS G 57 -17.07 -12.87 28.99
C LYS G 57 -17.34 -11.39 29.07
N GLU G 58 -17.59 -10.92 30.29
CA GLU G 58 -18.06 -9.54 30.53
C GLU G 58 -17.10 -8.82 31.44
N ASP G 59 -16.87 -7.56 31.12
CA ASP G 59 -15.93 -6.73 31.85
C ASP G 59 -16.42 -5.32 31.63
N GLY G 60 -17.20 -4.83 32.59
CA GLY G 60 -17.76 -3.48 32.51
C GLY G 60 -18.67 -3.40 31.32
N ARG G 61 -18.49 -2.41 30.47
CA ARG G 61 -19.34 -2.28 29.29
C ARG G 61 -18.92 -3.13 28.09
N PHE G 62 -17.90 -3.98 28.25
CA PHE G 62 -17.50 -4.90 27.20
C PHE G 62 -18.06 -6.32 27.37
N THR G 63 -18.53 -6.87 26.25
CA THR G 63 -18.94 -8.26 26.16
C THR G 63 -18.19 -8.90 24.98
N ALA G 64 -17.37 -9.88 25.29
CA ALA G 64 -16.76 -10.73 24.27
C ALA G 64 -17.45 -12.10 24.22
N GLN G 65 -17.56 -12.67 23.03
CA GLN G 65 -17.96 -14.05 22.90
C GLN G 65 -17.07 -14.81 21.93
N LEU G 66 -16.72 -16.03 22.33
CA LEU G 66 -15.93 -16.92 21.50
C LEU G 66 -16.74 -18.13 21.07
N ASN G 67 -16.70 -18.44 19.77
CA ASN G 67 -17.27 -19.66 19.23
C ASN G 67 -16.21 -20.35 18.40
N LYS G 68 -15.71 -21.50 18.89
CA LYS G 68 -14.62 -22.25 18.27
C LYS G 68 -15.05 -23.10 17.08
N ALA G 69 -16.17 -23.79 17.22
CA ALA G 69 -16.83 -24.52 16.13
C ALA G 69 -16.82 -23.72 14.85
N SER G 70 -17.45 -22.55 14.88
CA SER G 70 -17.22 -21.54 13.88
C SER G 70 -15.93 -20.91 14.33
N GLN G 71 -15.02 -20.52 13.44
CA GLN G 71 -13.87 -19.87 14.01
C GLN G 71 -14.15 -18.37 14.19
N TYR G 72 -15.00 -18.07 15.20
CA TYR G 72 -15.69 -16.76 15.30
C TYR G 72 -15.54 -16.05 16.64
N VAL G 73 -15.03 -14.80 16.60
CA VAL G 73 -14.78 -14.00 17.81
C VAL G 73 -15.53 -12.72 17.75
N SER G 74 -16.20 -12.38 18.85
CA SER G 74 -16.97 -11.13 18.90
C SER G 74 -16.64 -10.23 20.09
N LEU G 75 -16.83 -8.93 19.89
CA LEU G 75 -16.74 -7.92 20.95
C LEU G 75 -17.95 -7.01 20.80
N LEU G 76 -18.69 -6.87 21.90
CA LEU G 76 -19.74 -5.88 21.94
C LEU G 76 -19.32 -4.79 22.89
N ILE G 77 -19.68 -3.56 22.53
CA ILE G 77 -19.50 -2.39 23.38
C ILE G 77 -20.89 -1.85 23.64
N ARG G 78 -21.34 -1.94 24.91
CA ARG G 78 -22.76 -1.81 25.21
C ARG G 78 -23.39 -0.41 25.18
N ASP G 79 -22.98 0.52 26.05
CA ASP G 79 -23.38 1.91 25.81
C ASP G 79 -22.28 2.39 24.94
N ALA G 80 -22.62 2.88 23.76
CA ALA G 80 -21.58 3.43 22.92
C ALA G 80 -21.41 4.90 23.33
N GLN G 81 -20.34 5.20 24.04
CA GLN G 81 -20.08 6.57 24.53
C GLN G 81 -19.10 7.23 23.54
N PRO G 82 -18.85 8.55 23.69
CA PRO G 82 -17.96 9.25 22.70
C PRO G 82 -16.52 8.74 22.73
N SER G 83 -15.97 8.61 23.96
CA SER G 83 -14.63 8.06 24.24
C SER G 83 -14.33 6.73 23.55
N ASP G 84 -15.36 6.10 23.05
CA ASP G 84 -15.26 4.78 22.45
C ASP G 84 -14.90 4.74 21.00
N SER G 85 -14.60 5.86 20.38
CA SER G 85 -14.20 5.80 18.97
C SER G 85 -12.71 5.59 18.78
N ALA G 86 -12.36 4.58 18.01
CA ALA G 86 -11.01 4.08 17.88
C ALA G 86 -11.03 2.95 16.87
N THR G 87 -9.87 2.39 16.58
CA THR G 87 -9.81 1.16 15.84
C THR G 87 -9.68 -0.02 16.79
N TYR G 88 -10.55 -1.02 16.60
CA TYR G 88 -10.55 -2.26 17.38
C TYR G 88 -9.88 -3.38 16.60
N LEU G 89 -8.83 -3.93 17.17
CA LEU G 89 -8.07 -4.98 16.51
C LEU G 89 -8.33 -6.33 17.08
N CYS G 90 -8.50 -7.26 16.16
CA CYS G 90 -8.65 -8.65 16.47
C CYS G 90 -7.29 -9.32 16.53
N ALA G 91 -7.03 -10.13 17.54
CA ALA G 91 -5.76 -10.88 17.54
C ALA G 91 -5.84 -12.33 18.01
N VAL G 92 -5.14 -13.20 17.30
CA VAL G 92 -5.02 -14.62 17.68
C VAL G 92 -3.57 -15.07 17.96
N SER G 93 -3.38 -15.92 18.98
CA SER G 93 -2.09 -16.53 19.24
C SER G 93 -1.61 -17.31 18.04
N GLY G 94 -0.45 -16.93 17.51
CA GLY G 94 0.20 -17.61 16.37
C GLY G 94 0.96 -18.87 16.71
N GLY G 95 0.99 -19.25 17.99
CA GLY G 95 1.67 -20.47 18.47
C GLY G 95 3.18 -20.50 18.26
N GLY G 96 3.68 -19.67 17.33
CA GLY G 96 5.08 -19.67 16.91
C GLY G 96 5.88 -18.56 17.56
N ALA G 97 6.60 -18.90 18.63
CA ALA G 97 7.52 -18.00 19.37
C ALA G 97 6.82 -16.72 19.84
N ASP G 98 5.47 -16.89 20.02
CA ASP G 98 4.55 -15.89 20.56
C ASP G 98 4.13 -14.75 19.64
N GLY G 99 4.37 -14.91 18.32
CA GLY G 99 3.79 -14.00 17.33
C GLY G 99 2.27 -13.98 17.48
N LEU G 100 1.67 -12.88 17.12
CA LEU G 100 0.24 -12.86 17.02
C LEU G 100 -0.09 -12.62 15.57
N THR G 101 -1.18 -13.19 15.09
CA THR G 101 -1.75 -12.73 13.83
C THR G 101 -2.82 -11.69 14.16
N PHE G 102 -2.70 -10.52 13.57
CA PHE G 102 -3.62 -9.41 13.79
C PHE G 102 -4.63 -9.23 12.65
N GLY G 103 -5.81 -8.76 13.01
CA GLY G 103 -6.79 -8.30 12.02
C GLY G 103 -6.37 -6.95 11.45
N LYS G 104 -7.04 -6.53 10.39
CA LYS G 104 -6.66 -5.28 9.75
C LYS G 104 -7.20 -4.05 10.48
N GLY G 105 -8.11 -4.26 11.45
CA GLY G 105 -8.80 -3.18 12.15
C GLY G 105 -10.21 -2.84 11.67
N THR G 106 -11.11 -2.57 12.62
CA THR G 106 -12.40 -1.98 12.34
C THR G 106 -12.47 -0.67 13.09
N GLN G 107 -12.73 0.40 12.36
CA GLN G 107 -12.94 1.70 12.95
C GLN G 107 -14.40 1.83 13.49
N VAL G 108 -14.57 2.51 14.61
CA VAL G 108 -15.90 2.78 15.13
C VAL G 108 -16.00 4.28 15.39
N VAL G 109 -17.03 4.88 14.83
CA VAL G 109 -17.35 6.28 15.07
C VAL G 109 -18.62 6.31 15.88
N VAL G 110 -18.54 6.69 17.16
CA VAL G 110 -19.74 6.73 17.96
C VAL G 110 -20.20 8.17 17.84
N THR G 111 -21.38 8.34 17.24
CA THR G 111 -21.96 9.66 16.98
C THR G 111 -22.96 10.07 18.06
N PRO G 112 -23.02 11.37 18.36
CA PRO G 112 -23.80 11.83 19.52
C PRO G 112 -25.27 11.89 19.19
N ASN G 113 -26.14 11.89 20.19
CA ASN G 113 -27.54 12.20 19.93
C ASN G 113 -27.74 13.72 19.99
N ILE G 114 -27.78 14.34 18.82
CA ILE G 114 -28.05 15.77 18.70
C ILE G 114 -29.56 15.99 18.77
N GLN G 115 -30.07 16.36 19.95
CA GLN G 115 -31.52 16.41 20.15
C GLN G 115 -32.20 17.61 19.52
N ASN G 116 -31.59 18.79 19.69
CA ASN G 116 -32.07 20.02 19.09
C ASN G 116 -31.01 20.55 18.14
N PRO G 117 -31.00 20.04 16.87
CA PRO G 117 -30.08 20.57 15.87
C PRO G 117 -30.47 21.95 15.38
N ASP G 118 -29.51 22.67 14.82
CA ASP G 118 -29.78 23.90 14.12
C ASP G 118 -28.59 24.12 13.19
N PRO G 119 -28.67 23.58 11.96
CA PRO G 119 -27.51 23.65 11.07
C PRO G 119 -27.13 25.10 10.78
N ALA G 120 -25.82 25.36 10.66
CA ALA G 120 -25.35 26.69 10.25
C ALA G 120 -23.96 26.72 9.63
N VAL G 121 -23.76 27.60 8.65
CA VAL G 121 -22.41 28.00 8.25
C VAL G 121 -22.13 29.46 8.64
N TYR G 122 -20.99 29.71 9.29
CA TYR G 122 -20.61 31.02 9.80
C TYR G 122 -19.27 31.47 9.25
N GLN G 123 -19.13 32.76 8.98
CA GLN G 123 -17.83 33.33 8.68
C GLN G 123 -17.11 33.73 9.97
N LEU G 124 -15.83 33.35 10.07
CA LEU G 124 -14.98 33.63 11.23
C LEU G 124 -13.66 34.25 10.80
N ARG G 125 -13.31 35.40 11.38
CA ARG G 125 -12.19 36.18 10.88
C ARG G 125 -10.95 36.06 11.76
N ASP G 126 -9.77 36.14 11.13
CA ASP G 126 -8.50 36.11 11.84
C ASP G 126 -8.45 37.20 12.90
N SER G 127 -8.20 36.80 14.15
CA SER G 127 -8.03 37.74 15.27
C SER G 127 -6.86 38.71 15.04
N LYS G 128 -5.82 38.20 14.40
CA LYS G 128 -4.78 39.07 13.88
C LYS G 128 -5.35 39.87 12.73
N SER G 129 -4.78 41.05 12.58
CA SER G 129 -5.09 42.01 11.54
C SER G 129 -5.33 41.39 10.15
N ALA G 130 -4.55 40.36 9.79
CA ALA G 130 -4.73 39.68 8.52
C ALA G 130 -6.21 39.58 8.25
N ASP G 131 -6.64 40.02 7.06
CA ASP G 131 -8.07 40.01 6.72
C ASP G 131 -8.60 38.58 6.49
N LYS G 132 -7.79 37.58 6.84
CA LYS G 132 -8.13 36.19 6.57
C LYS G 132 -9.39 35.62 7.23
N SER G 133 -9.98 34.60 6.60
CA SER G 133 -11.29 34.09 6.96
C SER G 133 -11.43 32.58 6.83
N VAL G 134 -12.23 31.99 7.72
CA VAL G 134 -12.45 30.55 7.79
C VAL G 134 -13.95 30.30 7.85
N CYS G 135 -14.46 29.21 7.26
CA CYS G 135 -15.91 28.93 7.31
C CYS G 135 -16.32 27.67 8.04
N LEU G 136 -17.19 27.89 9.03
CA LEU G 136 -17.58 26.88 9.98
C LEU G 136 -19.02 26.43 9.76
N PHE G 137 -19.17 25.15 9.44
CA PHE G 137 -20.47 24.47 9.40
C PHE G 137 -20.60 23.81 10.74
N THR G 138 -21.67 24.11 11.47
CA THR G 138 -21.83 23.48 12.77
C THR G 138 -23.27 23.27 13.12
N ASP G 139 -23.49 22.46 14.16
CA ASP G 139 -24.78 22.26 14.82
C ASP G 139 -25.78 21.40 14.08
N PHE G 140 -25.33 20.72 13.03
CA PHE G 140 -26.14 19.75 12.29
C PHE G 140 -26.29 18.42 13.06
N ASP G 141 -27.27 17.61 12.66
CA ASP G 141 -27.48 16.28 13.26
C ASP G 141 -26.52 15.26 12.69
N SER G 142 -26.23 14.22 13.47
CA SER G 142 -25.15 13.28 13.14
C SER G 142 -25.35 12.48 11.83
N GLN G 143 -26.57 12.51 11.27
CA GLN G 143 -26.85 11.82 10.01
C GLN G 143 -26.31 12.55 8.77
N THR G 144 -26.23 13.88 8.83
CA THR G 144 -25.64 14.65 7.73
C THR G 144 -24.19 14.20 7.57
N ASN G 145 -23.71 14.27 6.34
CA ASN G 145 -22.29 13.99 6.06
C ASN G 145 -21.63 15.09 5.22
N VAL G 146 -20.37 15.34 5.52
CA VAL G 146 -19.63 16.39 4.85
C VAL G 146 -18.58 15.74 4.00
N SER G 147 -18.65 15.94 2.68
CA SER G 147 -17.72 15.27 1.78
C SER G 147 -16.48 16.10 1.44
N GLN G 148 -15.34 15.42 1.27
CA GLN G 148 -14.08 16.06 0.91
C GLN G 148 -14.26 16.98 -0.30
N SER G 149 -13.50 18.07 -0.33
CA SER G 149 -13.64 19.11 -1.35
C SER G 149 -13.41 18.63 -2.77
N LYS G 150 -14.36 18.96 -3.65
CA LYS G 150 -14.27 18.59 -5.07
C LYS G 150 -13.27 19.47 -5.81
N ASP G 151 -12.99 20.65 -5.25
CA ASP G 151 -11.96 21.55 -5.79
C ASP G 151 -10.61 21.30 -5.10
N SER G 152 -9.53 21.73 -5.76
CA SER G 152 -8.15 21.39 -5.37
C SER G 152 -7.54 22.34 -4.36
N ASP G 153 -7.90 23.62 -4.46
CA ASP G 153 -7.36 24.65 -3.58
C ASP G 153 -8.35 25.05 -2.48
N VAL G 154 -9.29 24.15 -2.18
CA VAL G 154 -10.29 24.38 -1.12
C VAL G 154 -10.25 23.24 -0.09
N TYR G 155 -10.04 23.60 1.17
CA TYR G 155 -9.83 22.60 2.22
C TYR G 155 -11.05 22.50 3.09
N ILE G 156 -11.48 21.26 3.29
CA ILE G 156 -12.59 20.96 4.18
C ILE G 156 -12.17 19.81 5.08
N THR G 157 -12.55 19.90 6.35
CA THR G 157 -12.16 18.93 7.35
C THR G 157 -13.23 17.87 7.55
N ASP G 158 -12.88 16.83 8.29
CA ASP G 158 -13.84 15.84 8.75
C ASP G 158 -14.73 16.43 9.84
N LYS G 159 -15.93 15.89 9.99
CA LYS G 159 -16.79 16.26 11.11
C LYS G 159 -16.18 15.79 12.42
N CYS G 160 -16.32 16.64 13.44
CA CYS G 160 -15.64 16.49 14.69
C CYS G 160 -16.63 16.73 15.81
N VAL G 161 -16.70 15.82 16.76
CA VAL G 161 -17.60 15.94 17.89
C VAL G 161 -16.93 16.71 19.06
N LEU G 162 -17.54 17.81 19.51
CA LEU G 162 -17.06 18.49 20.73
C LEU G 162 -18.11 18.39 21.83
N ASP G 163 -17.65 18.19 23.06
CA ASP G 163 -18.53 18.06 24.20
C ASP G 163 -18.32 19.22 25.15
N MET G 164 -19.34 20.04 25.32
CA MET G 164 -19.29 21.12 26.30
C MET G 164 -19.86 20.62 27.64
N ARG G 165 -18.98 20.23 28.56
CA ARG G 165 -19.36 19.59 29.83
C ARG G 165 -19.90 20.50 30.96
N SER G 166 -19.45 21.76 31.04
CA SER G 166 -20.09 22.72 31.95
C SER G 166 -21.58 22.81 31.64
N MET G 167 -21.93 22.71 30.35
CA MET G 167 -23.31 22.56 29.89
C MET G 167 -23.66 21.05 29.87
N ASP G 168 -24.66 20.63 29.10
CA ASP G 168 -24.82 19.21 28.76
C ASP G 168 -24.88 19.10 27.23
N PHE G 169 -24.01 19.85 26.57
CA PHE G 169 -24.11 20.06 25.13
C PHE G 169 -23.00 19.33 24.35
N LYS G 170 -23.38 18.82 23.18
CA LYS G 170 -22.44 18.30 22.17
C LYS G 170 -22.88 18.73 20.77
N SER G 171 -21.92 18.91 19.87
CA SER G 171 -22.24 19.33 18.50
C SER G 171 -21.15 18.95 17.52
N ASN G 172 -21.56 18.69 16.27
CA ASN G 172 -20.64 18.36 15.20
C ASN G 172 -20.33 19.65 14.51
N SER G 173 -19.17 19.70 13.87
CA SER G 173 -18.78 20.83 13.08
C SER G 173 -17.79 20.38 12.07
N ALA G 174 -17.58 21.20 11.05
CA ALA G 174 -16.47 21.04 10.12
C ALA G 174 -16.06 22.42 9.67
N VAL G 175 -14.78 22.57 9.31
CA VAL G 175 -14.20 23.85 8.98
C VAL G 175 -13.82 23.76 7.54
N ALA G 176 -13.93 24.88 6.85
CA ALA G 176 -13.57 24.93 5.44
C ALA G 176 -12.91 26.26 5.19
N TRP G 177 -11.90 26.26 4.29
CA TRP G 177 -11.18 27.47 3.91
C TRP G 177 -10.48 27.31 2.55
N SER G 178 -10.28 28.43 1.85
CA SER G 178 -9.58 28.48 0.55
C SER G 178 -8.74 29.73 0.41
N ASN G 179 -7.70 29.67 -0.42
CA ASN G 179 -6.80 30.82 -0.51
C ASN G 179 -7.12 31.73 -1.68
N LYS G 180 -8.14 31.35 -2.45
CA LYS G 180 -8.60 32.14 -3.58
C LYS G 180 -9.63 33.13 -3.07
N SER G 181 -9.50 34.40 -3.47
CA SER G 181 -10.44 35.44 -3.00
C SER G 181 -11.79 35.43 -3.75
N ASP G 182 -12.00 34.39 -4.57
CA ASP G 182 -13.29 34.10 -5.20
C ASP G 182 -13.98 32.84 -4.58
N PHE G 183 -13.81 32.68 -3.25
CA PHE G 183 -14.48 31.62 -2.48
C PHE G 183 -15.20 32.24 -1.29
N ALA G 184 -16.45 31.81 -1.08
CA ALA G 184 -17.29 32.35 -0.01
C ALA G 184 -17.97 31.21 0.71
N CYS G 185 -18.74 31.51 1.76
CA CYS G 185 -19.35 30.43 2.56
C CYS G 185 -20.78 30.12 2.17
N ALA G 186 -21.29 30.84 1.18
CA ALA G 186 -22.53 30.45 0.55
C ALA G 186 -22.28 29.12 -0.11
N ASN G 187 -21.26 29.08 -0.98
CA ASN G 187 -21.01 27.89 -1.80
C ASN G 187 -19.84 27.04 -1.31
N ALA G 188 -19.54 27.13 -0.02
CA ALA G 188 -18.43 26.39 0.54
C ALA G 188 -18.87 24.96 0.79
N PHE G 189 -20.15 24.80 1.09
CA PHE G 189 -20.60 23.51 1.55
C PHE G 189 -21.63 22.75 0.69
N ASN G 190 -21.97 23.28 -0.49
CA ASN G 190 -22.61 22.46 -1.50
C ASN G 190 -21.64 21.30 -1.79
N ASN G 191 -22.10 20.27 -2.51
CA ASN G 191 -21.33 19.03 -2.67
C ASN G 191 -21.35 18.28 -1.33
N SER G 192 -22.38 18.57 -0.54
CA SER G 192 -22.64 17.88 0.70
C SER G 192 -24.15 17.78 0.91
N ILE G 193 -24.57 16.72 1.60
CA ILE G 193 -25.87 16.66 2.24
C ILE G 193 -25.91 17.92 3.09
N ILE G 194 -26.81 18.85 2.78
CA ILE G 194 -26.99 20.01 3.65
C ILE G 194 -28.46 20.36 3.72
N PRO G 195 -29.03 20.33 4.94
CA PRO G 195 -30.41 20.74 5.11
C PRO G 195 -30.70 22.08 4.40
N GLU G 196 -31.92 22.24 3.89
CA GLU G 196 -32.33 23.47 3.22
C GLU G 196 -32.47 24.63 4.22
N ASP G 197 -32.88 24.29 5.45
CA ASP G 197 -33.07 25.26 6.54
C ASP G 197 -31.77 25.78 7.20
N THR G 198 -30.62 25.21 6.82
CA THR G 198 -29.30 25.59 7.36
C THR G 198 -29.06 27.11 7.30
N PHE G 199 -28.59 27.68 8.41
CA PHE G 199 -28.49 29.13 8.56
C PHE G 199 -27.30 29.77 7.88
N PHE G 200 -27.61 30.69 6.97
CA PHE G 200 -26.63 31.56 6.35
C PHE G 200 -26.94 33.02 6.69
N PRO G 201 -26.15 33.61 7.60
CA PRO G 201 -26.34 35.00 8.00
C PRO G 201 -26.14 35.99 6.85
N SER G 202 -26.77 37.14 6.99
CA SER G 202 -26.87 38.12 5.93
C SER G 202 -26.39 39.46 6.50
N PRO G 203 -26.54 40.60 5.74
CA PRO G 203 -26.10 41.95 6.14
C PRO G 203 -25.82 42.20 7.64
N LYS H 3 -11.90 22.65 -13.75
CA LYS H 3 -11.57 22.51 -15.20
C LYS H 3 -11.78 21.06 -15.67
N GLU H 4 -12.61 20.90 -16.70
CA GLU H 4 -13.15 19.60 -17.12
C GLU H 4 -13.39 19.50 -18.63
N VAL H 5 -13.47 18.27 -19.13
CA VAL H 5 -13.71 17.96 -20.55
C VAL H 5 -15.12 17.41 -20.75
N GLU H 6 -15.82 17.90 -21.77
CA GLU H 6 -17.21 17.56 -21.97
C GLU H 6 -17.41 17.12 -23.40
N GLN H 7 -18.19 16.05 -23.62
CA GLN H 7 -18.52 15.56 -24.97
C GLN H 7 -20.02 15.48 -25.20
N ASN H 8 -20.44 15.45 -26.46
CA ASN H 8 -21.84 15.25 -26.79
C ASN H 8 -22.35 13.91 -26.30
N SER H 9 -23.67 13.75 -26.28
CA SER H 9 -24.34 12.63 -25.63
C SER H 9 -24.58 11.43 -26.55
N GLY H 10 -24.27 10.24 -26.06
CA GLY H 10 -24.55 9.01 -26.80
C GLY H 10 -25.71 8.20 -26.25
N PRO H 11 -26.15 7.21 -27.00
CA PRO H 11 -25.45 6.78 -28.19
C PRO H 11 -25.85 7.54 -29.43
N LEU H 12 -24.91 7.69 -30.37
CA LEU H 12 -25.19 8.28 -31.68
C LEU H 12 -25.48 7.18 -32.63
N SER H 13 -26.69 7.19 -33.19
CA SER H 13 -27.00 6.24 -34.25
C SER H 13 -26.58 6.84 -35.57
N VAL H 14 -25.71 6.13 -36.29
CA VAL H 14 -25.21 6.61 -37.58
C VAL H 14 -25.42 5.56 -38.65
N PRO H 15 -26.22 5.88 -39.70
CA PRO H 15 -26.44 4.99 -40.85
C PRO H 15 -25.14 4.63 -41.53
N GLU H 16 -25.06 3.47 -42.15
CA GLU H 16 -23.85 3.06 -42.83
C GLU H 16 -23.67 3.96 -44.08
N GLY H 17 -22.53 4.64 -44.14
CA GLY H 17 -22.20 5.56 -45.23
C GLY H 17 -22.35 7.00 -44.80
N ALA H 18 -23.06 7.20 -43.70
CA ALA H 18 -23.29 8.52 -43.13
C ALA H 18 -22.09 9.01 -42.31
N ILE H 19 -22.17 10.22 -41.76
CA ILE H 19 -21.07 10.81 -41.00
C ILE H 19 -21.43 10.85 -39.52
N ALA H 20 -20.54 10.31 -38.68
CA ALA H 20 -20.68 10.46 -37.24
C ALA H 20 -19.94 11.72 -36.77
N SER H 21 -20.60 12.55 -35.97
CA SER H 21 -19.97 13.78 -35.42
C SER H 21 -19.82 13.76 -33.91
N LEU H 22 -18.56 13.67 -33.50
CA LEU H 22 -18.22 13.68 -32.10
C LEU H 22 -17.71 15.07 -31.77
N ASN H 23 -18.20 15.63 -30.68
CA ASN H 23 -17.74 16.96 -30.23
C ASN H 23 -17.14 16.91 -28.85
N CYS H 24 -16.37 17.96 -28.55
CA CYS H 24 -15.60 18.05 -27.34
C CYS H 24 -15.43 19.50 -26.95
N THR H 25 -15.81 19.84 -25.73
CA THR H 25 -15.51 21.15 -25.17
C THR H 25 -14.69 21.03 -23.91
N TYR H 26 -13.78 21.98 -23.73
CA TYR H 26 -12.86 21.95 -22.61
C TYR H 26 -12.81 23.31 -21.91
N SER H 27 -12.41 23.29 -20.65
CA SER H 27 -12.51 24.50 -19.83
C SER H 27 -11.18 25.20 -19.51
N ASP H 28 -10.05 24.73 -20.04
CA ASP H 28 -8.80 25.46 -19.85
C ASP H 28 -8.38 26.08 -21.18
N ARG H 29 -8.47 27.41 -21.24
CA ARG H 29 -8.21 28.16 -22.48
C ARG H 29 -6.79 27.95 -22.99
N GLY H 30 -5.85 27.74 -22.08
CA GLY H 30 -4.43 27.60 -22.44
C GLY H 30 -3.97 26.16 -22.68
N SER H 31 -4.83 25.36 -23.31
CA SER H 31 -4.51 23.99 -23.62
C SER H 31 -3.92 23.99 -24.99
N GLN H 32 -3.16 22.95 -25.33
CA GLN H 32 -2.39 22.93 -26.57
C GLN H 32 -2.42 21.60 -27.30
N SER H 33 -2.67 20.52 -26.57
CA SER H 33 -2.67 19.16 -27.13
C SER H 33 -4.04 18.56 -27.01
N PHE H 34 -4.51 17.95 -28.09
CA PHE H 34 -5.88 17.38 -28.19
C PHE H 34 -5.86 16.02 -28.84
N PHE H 35 -6.64 15.09 -28.29
CA PHE H 35 -6.59 13.67 -28.73
C PHE H 35 -7.95 13.03 -28.85
N TRP H 36 -8.12 12.17 -29.86
CA TRP H 36 -9.27 11.25 -29.92
C TRP H 36 -8.86 9.78 -29.78
N TYR H 37 -9.45 9.11 -28.80
CA TYR H 37 -9.20 7.68 -28.60
C TYR H 37 -10.43 6.87 -28.90
N ARG H 38 -10.27 5.79 -29.66
CA ARG H 38 -11.38 4.87 -29.91
C ARG H 38 -11.18 3.61 -29.08
N GLN H 39 -12.26 3.20 -28.39
CA GLN H 39 -12.23 2.02 -27.56
C GLN H 39 -13.40 1.08 -27.81
N TYR H 40 -13.07 -0.12 -28.28
CA TYR H 40 -14.10 -1.14 -28.51
C TYR H 40 -14.51 -1.68 -27.18
N SER H 41 -15.73 -2.23 -27.14
CA SER H 41 -16.26 -2.89 -25.96
C SER H 41 -15.31 -3.97 -25.38
N GLY H 42 -14.97 -3.80 -24.09
CA GLY H 42 -14.05 -4.70 -23.42
C GLY H 42 -12.57 -4.64 -23.78
N LYS H 43 -12.19 -3.79 -24.73
CA LYS H 43 -10.78 -3.65 -25.11
C LYS H 43 -10.27 -2.35 -24.52
N SER H 44 -9.00 -2.03 -24.74
CA SER H 44 -8.41 -0.77 -24.27
C SER H 44 -8.65 0.40 -25.27
N PRO H 45 -8.30 1.65 -24.90
CA PRO H 45 -8.45 2.73 -25.88
C PRO H 45 -7.29 2.79 -26.87
N GLU H 46 -7.60 3.16 -28.11
CA GLU H 46 -6.57 3.35 -29.12
C GLU H 46 -6.50 4.83 -29.51
N LEU H 47 -5.31 5.30 -29.75
CA LEU H 47 -5.12 6.66 -30.17
C LEU H 47 -5.41 6.68 -31.66
N ILE H 48 -6.44 7.43 -32.06
CA ILE H 48 -6.72 7.56 -33.48
C ILE H 48 -6.39 8.92 -34.06
N MET H 49 -6.34 9.94 -33.22
CA MET H 49 -6.16 11.30 -33.71
C MET H 49 -5.50 12.28 -32.72
N SER H 50 -4.49 13.02 -33.18
CA SER H 50 -3.90 14.19 -32.44
C SER H 50 -3.97 15.46 -33.27
N ILE H 51 -4.42 16.53 -32.65
CA ILE H 51 -4.53 17.77 -33.34
C ILE H 51 -4.00 18.90 -32.47
N TYR H 52 -3.32 19.84 -33.13
CA TYR H 52 -2.62 20.88 -32.40
C TYR H 52 -2.75 22.32 -32.93
N SER H 53 -3.34 22.48 -34.12
CA SER H 53 -3.51 23.78 -34.73
C SER H 53 -5.00 24.06 -34.85
N ASN H 54 -5.39 25.33 -34.83
CA ASN H 54 -6.69 25.70 -35.36
C ASN H 54 -6.72 25.25 -36.82
N GLY H 55 -7.86 24.71 -37.22
CA GLY H 55 -8.00 24.21 -38.56
C GLY H 55 -8.36 22.75 -38.57
N ASP H 56 -8.19 22.15 -39.75
CA ASP H 56 -8.62 20.78 -40.04
C ASP H 56 -7.38 19.92 -40.17
N LYS H 57 -7.53 18.62 -39.96
CA LYS H 57 -6.44 17.71 -40.17
C LYS H 57 -7.02 16.35 -40.49
N GLU H 58 -6.65 15.87 -41.68
CA GLU H 58 -7.25 14.68 -42.31
C GLU H 58 -6.35 13.48 -42.24
N ASP H 59 -6.98 12.33 -42.02
CA ASP H 59 -6.29 11.06 -41.91
C ASP H 59 -7.29 9.93 -42.20
N GLY H 60 -7.38 9.57 -43.48
CA GLY H 60 -8.31 8.53 -43.92
C GLY H 60 -9.74 9.05 -43.93
N ARG H 61 -10.65 8.29 -43.34
CA ARG H 61 -12.03 8.75 -43.20
C ARG H 61 -12.19 9.67 -41.96
N PHE H 62 -11.19 9.70 -41.10
CA PHE H 62 -11.19 10.62 -39.97
C PHE H 62 -10.81 12.05 -40.37
N THR H 63 -11.64 13.01 -39.94
CA THR H 63 -11.29 14.43 -39.99
C THR H 63 -11.50 15.03 -38.61
N ALA H 64 -10.44 15.62 -38.06
CA ALA H 64 -10.54 16.36 -36.80
C ALA H 64 -10.51 17.86 -37.08
N GLN H 65 -11.15 18.66 -36.24
CA GLN H 65 -11.01 20.09 -36.32
C GLN H 65 -10.83 20.71 -34.93
N LEU H 66 -10.02 21.75 -34.86
CA LEU H 66 -9.82 22.46 -33.60
C LEU H 66 -10.16 23.93 -33.70
N ASN H 67 -10.95 24.40 -32.73
CA ASN H 67 -11.29 25.81 -32.54
C ASN H 67 -10.94 26.24 -31.10
N LYS H 68 -9.73 26.75 -30.97
CA LYS H 68 -9.21 27.15 -29.69
C LYS H 68 -9.89 28.39 -29.13
N ALA H 69 -10.26 29.34 -30.00
CA ALA H 69 -11.09 30.50 -29.60
C ALA H 69 -12.40 30.09 -28.89
N SER H 70 -13.01 29.01 -29.38
CA SER H 70 -14.25 28.50 -28.84
C SER H 70 -14.07 27.39 -27.81
N GLN H 71 -12.83 26.89 -27.69
CA GLN H 71 -12.52 25.74 -26.84
C GLN H 71 -13.35 24.52 -27.23
N TYR H 72 -13.24 24.17 -28.50
CA TYR H 72 -14.09 23.17 -29.11
C TYR H 72 -13.29 22.32 -30.08
N VAL H 73 -13.26 21.01 -29.88
CA VAL H 73 -12.61 20.10 -30.83
C VAL H 73 -13.64 19.14 -31.37
N SER H 74 -13.55 18.82 -32.65
CA SER H 74 -14.45 17.82 -33.24
C SER H 74 -13.74 16.65 -33.89
N LEU H 75 -14.50 15.60 -34.16
CA LEU H 75 -14.06 14.50 -35.03
C LEU H 75 -15.19 14.05 -35.92
N LEU H 76 -14.90 13.95 -37.21
CA LEU H 76 -15.81 13.33 -38.16
C LEU H 76 -15.27 11.96 -38.60
N ILE H 77 -16.16 11.10 -39.09
CA ILE H 77 -15.81 9.82 -39.67
C ILE H 77 -16.72 9.71 -40.90
N ARG H 78 -16.14 9.43 -42.07
CA ARG H 78 -16.86 9.67 -43.33
C ARG H 78 -17.72 8.56 -44.02
N ASP H 79 -17.23 7.32 -44.11
CA ASP H 79 -18.14 6.22 -44.49
C ASP H 79 -18.35 5.40 -43.25
N ALA H 80 -19.31 5.81 -42.44
CA ALA H 80 -19.55 5.11 -41.18
C ALA H 80 -19.73 3.62 -41.48
N GLN H 81 -18.78 2.83 -41.03
CA GLN H 81 -18.77 1.41 -41.34
C GLN H 81 -19.00 0.56 -40.08
N PRO H 82 -19.26 -0.75 -40.25
CA PRO H 82 -19.48 -1.61 -39.08
C PRO H 82 -18.41 -1.41 -38.04
N SER H 83 -17.16 -1.60 -38.45
CA SER H 83 -16.03 -1.58 -37.54
C SER H 83 -15.77 -0.22 -36.85
N ASP H 84 -16.48 0.83 -37.27
CA ASP H 84 -16.44 2.16 -36.63
C ASP H 84 -17.30 2.25 -35.35
N SER H 85 -17.94 1.16 -34.95
CA SER H 85 -18.77 1.15 -33.74
C SER H 85 -17.92 0.93 -32.51
N ALA H 86 -17.98 1.87 -31.60
CA ALA H 86 -17.06 1.95 -30.51
C ALA H 86 -17.43 3.08 -29.59
N THR H 87 -16.58 3.41 -28.66
CA THR H 87 -16.77 4.58 -27.86
C THR H 87 -15.55 5.44 -28.14
N TYR H 88 -15.81 6.70 -28.46
CA TYR H 88 -14.77 7.66 -28.80
C TYR H 88 -14.56 8.56 -27.61
N LEU H 89 -13.32 8.62 -27.15
CA LEU H 89 -12.95 9.45 -26.01
C LEU H 89 -12.16 10.66 -26.47
N CYS H 90 -12.46 11.80 -25.86
CA CYS H 90 -11.74 13.03 -26.15
C CYS H 90 -10.83 13.34 -24.99
N ALA H 91 -9.52 13.30 -25.20
CA ALA H 91 -8.54 13.67 -24.18
C ALA H 91 -7.95 15.08 -24.41
N VAL H 92 -7.59 15.77 -23.33
CA VAL H 92 -6.93 17.07 -23.45
C VAL H 92 -5.84 17.16 -22.36
N SER H 93 -4.70 17.77 -22.69
CA SER H 93 -3.61 17.95 -21.73
C SER H 93 -3.99 18.90 -20.62
N GLY H 94 -4.06 18.35 -19.41
CA GLY H 94 -4.18 19.10 -18.15
C GLY H 94 -2.88 18.90 -17.38
N GLY H 95 -2.21 20.00 -17.06
CA GLY H 95 -0.81 19.95 -16.64
C GLY H 95 0.03 20.20 -17.91
N GLY H 96 0.94 21.19 -17.82
CA GLY H 96 1.96 21.43 -18.87
C GLY H 96 2.96 20.28 -18.90
N ALA H 97 3.22 19.72 -17.69
CA ALA H 97 3.77 18.33 -17.54
C ALA H 97 2.69 17.27 -17.93
N ASP H 98 3.11 16.03 -18.21
CA ASP H 98 2.14 15.00 -18.69
C ASP H 98 1.01 14.49 -17.75
N GLY H 99 -0.19 14.40 -18.31
CA GLY H 99 -1.39 14.00 -17.54
C GLY H 99 -2.32 14.27 -18.69
N LEU H 100 -3.54 13.75 -18.59
CA LEU H 100 -4.50 13.93 -19.70
C LEU H 100 -5.81 14.02 -18.95
N THR H 101 -6.73 14.81 -19.44
CA THR H 101 -8.05 14.90 -18.86
C THR H 101 -8.98 14.28 -19.89
N PHE H 102 -9.75 13.29 -19.47
CA PHE H 102 -10.55 12.51 -20.41
C PHE H 102 -12.01 12.85 -20.33
N GLY H 103 -12.66 12.96 -21.49
CA GLY H 103 -14.13 13.07 -21.56
C GLY H 103 -14.80 11.75 -21.24
N LYS H 104 -16.11 11.83 -20.96
CA LYS H 104 -16.88 10.64 -20.54
C LYS H 104 -17.17 9.65 -21.68
N GLY H 105 -16.92 10.05 -22.92
CA GLY H 105 -17.02 9.16 -24.06
C GLY H 105 -18.33 9.34 -24.82
N THR H 106 -18.28 9.19 -26.13
CA THR H 106 -19.51 9.12 -26.92
C THR H 106 -19.53 7.77 -27.60
N GLN H 107 -20.68 7.09 -27.52
CA GLN H 107 -20.88 5.79 -28.15
C GLN H 107 -21.42 5.93 -29.55
N VAL H 108 -20.85 5.19 -30.49
CA VAL H 108 -21.31 5.26 -31.87
C VAL H 108 -21.72 3.88 -32.31
N VAL H 109 -23.00 3.75 -32.60
CA VAL H 109 -23.54 2.53 -33.17
C VAL H 109 -23.77 2.79 -34.64
N VAL H 110 -23.02 2.12 -35.50
CA VAL H 110 -23.22 2.26 -36.94
C VAL H 110 -24.24 1.23 -37.37
N THR H 111 -25.39 1.69 -37.86
CA THR H 111 -26.50 0.82 -38.18
C THR H 111 -26.50 0.43 -39.64
N PRO H 112 -26.84 -0.84 -39.93
CA PRO H 112 -26.81 -1.31 -41.32
C PRO H 112 -28.04 -0.87 -42.11
N ASN H 113 -27.88 -0.73 -43.43
CA ASN H 113 -29.01 -0.41 -44.29
C ASN H 113 -29.66 -1.69 -44.76
N ILE H 114 -30.69 -2.12 -44.03
CA ILE H 114 -31.48 -3.30 -44.37
C ILE H 114 -32.47 -2.94 -45.50
N GLN H 115 -32.05 -3.08 -46.76
CA GLN H 115 -32.91 -2.66 -47.88
C GLN H 115 -34.16 -3.54 -47.97
N ASN H 116 -33.98 -4.85 -47.78
CA ASN H 116 -35.10 -5.77 -47.80
C ASN H 116 -35.31 -6.43 -46.43
N PRO H 117 -36.13 -5.80 -45.56
CA PRO H 117 -36.45 -6.34 -44.23
C PRO H 117 -37.60 -7.33 -44.22
N ASP H 118 -37.47 -8.41 -43.47
CA ASP H 118 -38.55 -9.37 -43.31
C ASP H 118 -38.55 -9.81 -41.84
N PRO H 119 -39.24 -9.02 -41.00
CA PRO H 119 -39.17 -9.42 -39.60
C PRO H 119 -39.79 -10.78 -39.36
N ALA H 120 -39.22 -11.55 -38.45
CA ALA H 120 -39.81 -12.82 -37.97
C ALA H 120 -39.35 -13.14 -36.55
N VAL H 121 -40.05 -14.04 -35.87
CA VAL H 121 -39.60 -14.52 -34.54
C VAL H 121 -39.65 -16.05 -34.48
N TYR H 122 -38.51 -16.71 -34.69
CA TYR H 122 -38.51 -18.19 -34.77
C TYR H 122 -38.31 -18.88 -33.42
N GLN H 123 -38.26 -20.21 -33.47
CA GLN H 123 -37.97 -21.01 -32.30
C GLN H 123 -37.01 -22.14 -32.69
N LEU H 124 -35.95 -22.27 -31.90
CA LEU H 124 -34.88 -23.19 -32.18
C LEU H 124 -34.72 -24.15 -31.01
N ARG H 125 -34.67 -25.46 -31.30
CA ARG H 125 -34.51 -26.47 -30.27
C ARG H 125 -33.04 -26.83 -30.07
N ASP H 126 -32.65 -27.09 -28.83
CA ASP H 126 -31.30 -27.54 -28.44
C ASP H 126 -30.87 -28.82 -29.18
N SER H 127 -29.63 -28.83 -29.66
CA SER H 127 -29.10 -29.96 -30.48
C SER H 127 -28.93 -31.25 -29.68
N LYS H 128 -28.36 -31.13 -28.48
CA LYS H 128 -28.31 -32.21 -27.49
C LYS H 128 -29.74 -32.47 -26.95
N SER H 129 -29.94 -33.64 -26.32
CA SER H 129 -31.26 -34.16 -25.89
C SER H 129 -32.25 -33.16 -25.30
N ALA H 130 -31.76 -32.21 -24.50
CA ALA H 130 -32.63 -31.28 -23.79
C ALA H 130 -33.74 -30.82 -24.71
N ASP H 131 -34.98 -30.92 -24.24
CA ASP H 131 -36.12 -30.36 -24.95
C ASP H 131 -36.25 -28.85 -24.66
N LYS H 132 -35.19 -28.28 -24.06
CA LYS H 132 -35.03 -26.84 -23.82
C LYS H 132 -34.91 -26.05 -25.14
N SER H 133 -35.32 -24.78 -25.13
CA SER H 133 -35.44 -24.02 -26.38
C SER H 133 -35.19 -22.51 -26.28
N VAL H 134 -34.68 -21.95 -27.37
CA VAL H 134 -34.36 -20.52 -27.47
C VAL H 134 -35.35 -19.81 -28.39
N CYS H 135 -35.42 -18.49 -28.28
CA CYS H 135 -36.35 -17.72 -29.09
C CYS H 135 -35.68 -16.52 -29.81
N LEU H 136 -35.65 -16.62 -31.13
CA LEU H 136 -34.87 -15.73 -31.97
C LEU H 136 -35.75 -14.76 -32.73
N PHE H 137 -35.48 -13.48 -32.52
CA PHE H 137 -36.10 -12.40 -33.24
C PHE H 137 -35.07 -11.92 -34.23
N THR H 138 -35.42 -11.89 -35.51
CA THR H 138 -34.45 -11.51 -36.52
C THR H 138 -35.05 -10.92 -37.80
N ASP H 139 -34.18 -10.31 -38.61
CA ASP H 139 -34.49 -9.76 -39.93
C ASP H 139 -35.34 -8.47 -40.00
N PHE H 140 -35.47 -7.80 -38.86
CA PHE H 140 -36.07 -6.48 -38.80
C PHE H 140 -35.06 -5.42 -39.29
N ASP H 141 -35.55 -4.23 -39.66
CA ASP H 141 -34.69 -3.10 -40.08
C ASP H 141 -34.12 -2.35 -38.88
N SER H 142 -33.09 -1.53 -39.12
CA SER H 142 -32.29 -0.97 -38.03
C SER H 142 -33.05 -0.01 -37.13
N GLN H 143 -34.08 0.60 -37.71
CA GLN H 143 -34.93 1.56 -37.00
C GLN H 143 -35.83 0.92 -35.93
N THR H 144 -36.11 -0.37 -36.04
CA THR H 144 -36.80 -1.06 -34.95
C THR H 144 -35.84 -1.14 -33.77
N ASN H 145 -36.41 -1.22 -32.56
CA ASN H 145 -35.63 -1.35 -31.33
C ASN H 145 -36.12 -2.50 -30.47
N VAL H 146 -35.22 -3.00 -29.62
CA VAL H 146 -35.50 -4.13 -28.74
C VAL H 146 -35.23 -3.72 -27.29
N SER H 147 -36.22 -3.92 -26.42
CA SER H 147 -36.07 -3.51 -25.03
C SER H 147 -36.09 -4.70 -24.07
N GLN H 148 -35.57 -4.48 -22.86
CA GLN H 148 -35.40 -5.52 -21.84
C GLN H 148 -36.75 -6.10 -21.43
N SER H 149 -36.73 -7.16 -20.63
CA SER H 149 -37.98 -7.80 -20.21
C SER H 149 -38.53 -7.24 -18.91
N LYS H 150 -39.84 -6.97 -18.88
CA LYS H 150 -40.50 -6.59 -17.64
C LYS H 150 -40.87 -7.84 -16.83
N ASP H 151 -40.04 -8.88 -16.94
CA ASP H 151 -40.21 -10.14 -16.22
C ASP H 151 -38.86 -10.54 -15.62
N SER H 152 -38.91 -11.08 -14.39
CA SER H 152 -37.69 -11.34 -13.61
C SER H 152 -36.85 -12.49 -14.19
N ASP H 153 -37.54 -13.59 -14.46
CA ASP H 153 -36.91 -14.87 -14.76
C ASP H 153 -36.92 -15.22 -16.27
N VAL H 154 -37.03 -14.18 -17.11
CA VAL H 154 -36.86 -14.29 -18.58
C VAL H 154 -35.73 -13.37 -19.06
N TYR H 155 -34.97 -13.81 -20.06
CA TYR H 155 -33.76 -13.08 -20.52
C TYR H 155 -33.80 -12.71 -21.97
N ILE H 156 -33.53 -11.43 -22.24
CA ILE H 156 -33.52 -10.89 -23.61
C ILE H 156 -32.17 -10.20 -23.87
N THR H 157 -31.66 -10.42 -25.08
CA THR H 157 -30.37 -9.93 -25.51
C THR H 157 -30.58 -8.74 -26.42
N ASP H 158 -29.65 -7.79 -26.39
CA ASP H 158 -29.72 -6.59 -27.23
C ASP H 158 -29.54 -6.92 -28.72
N LYS H 159 -30.11 -6.06 -29.59
CA LYS H 159 -29.96 -6.26 -31.02
C LYS H 159 -28.49 -6.33 -31.39
N CYS H 160 -28.21 -7.21 -32.34
CA CYS H 160 -26.87 -7.56 -32.69
C CYS H 160 -26.81 -7.66 -34.21
N VAL H 161 -25.74 -7.16 -34.82
CA VAL H 161 -25.61 -7.19 -36.29
C VAL H 161 -24.56 -8.20 -36.75
N LEU H 162 -24.97 -9.10 -37.66
CA LEU H 162 -24.04 -10.03 -38.31
C LEU H 162 -23.89 -9.74 -39.79
N ASP H 163 -22.72 -10.05 -40.32
CA ASP H 163 -22.42 -9.83 -41.73
C ASP H 163 -22.09 -11.18 -42.35
N MET H 164 -22.98 -11.66 -43.23
CA MET H 164 -22.69 -12.85 -44.01
C MET H 164 -21.97 -12.42 -45.29
N ARG H 165 -20.66 -12.23 -45.19
CA ARG H 165 -19.82 -11.73 -46.29
C ARG H 165 -19.97 -12.47 -47.62
N SER H 166 -20.31 -13.77 -47.57
CA SER H 166 -20.58 -14.60 -48.76
C SER H 166 -21.59 -13.95 -49.72
N MET H 167 -22.65 -13.37 -49.16
CA MET H 167 -23.84 -12.98 -49.90
C MET H 167 -24.16 -11.49 -49.86
N ASP H 168 -23.20 -10.67 -49.41
CA ASP H 168 -23.39 -9.20 -49.31
C ASP H 168 -24.71 -8.84 -48.57
N PHE H 169 -25.00 -9.61 -47.52
CA PHE H 169 -26.24 -9.51 -46.77
C PHE H 169 -25.93 -9.24 -45.29
N LYS H 170 -26.75 -8.41 -44.63
CA LYS H 170 -26.65 -8.18 -43.19
C LYS H 170 -28.04 -8.27 -42.53
N SER H 171 -28.07 -8.45 -41.22
CA SER H 171 -29.32 -8.68 -40.51
C SER H 171 -29.16 -8.57 -39.00
N ASN H 172 -30.20 -8.05 -38.34
CA ASN H 172 -30.22 -7.83 -36.91
C ASN H 172 -30.88 -8.98 -36.21
N SER H 173 -30.57 -9.17 -34.94
CA SER H 173 -31.17 -10.26 -34.19
C SER H 173 -31.10 -10.10 -32.68
N ALA H 174 -32.13 -10.61 -32.00
CA ALA H 174 -32.07 -10.74 -30.55
C ALA H 174 -32.64 -12.07 -30.20
N VAL H 175 -32.19 -12.61 -29.09
CA VAL H 175 -32.55 -13.95 -28.65
C VAL H 175 -33.15 -13.87 -27.26
N ALA H 176 -34.19 -14.67 -27.01
CA ALA H 176 -34.81 -14.66 -25.68
C ALA H 176 -35.02 -16.07 -25.16
N TRP H 177 -34.80 -16.26 -23.86
CA TRP H 177 -35.02 -17.57 -23.22
C TRP H 177 -35.45 -17.47 -21.75
N SER H 178 -36.05 -18.55 -21.25
CA SER H 178 -36.57 -18.63 -19.89
C SER H 178 -36.74 -20.09 -19.48
N ASN H 179 -36.99 -20.33 -18.20
CA ASN H 179 -37.25 -21.68 -17.72
C ASN H 179 -38.69 -21.97 -17.32
N LYS H 180 -39.56 -20.97 -17.45
CA LYS H 180 -41.02 -21.15 -17.34
C LYS H 180 -41.54 -21.81 -18.64
N SER H 181 -42.19 -22.98 -18.51
CA SER H 181 -42.86 -23.60 -19.65
C SER H 181 -44.24 -22.97 -19.87
N ASP H 182 -44.45 -21.83 -19.19
CA ASP H 182 -45.50 -20.89 -19.50
C ASP H 182 -44.90 -19.65 -20.23
N PHE H 183 -43.72 -19.86 -20.82
CA PHE H 183 -43.08 -18.89 -21.72
C PHE H 183 -43.04 -19.51 -23.11
N ALA H 184 -43.51 -18.76 -24.11
CA ALA H 184 -43.57 -19.24 -25.48
C ALA H 184 -43.15 -18.14 -26.46
N CYS H 185 -42.97 -18.52 -27.72
CA CYS H 185 -42.39 -17.65 -28.73
C CYS H 185 -43.37 -16.64 -29.32
N ALA H 186 -44.62 -16.70 -28.87
CA ALA H 186 -45.64 -15.76 -29.28
C ALA H 186 -45.53 -14.45 -28.48
N ASN H 187 -45.31 -14.57 -27.17
CA ASN H 187 -45.22 -13.42 -26.28
C ASN H 187 -43.80 -13.12 -25.75
N ALA H 188 -42.78 -13.63 -26.45
CA ALA H 188 -41.40 -13.51 -25.99
C ALA H 188 -40.95 -12.07 -26.01
N PHE H 189 -41.06 -11.45 -27.17
CA PHE H 189 -40.63 -10.07 -27.35
C PHE H 189 -41.82 -9.13 -27.14
N ASN H 190 -42.54 -9.43 -26.03
CA ASN H 190 -43.79 -8.75 -25.67
C ASN H 190 -43.60 -7.25 -25.48
N ASN H 191 -42.55 -6.90 -24.71
CA ASN H 191 -42.35 -5.54 -24.23
C ASN H 191 -41.59 -4.60 -25.17
N SER H 192 -41.74 -4.79 -26.48
CA SER H 192 -41.03 -3.97 -27.44
C SER H 192 -41.87 -3.71 -28.68
N ILE H 193 -41.73 -2.51 -29.24
CA ILE H 193 -42.48 -2.15 -30.43
C ILE H 193 -41.96 -2.90 -31.67
N ILE H 194 -42.78 -3.85 -32.09
CA ILE H 194 -42.42 -4.78 -33.16
C ILE H 194 -43.33 -4.58 -34.37
N PRO H 195 -42.75 -4.67 -35.58
CA PRO H 195 -43.55 -4.50 -36.80
C PRO H 195 -44.75 -5.43 -36.83
N GLU H 196 -45.82 -4.96 -37.47
CA GLU H 196 -47.06 -5.72 -37.57
C GLU H 196 -46.84 -7.08 -38.24
N ASP H 197 -46.15 -7.05 -39.38
CA ASP H 197 -46.04 -8.23 -40.26
C ASP H 197 -45.05 -9.30 -39.81
N THR H 198 -44.40 -9.09 -38.67
CA THR H 198 -43.43 -10.06 -38.14
C THR H 198 -44.03 -11.47 -38.03
N PHE H 199 -43.47 -12.40 -38.82
CA PHE H 199 -43.89 -13.79 -38.87
C PHE H 199 -43.78 -14.47 -37.51
N PHE H 200 -44.79 -15.25 -37.16
CA PHE H 200 -44.75 -16.11 -35.97
C PHE H 200 -44.81 -17.58 -36.38
N PRO H 201 -44.09 -18.48 -35.65
CA PRO H 201 -44.06 -19.87 -36.13
C PRO H 201 -45.44 -20.51 -36.00
N SER H 202 -46.00 -20.82 -37.18
CA SER H 202 -47.37 -21.31 -37.36
C SER H 202 -47.77 -22.54 -36.49
N PRO H 203 -49.10 -22.70 -36.24
CA PRO H 203 -49.73 -23.93 -35.68
C PRO H 203 -50.01 -25.03 -36.71
N LYS I 3 5.96 -0.04 32.43
CA LYS I 3 5.52 -0.82 31.22
C LYS I 3 6.64 -0.80 30.18
N VAL I 4 6.37 -0.15 29.05
CA VAL I 4 7.27 -0.21 27.90
C VAL I 4 7.60 1.19 27.38
N THR I 5 8.88 1.47 27.14
CA THR I 5 9.26 2.75 26.54
C THR I 5 10.03 2.56 25.24
N GLN I 6 9.74 3.44 24.28
CA GLN I 6 10.55 3.62 23.07
C GLN I 6 11.32 4.95 23.13
N SER I 7 12.55 4.96 22.58
CA SER I 7 13.55 5.99 22.85
C SER I 7 13.24 7.37 22.28
N SER I 8 12.16 7.44 21.53
CA SER I 8 11.86 8.61 20.72
C SER I 8 10.38 8.56 20.39
N ARG I 9 9.79 9.68 20.01
CA ARG I 9 8.34 9.73 19.73
C ARG I 9 7.98 10.22 18.33
N TYR I 10 8.71 11.23 17.85
CA TYR I 10 8.64 11.64 16.46
C TYR I 10 10.05 11.72 15.93
N LEU I 11 10.24 11.53 14.62
CA LEU I 11 11.59 11.61 14.04
C LEU I 11 11.56 12.11 12.61
N VAL I 12 12.52 12.94 12.26
CA VAL I 12 12.66 13.38 10.89
C VAL I 12 14.08 13.09 10.44
N LYS I 13 14.19 12.32 9.37
CA LYS I 13 15.48 11.86 8.88
C LYS I 13 15.60 11.92 7.36
N ARG I 14 16.78 12.32 6.89
CA ARG I 14 17.08 12.32 5.46
C ARG I 14 17.33 10.90 4.96
N THR I 15 16.89 10.64 3.74
CA THR I 15 17.23 9.43 2.98
C THR I 15 18.74 9.02 3.12
N GLY I 16 18.99 7.75 3.42
CA GLY I 16 20.36 7.24 3.55
C GLY I 16 20.94 7.34 4.96
N GLU I 17 20.44 8.28 5.75
CA GLU I 17 20.74 8.33 7.19
C GLU I 17 20.43 6.98 7.83
N LYS I 18 21.33 6.45 8.65
CA LYS I 18 20.95 5.27 9.41
C LYS I 18 20.28 5.68 10.73
N VAL I 19 19.18 5.00 11.06
CA VAL I 19 18.32 5.43 12.17
C VAL I 19 18.20 4.37 13.27
N PHE I 20 18.37 4.80 14.51
CA PHE I 20 18.29 3.93 15.65
C PHE I 20 16.97 4.15 16.40
N LEU I 21 16.13 3.12 16.46
CA LEU I 21 14.97 3.12 17.35
C LEU I 21 15.20 2.12 18.49
N GLU I 22 14.97 2.56 19.71
CA GLU I 22 15.25 1.72 20.84
C GLU I 22 13.96 1.33 21.52
N CYS I 23 13.96 0.17 22.16
CA CYS I 23 12.80 -0.21 22.96
C CYS I 23 13.14 -0.90 24.27
N VAL I 24 12.59 -0.38 25.35
CA VAL I 24 12.94 -0.80 26.69
C VAL I 24 11.71 -1.25 27.50
N GLN I 25 11.84 -2.45 28.05
CA GLN I 25 10.79 -3.08 28.81
C GLN I 25 11.28 -3.41 30.20
N ASP I 26 10.53 -3.04 31.24
CA ASP I 26 10.89 -3.49 32.60
C ASP I 26 9.89 -4.48 33.21
N MET I 27 9.21 -5.25 32.36
CA MET I 27 8.24 -6.23 32.82
C MET I 27 8.75 -7.67 32.83
N ASP I 28 10.05 -7.86 33.03
CA ASP I 28 10.68 -9.19 33.01
C ASP I 28 10.26 -10.05 31.80
N HIS I 29 9.82 -9.41 30.71
CA HIS I 29 9.37 -10.11 29.49
C HIS I 29 10.52 -10.65 28.69
N GLU I 30 10.38 -11.90 28.23
CA GLU I 30 11.44 -12.50 27.43
C GLU I 30 11.32 -12.29 25.93
N ASN I 31 10.10 -12.20 25.41
CA ASN I 31 9.90 -11.95 23.99
C ASN I 31 9.81 -10.46 23.70
N MET I 32 10.36 -10.05 22.56
CA MET I 32 10.24 -8.65 22.05
C MET I 32 10.10 -8.55 20.53
N PHE I 33 9.19 -7.70 20.08
CA PHE I 33 8.77 -7.66 18.68
C PHE I 33 8.76 -6.23 18.20
N TRP I 34 9.22 -6.00 16.99
CA TRP I 34 9.11 -4.68 16.33
C TRP I 34 8.12 -4.74 15.16
N TYR I 35 7.21 -3.78 15.12
CA TYR I 35 6.26 -3.65 14.02
C TYR I 35 6.38 -2.31 13.28
N ARG I 36 5.91 -2.34 12.03
CA ARG I 36 5.36 -1.17 11.34
C ARG I 36 3.84 -1.18 11.38
N GLN I 37 3.23 -0.01 11.35
CA GLN I 37 1.81 0.13 11.10
C GLN I 37 1.63 1.14 9.99
N ASP I 38 0.85 0.79 8.98
CA ASP I 38 0.62 1.68 7.83
C ASP I 38 -0.81 1.66 7.39
N PRO I 39 -1.35 2.84 7.08
CA PRO I 39 -2.74 3.00 6.64
C PRO I 39 -3.11 1.93 5.61
N GLY I 40 -4.16 1.15 5.90
CA GLY I 40 -4.60 0.10 4.96
C GLY I 40 -3.95 -1.28 5.11
N LEU I 41 -2.67 -1.34 5.47
CA LEU I 41 -2.02 -2.64 5.73
C LEU I 41 -2.30 -3.22 7.13
N GLY I 42 -2.15 -2.40 8.17
CA GLY I 42 -2.16 -2.88 9.55
C GLY I 42 -0.73 -3.18 9.99
N LEU I 43 -0.59 -3.72 11.19
CA LEU I 43 0.71 -4.08 11.74
C LEU I 43 1.36 -5.12 10.85
N ARG I 44 2.65 -4.93 10.58
CA ARG I 44 3.48 -5.94 9.95
C ARG I 44 4.69 -6.16 10.83
N LEU I 45 4.98 -7.41 11.15
CA LEU I 45 6.12 -7.73 12.02
C LEU I 45 7.43 -7.69 11.24
N ILE I 46 8.41 -6.93 11.74
CA ILE I 46 9.72 -6.81 11.08
C ILE I 46 10.68 -7.85 11.65
N TYR I 47 10.77 -7.94 12.98
CA TYR I 47 11.64 -8.85 13.69
C TYR I 47 11.08 -9.19 15.06
N PHE I 48 11.46 -10.35 15.58
CA PHE I 48 11.17 -10.68 16.97
C PHE I 48 12.37 -11.35 17.66
N SER I 49 12.23 -11.60 18.96
CA SER I 49 13.32 -12.16 19.74
C SER I 49 12.75 -12.85 20.98
N TYR I 50 13.00 -14.14 21.08
CA TYR I 50 12.40 -14.93 22.17
C TYR I 50 13.33 -15.07 23.36
N ASP I 51 14.59 -14.67 23.16
CA ASP I 51 15.57 -14.61 24.22
C ASP I 51 16.80 -13.85 23.74
N VAL I 52 17.74 -13.63 24.65
CA VAL I 52 18.86 -12.75 24.42
C VAL I 52 19.81 -13.27 23.33
N LYS I 53 20.35 -12.34 22.54
CA LYS I 53 21.24 -12.61 21.40
C LYS I 53 20.58 -13.44 20.31
N MET I 54 19.27 -13.64 20.39
CA MET I 54 18.52 -14.35 19.35
C MET I 54 17.68 -13.38 18.54
N LYS I 55 17.43 -13.72 17.28
CA LYS I 55 16.61 -12.90 16.41
C LYS I 55 16.09 -13.73 15.25
N GLU I 56 14.86 -13.44 14.82
CA GLU I 56 14.31 -14.10 13.65
C GLU I 56 13.60 -13.06 12.82
N LYS I 57 13.85 -13.10 11.51
CA LYS I 57 13.16 -12.22 10.59
C LYS I 57 11.63 -12.37 10.70
N GLY I 58 10.91 -11.25 10.63
CA GLY I 58 9.45 -11.27 10.70
C GLY I 58 8.82 -11.36 9.32
N ASP I 59 7.68 -10.69 9.15
CA ASP I 59 7.00 -10.64 7.86
C ASP I 59 7.79 -9.83 6.81
N ILE I 60 8.47 -8.76 7.23
CA ILE I 60 9.17 -7.83 6.30
C ILE I 60 10.51 -7.30 6.84
N PRO I 61 11.60 -8.09 6.72
CA PRO I 61 12.85 -7.69 7.37
C PRO I 61 13.80 -6.84 6.53
N GLU I 62 13.44 -6.61 5.26
CA GLU I 62 14.24 -5.86 4.30
C GLU I 62 14.43 -4.43 4.74
N GLY I 63 15.69 -4.02 4.87
CA GLY I 63 16.06 -2.64 5.20
C GLY I 63 16.43 -2.46 6.66
N TYR I 64 16.11 -3.46 7.47
CA TYR I 64 16.13 -3.36 8.93
C TYR I 64 17.08 -4.37 9.54
N SER I 65 17.67 -4.04 10.68
CA SER I 65 18.46 -4.99 11.49
C SER I 65 18.04 -4.75 12.91
N VAL I 66 18.09 -5.80 13.73
CA VAL I 66 17.78 -5.64 15.16
C VAL I 66 18.94 -6.06 16.04
N SER I 67 18.88 -5.67 17.31
CA SER I 67 19.93 -6.01 18.27
C SER I 67 19.33 -6.28 19.65
N ARG I 68 19.63 -7.45 20.20
CA ARG I 68 19.11 -7.81 21.51
C ARG I 68 20.19 -8.34 22.44
N GLU I 69 21.03 -7.44 22.93
CA GLU I 69 22.08 -7.83 23.85
C GLU I 69 21.58 -7.94 25.27
N LYS I 70 20.41 -7.37 25.53
CA LYS I 70 19.89 -7.31 26.89
C LYS I 70 18.43 -7.68 26.89
N LYS I 71 17.97 -8.30 27.98
CA LYS I 71 16.60 -8.81 28.09
C LYS I 71 15.55 -7.70 28.04
N GLU I 72 15.93 -6.50 28.50
CA GLU I 72 15.01 -5.37 28.60
C GLU I 72 15.16 -4.39 27.42
N ARG I 73 15.83 -4.82 26.35
CA ARG I 73 16.26 -3.86 25.31
C ARG I 73 16.37 -4.49 23.94
N PHE I 74 15.59 -3.97 23.01
CA PHE I 74 15.53 -4.58 21.68
C PHE I 74 15.60 -3.50 20.61
N SER I 75 16.78 -3.39 20.04
CA SER I 75 17.09 -2.28 19.16
C SER I 75 16.64 -2.59 17.76
N LEU I 76 16.04 -1.60 17.11
CA LEU I 76 15.78 -1.67 15.69
C LEU I 76 16.64 -0.65 14.99
N ILE I 77 17.32 -1.08 13.94
CA ILE I 77 18.15 -0.21 13.15
C ILE I 77 17.65 -0.25 11.72
N LEU I 78 17.47 0.95 11.16
CA LEU I 78 17.20 1.10 9.74
C LEU I 78 18.54 1.39 9.08
N ALA I 79 19.02 0.44 8.26
CA ALA I 79 20.44 0.45 7.84
C ALA I 79 20.82 1.57 6.85
N SER I 80 19.92 1.86 5.91
CA SER I 80 19.98 3.04 5.03
C SER I 80 18.54 3.49 4.75
N ALA I 81 18.17 4.66 5.28
CA ALA I 81 16.77 5.06 5.29
C ALA I 81 16.24 5.40 3.91
N SER I 82 15.16 4.73 3.51
CA SER I 82 14.45 5.07 2.27
C SER I 82 13.13 5.75 2.61
N THR I 83 12.45 6.34 1.61
CA THR I 83 11.18 7.03 1.92
C THR I 83 10.01 6.09 2.22
N ASP I 84 10.10 4.82 1.81
CA ASP I 84 9.05 3.86 2.15
C ASP I 84 9.14 3.32 3.59
N GLN I 85 10.11 3.85 4.34
CA GLN I 85 10.31 3.52 5.75
C GLN I 85 9.61 4.56 6.64
N THR I 86 8.96 5.54 6.03
CA THR I 86 8.10 6.44 6.75
C THR I 86 6.90 5.63 7.26
N SER I 87 6.67 5.65 8.57
CA SER I 87 5.62 4.85 9.20
C SER I 87 5.55 5.09 10.71
N MET I 88 4.58 4.43 11.36
CA MET I 88 4.46 4.34 12.81
C MET I 88 5.22 3.09 13.21
N TYR I 89 6.15 3.18 14.16
CA TYR I 89 6.88 2.00 14.61
C TYR I 89 6.52 1.59 16.01
N LEU I 90 6.06 0.36 16.16
CA LEU I 90 5.66 -0.11 17.49
C LEU I 90 6.54 -1.25 18.03
N CYS I 91 7.07 -1.04 19.22
CA CYS I 91 7.73 -2.08 19.97
C CYS I 91 6.64 -2.87 20.69
N ALA I 92 6.87 -4.15 20.95
CA ALA I 92 5.98 -4.94 21.78
C ALA I 92 6.75 -5.98 22.58
N SER I 93 6.16 -6.46 23.67
CA SER I 93 6.81 -7.50 24.49
C SER I 93 5.81 -8.41 25.14
N SER I 94 6.27 -9.59 25.56
CA SER I 94 5.45 -10.51 26.34
C SER I 94 6.28 -11.58 27.02
N PHE I 95 5.71 -12.18 28.06
CA PHE I 95 6.32 -13.34 28.68
C PHE I 95 6.38 -14.48 27.70
N LEU I 96 7.40 -15.32 27.79
CA LEU I 96 7.43 -16.57 27.05
C LEU I 96 6.40 -17.54 27.62
N GLY I 97 5.78 -18.32 26.74
CA GLY I 97 4.83 -19.36 27.11
C GLY I 97 3.78 -19.70 26.06
N THR I 98 2.68 -20.32 26.48
CA THR I 98 1.61 -20.65 25.56
C THR I 98 0.49 -19.65 25.74
N GLY I 99 0.03 -19.10 24.61
CA GLY I 99 -1.16 -18.25 24.60
C GLY I 99 -1.05 -16.97 25.42
N VAL I 100 0.13 -16.40 25.37
CA VAL I 100 0.42 -15.22 26.13
C VAL I 100 0.04 -13.98 25.28
N GLU I 101 -0.11 -12.83 25.94
CA GLU I 101 -0.51 -11.55 25.32
C GLU I 101 0.65 -10.55 25.28
N GLN I 102 0.67 -9.73 24.24
CA GLN I 102 1.73 -8.73 24.06
C GLN I 102 1.21 -7.39 24.51
N TYR I 103 2.12 -6.50 24.87
CA TYR I 103 1.79 -5.13 25.21
C TYR I 103 2.64 -4.19 24.35
N PHE I 104 2.06 -3.08 23.92
CA PHE I 104 2.78 -2.21 23.00
C PHE I 104 3.38 -1.03 23.68
N GLY I 105 4.45 -0.52 23.07
CA GLY I 105 5.04 0.75 23.45
C GLY I 105 4.20 1.91 22.93
N PRO I 106 4.66 3.15 23.15
CA PRO I 106 3.83 4.27 22.73
C PRO I 106 3.86 4.55 21.20
N GLY I 107 4.69 3.81 20.48
CA GLY I 107 4.97 4.07 19.08
C GLY I 107 5.99 5.18 18.85
N THR I 108 6.71 5.10 17.73
CA THR I 108 7.54 6.20 17.20
C THR I 108 7.07 6.54 15.78
N ARG I 109 6.92 7.82 15.47
CA ARG I 109 6.48 8.20 14.15
C ARG I 109 7.66 8.71 13.36
N LEU I 110 8.07 7.96 12.34
CA LEU I 110 9.28 8.31 11.64
C LEU I 110 9.01 8.63 10.19
N THR I 111 9.54 9.75 9.74
CA THR I 111 9.31 10.25 8.40
C THR I 111 10.62 10.46 7.67
N VAL I 112 10.69 9.96 6.44
CA VAL I 112 11.92 10.05 5.65
C VAL I 112 11.77 10.88 4.37
N VAL I 113 12.55 11.98 4.28
CA VAL I 113 12.54 12.88 3.12
C VAL I 113 13.78 12.79 2.27
N GLU I 114 13.58 13.14 1.00
CA GLU I 114 14.64 13.20 0.00
C GLU I 114 15.65 14.29 0.41
N ASP I 115 15.14 15.44 0.85
CA ASP I 115 15.98 16.47 1.47
C ASP I 115 15.31 17.15 2.67
N LEU I 116 16.13 17.49 3.66
CA LEU I 116 15.69 18.15 4.89
C LEU I 116 15.11 19.54 4.66
N ASN I 117 15.36 20.15 3.50
CA ASN I 117 14.85 21.50 3.25
C ASN I 117 13.34 21.53 3.04
N LYS I 118 12.74 20.35 2.96
CA LYS I 118 11.29 20.24 2.89
C LYS I 118 10.63 20.37 4.27
N VAL I 119 11.45 20.40 5.34
CA VAL I 119 10.94 20.55 6.71
C VAL I 119 10.53 22.00 7.03
N PHE I 120 9.31 22.15 7.50
CA PHE I 120 8.69 23.46 7.72
C PHE I 120 7.93 23.48 9.05
N PRO I 121 8.09 24.57 9.83
CA PRO I 121 7.22 24.70 11.00
C PRO I 121 5.85 25.29 10.63
N PRO I 122 4.84 25.06 11.48
CA PRO I 122 3.53 25.62 11.21
C PRO I 122 3.46 27.12 11.43
N GLU I 123 2.60 27.77 10.66
CA GLU I 123 2.10 29.08 11.00
C GLU I 123 0.79 28.85 11.71
N VAL I 124 0.55 29.59 12.79
CA VAL I 124 -0.66 29.41 13.58
C VAL I 124 -1.45 30.70 13.59
N ALA I 125 -2.75 30.56 13.40
CA ALA I 125 -3.66 31.67 13.34
C ALA I 125 -4.92 31.16 13.96
N LEU I 126 -5.71 32.05 14.54
CA LEU I 126 -6.98 31.64 15.13
C LEU I 126 -8.09 32.65 14.96
N PHE I 127 -9.29 32.14 14.74
CA PHE I 127 -10.34 32.90 14.14
C PHE I 127 -11.46 33.01 15.13
N GLU I 128 -12.03 34.22 15.22
CA GLU I 128 -12.94 34.56 16.30
C GLU I 128 -14.38 34.24 15.99
N PRO I 129 -15.17 33.97 17.03
CA PRO I 129 -16.59 33.68 16.91
C PRO I 129 -17.42 34.73 16.14
N SER I 130 -18.43 34.24 15.40
CA SER I 130 -19.26 35.10 14.57
C SER I 130 -20.28 35.82 15.41
N GLU I 131 -20.60 37.04 15.00
CA GLU I 131 -21.76 37.73 15.55
C GLU I 131 -22.96 36.80 15.44
N ALA I 132 -23.21 36.32 14.22
CA ALA I 132 -24.34 35.46 13.92
C ALA I 132 -24.55 34.35 14.95
N GLU I 133 -23.48 33.59 15.21
CA GLU I 133 -23.50 32.43 16.10
C GLU I 133 -23.81 32.81 17.55
N ILE I 134 -23.20 33.92 17.98
CA ILE I 134 -23.46 34.50 19.28
C ILE I 134 -24.96 34.67 19.42
N SER I 135 -25.53 35.53 18.58
CA SER I 135 -26.95 35.90 18.68
C SER I 135 -27.92 34.72 18.51
N HIS I 136 -27.55 33.77 17.64
CA HIS I 136 -28.40 32.64 17.27
C HIS I 136 -28.51 31.58 18.34
N THR I 137 -27.41 31.32 19.05
CA THR I 137 -27.31 30.17 19.95
C THR I 137 -26.67 30.42 21.31
N GLN I 138 -26.34 31.68 21.61
CA GLN I 138 -25.62 32.07 22.83
C GLN I 138 -24.31 31.29 23.02
N LYS I 139 -23.65 30.93 21.93
CA LYS I 139 -22.39 30.20 22.02
C LYS I 139 -21.38 30.67 20.98
N ALA I 140 -20.11 30.53 21.32
CA ALA I 140 -19.05 31.17 20.57
C ALA I 140 -17.95 30.15 20.25
N THR I 141 -17.63 29.98 18.98
CA THR I 141 -16.62 28.99 18.63
C THR I 141 -15.34 29.62 18.09
N LEU I 142 -14.22 29.30 18.73
CA LEU I 142 -12.91 29.67 18.26
C LEU I 142 -12.37 28.55 17.37
N VAL I 143 -11.90 28.94 16.20
CA VAL I 143 -11.29 27.98 15.28
C VAL I 143 -9.80 28.29 15.23
N CYS I 144 -9.00 27.23 15.22
CA CYS I 144 -7.56 27.35 15.11
C CYS I 144 -7.00 26.64 13.88
N LEU I 145 -6.02 27.24 13.23
CA LEU I 145 -5.55 26.75 11.95
C LEU I 145 -4.05 26.72 11.88
N ALA I 146 -3.47 25.50 11.79
CA ALA I 146 -2.04 25.30 11.68
C ALA I 146 -1.70 24.81 10.29
N THR I 147 -0.93 25.60 9.56
CA THR I 147 -0.72 25.41 8.13
C THR I 147 0.74 25.44 7.67
N GLY I 148 1.01 24.69 6.60
CA GLY I 148 2.32 24.62 5.99
C GLY I 148 3.43 23.96 6.78
N PHE I 149 3.10 22.98 7.63
CA PHE I 149 4.12 22.29 8.40
C PHE I 149 4.50 20.95 7.78
N TYR I 150 5.78 20.58 7.90
CA TYR I 150 6.29 19.27 7.45
C TYR I 150 7.35 18.81 8.41
N PRO I 151 7.20 17.60 9.00
CA PRO I 151 6.23 16.54 8.76
C PRO I 151 4.97 16.66 9.62
N ASP I 152 4.01 15.73 9.49
CA ASP I 152 2.75 15.82 10.20
C ASP I 152 2.90 15.44 11.68
N HIS I 153 3.72 16.24 12.35
CA HIS I 153 4.24 15.90 13.66
C HIS I 153 3.88 16.97 14.65
N VAL I 154 2.59 17.12 14.91
CA VAL I 154 2.15 18.21 15.78
C VAL I 154 1.29 17.77 16.93
N GLU I 155 1.20 18.65 17.92
CA GLU I 155 0.25 18.46 19.00
C GLU I 155 -0.34 19.80 19.30
N LEU I 156 -1.62 19.90 18.96
CA LEU I 156 -2.43 21.10 19.23
C LEU I 156 -3.10 21.02 20.62
N SER I 157 -3.05 22.13 21.35
CA SER I 157 -3.68 22.25 22.67
C SER I 157 -4.12 23.68 22.90
N TRP I 158 -5.24 23.81 23.61
CA TRP I 158 -5.90 25.09 23.86
C TRP I 158 -5.63 25.55 25.28
N TRP I 159 -5.39 26.84 25.44
CA TRP I 159 -5.02 27.45 26.71
C TRP I 159 -5.90 28.67 26.98
N VAL I 160 -6.71 28.55 28.02
CA VAL I 160 -7.69 29.56 28.41
C VAL I 160 -7.23 30.20 29.69
N ASN I 161 -6.85 31.47 29.61
CA ASN I 161 -6.36 32.23 30.76
C ASN I 161 -5.17 31.57 31.40
N GLY I 162 -4.23 31.12 30.59
CA GLY I 162 -3.00 30.47 31.06
C GLY I 162 -3.15 29.03 31.51
N LYS I 163 -4.31 28.42 31.27
CA LYS I 163 -4.54 27.02 31.65
C LYS I 163 -5.08 26.17 30.50
N GLU I 164 -4.48 25.01 30.26
CA GLU I 164 -4.93 24.07 29.24
C GLU I 164 -6.34 23.56 29.52
N VAL I 165 -7.15 23.50 28.47
CA VAL I 165 -8.55 23.06 28.53
C VAL I 165 -8.85 21.84 27.64
N HIS I 166 -9.96 21.16 27.94
CA HIS I 166 -10.41 19.98 27.20
C HIS I 166 -11.91 19.98 26.87
N SER I 167 -12.74 20.43 27.80
CA SER I 167 -14.15 20.60 27.51
C SER I 167 -14.32 21.55 26.29
N GLY I 168 -15.19 21.17 25.37
CA GLY I 168 -15.48 22.01 24.23
C GLY I 168 -14.40 22.09 23.17
N VAL I 169 -13.44 21.20 23.29
CA VAL I 169 -12.37 21.13 22.32
C VAL I 169 -12.62 19.96 21.41
N CYS I 170 -12.22 20.12 20.16
CA CYS I 170 -11.91 18.97 19.35
C CYS I 170 -11.02 19.34 18.18
N THR I 171 -9.84 18.72 18.17
CA THR I 171 -8.88 18.86 17.09
C THR I 171 -9.10 17.74 16.12
N ASP I 172 -8.91 18.04 14.84
CA ASP I 172 -8.96 17.06 13.77
C ASP I 172 -8.00 15.88 13.99
N PRO I 173 -8.51 14.62 13.95
CA PRO I 173 -7.60 13.48 14.19
C PRO I 173 -6.57 13.34 13.07
N GLN I 174 -7.01 13.52 11.82
CA GLN I 174 -6.11 13.48 10.67
C GLN I 174 -5.49 14.86 10.34
N PRO I 175 -4.18 15.03 10.60
CA PRO I 175 -3.53 16.17 9.93
C PRO I 175 -3.67 16.05 8.39
N LEU I 176 -4.11 17.13 7.75
CA LEU I 176 -4.60 17.13 6.36
C LEU I 176 -3.56 17.58 5.29
N LYS I 177 -3.54 16.90 4.13
CA LYS I 177 -2.54 17.15 3.07
C LYS I 177 -2.95 18.30 2.19
N GLU I 178 -2.06 19.28 2.05
CA GLU I 178 -2.38 20.49 1.31
C GLU I 178 -2.35 20.25 -0.19
N GLN I 179 -1.52 19.31 -0.62
CA GLN I 179 -1.51 18.85 -2.00
C GLN I 179 -1.39 17.34 -1.93
N PRO I 180 -2.54 16.64 -1.85
CA PRO I 180 -2.52 15.18 -1.59
C PRO I 180 -1.69 14.38 -2.61
N ALA I 181 -1.33 15.04 -3.73
CA ALA I 181 -0.55 14.43 -4.81
C ALA I 181 0.91 14.14 -4.41
N LEU I 182 1.66 15.21 -4.12
CA LEU I 182 3.05 15.13 -3.65
C LEU I 182 3.24 14.27 -2.41
N ASN I 183 4.35 13.54 -2.37
CA ASN I 183 4.70 12.77 -1.17
C ASN I 183 5.37 13.68 -0.14
N ASP I 184 5.82 14.84 -0.59
CA ASP I 184 6.53 15.79 0.25
C ASP I 184 5.80 17.13 0.50
N SER I 185 4.51 17.18 0.16
CA SER I 185 3.67 18.36 0.38
C SER I 185 3.60 18.72 1.84
N ARG I 186 3.30 19.98 2.10
CA ARG I 186 3.10 20.44 3.46
C ARG I 186 1.71 20.04 3.97
N TYR I 187 1.52 20.12 5.28
CA TYR I 187 0.31 19.67 5.96
C TYR I 187 -0.37 20.83 6.69
N ALA I 188 -1.68 20.70 6.92
CA ALA I 188 -2.45 21.65 7.71
C ALA I 188 -3.37 20.90 8.70
N LEU I 189 -3.81 21.59 9.74
CA LEU I 189 -4.64 21.00 10.77
C LEU I 189 -5.49 22.08 11.43
N SER I 190 -6.77 21.80 11.63
CA SER I 190 -7.64 22.70 12.39
C SER I 190 -8.04 22.17 13.78
N SER I 191 -8.53 23.06 14.64
CA SER I 191 -9.15 22.67 15.90
C SER I 191 -10.18 23.71 16.35
N ARG I 192 -11.07 23.27 17.23
CA ARG I 192 -12.20 24.08 17.63
C ARG I 192 -12.32 24.12 19.13
N LEU I 193 -12.66 25.30 19.65
CA LEU I 193 -12.94 25.48 21.06
C LEU I 193 -14.23 26.29 21.23
N ARG I 194 -15.20 25.68 21.88
CA ARG I 194 -16.52 26.31 21.98
C ARG I 194 -16.78 26.70 23.40
N VAL I 195 -17.24 27.93 23.58
CA VAL I 195 -17.50 28.53 24.90
C VAL I 195 -18.87 29.18 24.91
N SER I 196 -19.41 29.46 26.10
CA SER I 196 -20.65 30.21 26.19
C SER I 196 -20.33 31.62 25.76
N ALA I 197 -21.36 32.33 25.27
CA ALA I 197 -21.19 33.66 24.67
C ALA I 197 -20.70 34.70 25.68
N THR I 198 -21.26 34.64 26.87
CA THR I 198 -20.85 35.56 27.92
C THR I 198 -19.36 35.46 28.20
N PHE I 199 -18.87 34.22 28.36
CA PHE I 199 -17.44 33.97 28.53
C PHE I 199 -16.62 34.58 27.38
N TRP I 200 -17.05 34.41 26.13
CA TRP I 200 -16.31 35.00 25.04
C TRP I 200 -16.35 36.53 25.02
N GLN I 201 -17.53 37.08 25.32
CA GLN I 201 -17.74 38.52 25.35
C GLN I 201 -17.06 39.24 26.50
N ASP I 202 -16.47 38.47 27.41
CA ASP I 202 -15.62 39.02 28.49
C ASP I 202 -14.17 39.29 28.07
N PRO I 203 -13.76 40.57 28.04
CA PRO I 203 -12.42 40.95 27.56
C PRO I 203 -11.32 40.55 28.50
N ARG I 204 -11.67 40.05 29.67
CA ARG I 204 -10.67 39.57 30.61
C ARG I 204 -10.14 38.17 30.30
N ASN I 205 -10.85 37.42 29.47
CA ASN I 205 -10.47 36.05 29.12
C ASN I 205 -9.47 36.02 27.98
N HIS I 206 -8.43 35.20 28.15
CA HIS I 206 -7.37 35.03 27.15
C HIS I 206 -7.42 33.66 26.53
N PHE I 207 -7.32 33.59 25.21
CA PHE I 207 -7.35 32.33 24.50
C PHE I 207 -6.06 32.13 23.71
N ARG I 208 -5.43 30.96 23.91
CA ARG I 208 -4.25 30.55 23.11
C ARG I 208 -4.41 29.22 22.35
N CYS I 209 -4.03 29.23 21.08
CA CYS I 209 -3.98 28.03 20.27
C CYS I 209 -2.51 27.65 20.21
N GLN I 210 -2.13 26.60 20.95
CA GLN I 210 -0.73 26.18 20.98
C GLN I 210 -0.44 25.00 20.08
N VAL I 211 0.67 25.07 19.34
CA VAL I 211 1.10 23.96 18.48
C VAL I 211 2.57 23.57 18.69
N GLN I 212 2.78 22.38 19.27
CA GLN I 212 4.11 21.80 19.43
C GLN I 212 4.48 21.11 18.15
N PHE I 213 5.53 21.62 17.49
CA PHE I 213 6.07 21.07 16.26
C PHE I 213 7.35 20.31 16.58
N TYR I 214 7.54 19.17 15.90
CA TYR I 214 8.71 18.34 16.07
C TYR I 214 9.47 18.32 14.77
N GLY I 215 10.58 19.03 14.74
CA GLY I 215 11.39 19.12 13.54
C GLY I 215 12.83 18.74 13.79
N LEU I 216 13.72 19.46 13.13
CA LEU I 216 15.15 19.26 13.24
C LEU I 216 15.70 19.54 14.64
N SER I 217 16.85 18.94 14.92
CA SER I 217 17.57 19.18 16.17
C SER I 217 18.37 20.49 16.09
N GLU I 218 18.81 20.98 17.25
CA GLU I 218 19.64 22.17 17.27
C GLU I 218 21.11 21.83 17.04
N ALA I 219 21.42 21.39 15.81
CA ALA I 219 22.78 20.95 15.47
C ALA I 219 22.87 20.39 14.04
N ASP I 220 21.74 20.04 13.43
CA ASP I 220 21.77 19.51 12.04
C ASP I 220 22.34 20.52 11.02
N GLU I 221 22.88 19.98 9.93
CA GLU I 221 23.32 20.80 8.81
C GLU I 221 22.13 21.58 8.25
N TRP I 222 22.21 22.90 8.31
CA TRP I 222 21.19 23.73 7.70
C TRP I 222 21.83 24.91 6.98
N THR I 223 21.66 24.94 5.66
CA THR I 223 22.09 26.08 4.86
C THR I 223 20.97 26.52 3.92
N GLN I 224 20.36 27.64 4.29
CA GLN I 224 19.41 28.33 3.44
C GLN I 224 18.95 29.56 4.16
N ASP I 225 18.27 30.45 3.42
CA ASP I 225 17.85 31.75 3.92
C ASP I 225 16.45 31.56 4.53
N ARG I 226 16.42 30.90 5.69
CA ARG I 226 15.25 30.84 6.59
C ARG I 226 15.59 30.18 7.94
N ALA I 227 14.80 30.49 8.95
CA ALA I 227 15.02 29.95 10.29
C ALA I 227 15.09 28.42 10.25
N LYS I 228 16.17 27.89 10.82
CA LYS I 228 16.33 26.46 11.05
C LYS I 228 14.99 25.88 11.52
N PRO I 229 14.41 24.95 10.75
CA PRO I 229 13.10 24.43 11.13
C PRO I 229 13.18 23.45 12.32
N VAL I 230 13.50 23.99 13.48
CA VAL I 230 13.67 23.23 14.71
C VAL I 230 12.36 22.85 15.38
N THR I 231 12.40 21.81 16.23
CA THR I 231 11.33 21.51 17.18
C THR I 231 11.06 22.83 17.89
N GLN I 232 9.82 23.29 17.87
CA GLN I 232 9.45 24.55 18.51
C GLN I 232 7.96 24.62 18.78
N ILE I 233 7.57 25.59 19.59
CA ILE I 233 6.16 25.86 19.81
C ILE I 233 5.74 27.11 19.07
N VAL I 234 4.62 27.02 18.36
CA VAL I 234 4.03 28.18 17.74
C VAL I 234 2.60 28.31 18.23
N SER I 235 2.31 29.52 18.72
CA SER I 235 1.01 29.90 19.27
C SER I 235 0.32 30.95 18.43
N ALA I 236 -1.00 31.01 18.58
CA ALA I 236 -1.77 32.19 18.19
C ALA I 236 -2.66 32.57 19.37
N GLU I 237 -3.06 33.84 19.42
CA GLU I 237 -3.84 34.38 20.54
C GLU I 237 -5.07 35.16 20.07
N ALA I 238 -6.05 35.26 20.97
CA ALA I 238 -7.17 36.17 20.84
C ALA I 238 -7.71 36.51 22.22
N TRP I 239 -8.15 37.76 22.40
CA TRP I 239 -8.79 38.20 23.64
C TRP I 239 -10.30 38.34 23.44
N GLY I 240 -11.04 38.20 24.54
CA GLY I 240 -12.48 38.35 24.53
C GLY I 240 -12.89 39.73 24.05
N ARG I 241 -13.90 39.76 23.19
CA ARG I 241 -14.35 41.03 22.58
C ARG I 241 -15.31 41.77 23.49
N ALA I 242 -14.93 42.99 23.84
CA ALA I 242 -15.64 43.81 24.81
C ALA I 242 -16.73 44.69 24.19
N ASP I 243 -17.86 44.09 23.81
CA ASP I 243 -18.91 44.83 23.10
C ASP I 243 -19.65 45.81 24.01
N LYS J 3 3.78 -2.91 -28.09
CA LYS J 3 3.96 -1.54 -27.54
C LYS J 3 3.98 -1.67 -26.00
N VAL J 4 2.85 -2.12 -25.44
CA VAL J 4 2.66 -2.15 -23.99
C VAL J 4 1.99 -3.46 -23.58
N THR J 5 2.60 -4.22 -22.66
CA THR J 5 1.97 -5.43 -22.12
C THR J 5 1.47 -5.25 -20.68
N GLN J 6 0.44 -6.04 -20.32
CA GLN J 6 -0.04 -6.17 -18.93
C GLN J 6 -0.02 -7.66 -18.55
N SER J 7 0.37 -7.93 -17.30
CA SER J 7 0.75 -9.29 -16.88
C SER J 7 -0.31 -10.35 -17.18
N SER J 8 -1.59 -9.96 -17.13
CA SER J 8 -2.69 -10.87 -17.43
C SER J 8 -3.86 -10.09 -18.03
N ARG J 9 -4.85 -10.79 -18.57
CA ARG J 9 -6.05 -10.15 -19.13
C ARG J 9 -7.30 -10.38 -18.31
N TYR J 10 -7.36 -11.49 -17.59
CA TYR J 10 -8.50 -11.75 -16.70
C TYR J 10 -7.96 -12.18 -15.35
N LEU J 11 -8.71 -11.88 -14.29
CA LEU J 11 -8.34 -12.34 -12.95
C LEU J 11 -9.57 -12.50 -12.08
N VAL J 12 -9.53 -13.52 -11.22
CA VAL J 12 -10.47 -13.63 -10.13
C VAL J 12 -9.67 -13.89 -8.89
N LYS J 13 -9.78 -12.96 -7.95
CA LYS J 13 -9.13 -13.10 -6.67
C LYS J 13 -10.18 -13.03 -5.55
N ARG J 14 -9.82 -13.55 -4.38
CA ARG J 14 -10.67 -13.54 -3.19
C ARG J 14 -10.35 -12.34 -2.30
N THR J 15 -11.41 -11.70 -1.80
CA THR J 15 -11.29 -10.56 -0.87
C THR J 15 -10.22 -10.76 0.23
N GLY J 16 -9.34 -9.77 0.37
CA GLY J 16 -8.20 -9.87 1.26
C GLY J 16 -6.91 -10.23 0.55
N GLU J 17 -7.01 -10.79 -0.65
CA GLU J 17 -5.84 -11.23 -1.40
C GLU J 17 -4.96 -10.05 -1.78
N LYS J 18 -3.65 -10.24 -1.66
CA LYS J 18 -2.71 -9.21 -2.07
C LYS J 18 -2.42 -9.42 -3.57
N VAL J 19 -2.99 -8.56 -4.43
CA VAL J 19 -2.94 -8.76 -5.89
C VAL J 19 -1.94 -7.86 -6.60
N PHE J 20 -1.26 -8.42 -7.61
CA PHE J 20 -0.25 -7.66 -8.37
C PHE J 20 -0.54 -7.62 -9.87
N LEU J 21 -0.73 -6.43 -10.43
CA LEU J 21 -0.86 -6.28 -11.88
C LEU J 21 0.33 -5.50 -12.37
N GLU J 22 1.03 -6.07 -13.34
CA GLU J 22 2.28 -5.50 -13.80
C GLU J 22 2.05 -4.84 -15.13
N CYS J 23 2.76 -3.75 -15.38
CA CYS J 23 2.70 -3.13 -16.69
C CYS J 23 4.08 -3.11 -17.24
N VAL J 24 4.22 -3.53 -18.49
CA VAL J 24 5.53 -3.58 -19.12
C VAL J 24 5.48 -2.82 -20.43
N GLN J 25 6.36 -1.84 -20.54
CA GLN J 25 6.32 -0.93 -21.64
C GLN J 25 7.67 -0.95 -22.35
N ASP J 26 7.62 -1.25 -23.65
CA ASP J 26 8.79 -1.54 -24.46
C ASP J 26 9.08 -0.45 -25.49
N MET J 27 8.28 0.61 -25.49
CA MET J 27 8.64 1.83 -26.18
C MET J 27 9.65 2.52 -25.28
N ASP J 28 9.96 3.78 -25.47
CA ASP J 28 11.09 4.27 -24.67
C ASP J 28 10.72 5.31 -23.63
N HIS J 29 9.56 5.11 -22.99
CA HIS J 29 8.90 6.17 -22.24
C HIS J 29 9.37 6.38 -20.81
N GLU J 30 9.11 7.58 -20.30
CA GLU J 30 9.40 7.94 -18.94
C GLU J 30 8.15 7.91 -18.09
N ASN J 31 7.04 8.46 -18.60
CA ASN J 31 5.80 8.47 -17.83
C ASN J 31 5.08 7.14 -17.92
N MET J 32 4.54 6.69 -16.80
CA MET J 32 3.74 5.50 -16.82
C MET J 32 2.53 5.75 -15.96
N PHE J 33 1.38 5.29 -16.43
CA PHE J 33 0.11 5.55 -15.75
C PHE J 33 -0.63 4.27 -15.42
N TRP J 34 -1.50 4.35 -14.43
CA TRP J 34 -2.41 3.28 -14.09
C TRP J 34 -3.80 3.85 -13.83
N TYR J 35 -4.80 3.30 -14.52
CA TYR J 35 -6.19 3.78 -14.46
C TYR J 35 -7.18 2.67 -14.01
N ARG J 36 -8.30 3.09 -13.44
CA ARG J 36 -9.52 2.27 -13.44
C ARG J 36 -10.45 2.75 -14.54
N GLN J 37 -11.37 1.90 -14.96
CA GLN J 37 -12.43 2.32 -15.84
C GLN J 37 -13.69 1.53 -15.51
N ASP J 38 -14.75 2.25 -15.14
CA ASP J 38 -16.00 1.66 -14.62
C ASP J 38 -17.20 2.34 -15.23
N PRO J 39 -18.27 1.57 -15.54
CA PRO J 39 -19.50 2.13 -16.12
C PRO J 39 -20.00 3.29 -15.29
N GLY J 40 -20.18 4.45 -15.91
CA GLY J 40 -20.67 5.64 -15.23
C GLY J 40 -19.62 6.56 -14.63
N LEU J 41 -18.41 6.05 -14.38
CA LEU J 41 -17.35 6.91 -13.83
C LEU J 41 -16.24 7.22 -14.83
N GLY J 42 -16.16 6.47 -15.95
CA GLY J 42 -15.07 6.61 -16.92
C GLY J 42 -13.69 6.30 -16.35
N LEU J 43 -12.65 6.71 -17.05
CA LEU J 43 -11.28 6.55 -16.62
C LEU J 43 -10.96 7.45 -15.44
N ARG J 44 -10.59 6.82 -14.30
CA ARG J 44 -10.10 7.53 -13.13
C ARG J 44 -8.67 7.09 -12.94
N LEU J 45 -7.75 8.03 -12.71
CA LEU J 45 -6.32 7.70 -12.48
C LEU J 45 -6.02 7.27 -11.05
N ILE J 46 -5.21 6.22 -10.88
CA ILE J 46 -4.84 5.74 -9.55
C ILE J 46 -3.48 6.24 -9.11
N TYR J 47 -2.49 6.05 -9.98
CA TYR J 47 -1.13 6.54 -9.75
C TYR J 47 -0.48 6.80 -11.09
N PHE J 48 0.43 7.75 -11.13
CA PHE J 48 1.38 7.90 -12.26
C PHE J 48 2.79 8.04 -11.73
N SER J 49 3.76 7.98 -12.62
CA SER J 49 5.16 7.93 -12.25
C SER J 49 6.00 8.55 -13.35
N TYR J 50 6.51 9.76 -13.10
CA TYR J 50 7.17 10.49 -14.16
C TYR J 50 8.57 9.92 -14.43
N ASP J 51 9.12 9.22 -13.46
CA ASP J 51 10.45 8.63 -13.62
C ASP J 51 10.74 7.51 -12.61
N VAL J 52 11.84 6.79 -12.86
CA VAL J 52 12.33 5.67 -12.03
C VAL J 52 12.24 5.98 -10.52
N LYS J 53 11.71 5.03 -9.76
CA LYS J 53 11.54 5.13 -8.30
C LYS J 53 10.81 6.40 -7.87
N MET J 54 10.20 7.12 -8.82
CA MET J 54 9.51 8.35 -8.52
C MET J 54 8.02 8.26 -8.84
N LYS J 55 7.22 8.04 -7.80
CA LYS J 55 5.78 7.88 -7.98
C LYS J 55 4.97 9.09 -7.47
N GLU J 56 3.66 9.10 -7.75
CA GLU J 56 2.82 10.22 -7.37
C GLU J 56 1.38 9.80 -7.57
N LYS J 57 0.53 10.09 -6.58
CA LYS J 57 -0.87 9.66 -6.58
C LYS J 57 -1.71 10.36 -7.65
N GLY J 58 -2.79 9.70 -8.07
CA GLY J 58 -3.75 10.28 -8.97
C GLY J 58 -4.99 10.66 -8.20
N ASP J 59 -6.13 10.63 -8.86
CA ASP J 59 -7.38 11.11 -8.30
C ASP J 59 -7.92 10.16 -7.24
N ILE J 60 -7.87 8.86 -7.50
CA ILE J 60 -8.27 7.83 -6.53
C ILE J 60 -7.14 6.83 -6.21
N PRO J 61 -6.33 7.12 -5.17
CA PRO J 61 -5.18 6.29 -4.84
C PRO J 61 -5.40 5.29 -3.68
N GLU J 62 -6.44 5.48 -2.88
CA GLU J 62 -6.74 4.65 -1.70
C GLU J 62 -6.87 3.17 -2.02
N GLY J 63 -6.07 2.33 -1.38
CA GLY J 63 -6.17 0.89 -1.54
C GLY J 63 -5.07 0.32 -2.41
N TYR J 64 -4.26 1.20 -3.01
CA TYR J 64 -3.25 0.80 -3.99
C TYR J 64 -1.82 1.25 -3.64
N SER J 65 -0.88 0.33 -3.70
CA SER J 65 0.51 0.70 -3.75
C SER J 65 0.91 0.64 -5.21
N VAL J 66 1.97 1.35 -5.58
CA VAL J 66 2.59 1.13 -6.89
C VAL J 66 4.07 1.06 -6.67
N SER J 67 4.81 0.62 -7.68
CA SER J 67 6.27 0.66 -7.63
C SER J 67 6.87 0.75 -9.00
N ARG J 68 7.80 1.70 -9.15
CA ARG J 68 8.59 1.88 -10.35
C ARG J 68 10.01 1.52 -9.97
N GLU J 69 10.34 0.24 -10.07
CA GLU J 69 11.69 -0.20 -9.78
C GLU J 69 12.54 0.01 -11.02
N LYS J 70 12.01 -0.42 -12.16
CA LYS J 70 12.69 -0.23 -13.45
C LYS J 70 11.91 0.73 -14.34
N LYS J 71 12.50 1.14 -15.47
CA LYS J 71 11.89 2.13 -16.35
C LYS J 71 10.76 1.57 -17.22
N GLU J 72 10.92 0.33 -17.66
CA GLU J 72 9.99 -0.35 -18.56
C GLU J 72 8.75 -0.82 -17.81
N ARG J 73 8.91 -1.05 -16.50
CA ARG J 73 7.90 -1.73 -15.71
C ARG J 73 7.34 -0.81 -14.66
N PHE J 74 6.03 -0.79 -14.54
CA PHE J 74 5.31 -0.05 -13.50
C PHE J 74 4.28 -0.99 -12.88
N SER J 75 4.45 -1.27 -11.60
CA SER J 75 3.62 -2.27 -10.97
C SER J 75 2.51 -1.60 -10.21
N LEU J 76 1.33 -2.18 -10.30
CA LEU J 76 0.20 -1.79 -9.46
C LEU J 76 -0.02 -2.89 -8.45
N ILE J 77 -0.12 -2.50 -7.19
CA ILE J 77 -0.34 -3.45 -6.10
C ILE J 77 -1.67 -3.17 -5.42
N LEU J 78 -2.53 -4.17 -5.40
CA LEU J 78 -3.74 -4.12 -4.59
C LEU J 78 -3.44 -4.70 -3.20
N ALA J 79 -2.99 -3.84 -2.27
CA ALA J 79 -2.41 -4.29 -1.00
C ALA J 79 -3.40 -5.08 -0.11
N SER J 80 -4.70 -4.92 -0.40
CA SER J 80 -5.77 -5.70 0.22
C SER J 80 -7.05 -5.60 -0.61
N ALA J 81 -7.43 -6.71 -1.25
CA ALA J 81 -8.53 -6.72 -2.20
C ALA J 81 -9.92 -6.56 -1.56
N SER J 82 -10.73 -5.69 -2.16
CA SER J 82 -12.11 -5.49 -1.73
C SER J 82 -13.01 -5.43 -2.96
N THR J 83 -14.23 -5.97 -2.84
CA THR J 83 -15.15 -6.13 -3.98
C THR J 83 -15.36 -4.87 -4.83
N ASP J 84 -15.11 -3.70 -4.26
CA ASP J 84 -15.31 -2.48 -5.01
C ASP J 84 -14.16 -2.17 -5.99
N GLN J 85 -13.05 -2.92 -5.87
CA GLN J 85 -11.90 -2.82 -6.78
C GLN J 85 -12.05 -3.69 -8.02
N THR J 86 -13.16 -4.42 -8.09
CA THR J 86 -13.55 -5.15 -9.29
C THR J 86 -13.69 -4.17 -10.43
N SER J 87 -12.85 -4.30 -11.45
CA SER J 87 -12.87 -3.33 -12.55
C SER J 87 -11.98 -3.69 -13.72
N MET J 88 -11.80 -2.69 -14.59
CA MET J 88 -11.01 -2.80 -15.80
C MET J 88 -9.82 -1.95 -15.50
N TYR J 89 -8.61 -2.52 -15.53
CA TYR J 89 -7.42 -1.74 -15.22
C TYR J 89 -6.59 -1.51 -16.46
N LEU J 90 -6.38 -0.24 -16.79
CA LEU J 90 -5.67 0.15 -18.00
C LEU J 90 -4.37 0.83 -17.63
N CYS J 91 -3.30 0.37 -18.25
CA CYS J 91 -2.01 0.92 -17.99
C CYS J 91 -1.68 1.79 -19.15
N ALA J 92 -0.97 2.89 -18.92
CA ALA J 92 -0.47 3.68 -20.05
C ALA J 92 0.95 4.20 -19.84
N SER J 93 1.52 4.72 -20.93
CA SER J 93 2.82 5.37 -20.89
C SER J 93 2.96 6.39 -22.00
N SER J 94 3.94 7.28 -21.84
CA SER J 94 4.26 8.28 -22.84
C SER J 94 5.58 8.91 -22.55
N PHE J 95 6.24 9.36 -23.60
CA PHE J 95 7.49 10.11 -23.50
C PHE J 95 7.31 11.30 -22.59
N LEU J 96 8.34 11.66 -21.84
CA LEU J 96 8.28 12.88 -21.03
C LEU J 96 8.45 14.12 -21.90
N GLY J 97 7.63 15.13 -21.61
CA GLY J 97 7.62 16.39 -22.35
C GLY J 97 6.37 17.27 -22.26
N THR J 98 6.26 18.22 -23.19
CA THR J 98 5.09 19.07 -23.30
C THR J 98 4.13 18.52 -24.37
N GLY J 99 2.87 18.33 -23.96
CA GLY J 99 1.80 17.94 -24.89
C GLY J 99 2.03 16.64 -25.64
N VAL J 100 2.29 15.59 -24.87
CA VAL J 100 2.59 14.30 -25.43
C VAL J 100 1.39 13.35 -25.26
N GLU J 101 1.39 12.30 -26.08
CA GLU J 101 0.28 11.36 -26.19
C GLU J 101 0.51 10.09 -25.37
N GLN J 102 -0.53 9.63 -24.66
CA GLN J 102 -0.43 8.39 -23.89
C GLN J 102 -0.88 7.18 -24.68
N TYR J 103 -0.14 6.08 -24.55
CA TYR J 103 -0.56 4.85 -25.17
C TYR J 103 -0.96 3.83 -24.11
N PHE J 104 -2.03 3.09 -24.39
CA PHE J 104 -2.59 2.18 -23.42
C PHE J 104 -2.16 0.73 -23.65
N GLY J 105 -2.02 -0.03 -22.56
CA GLY J 105 -1.86 -1.47 -22.62
C GLY J 105 -3.21 -2.12 -22.92
N PRO J 106 -3.25 -3.46 -22.94
CA PRO J 106 -4.48 -4.16 -23.35
C PRO J 106 -5.63 -4.12 -22.32
N GLY J 107 -5.31 -3.82 -21.07
CA GLY J 107 -6.28 -3.84 -20.02
C GLY J 107 -6.19 -5.18 -19.31
N THR J 108 -6.61 -5.16 -18.04
CA THR J 108 -6.82 -6.37 -17.27
C THR J 108 -8.21 -6.27 -16.64
N ARG J 109 -9.03 -7.28 -16.85
CA ARG J 109 -10.31 -7.33 -16.20
C ARG J 109 -10.20 -8.14 -14.90
N LEU J 110 -10.53 -7.50 -13.78
CA LEU J 110 -10.39 -8.11 -12.47
C LEU J 110 -11.67 -8.07 -11.68
N THR J 111 -12.12 -9.26 -11.30
CA THR J 111 -13.20 -9.40 -10.35
C THR J 111 -12.64 -9.90 -9.03
N VAL J 112 -12.95 -9.18 -7.95
CA VAL J 112 -12.71 -9.67 -6.61
C VAL J 112 -14.06 -10.04 -5.95
N VAL J 113 -14.11 -11.26 -5.42
CA VAL J 113 -15.34 -11.78 -4.81
C VAL J 113 -15.05 -12.23 -3.41
N GLU J 114 -16.08 -12.19 -2.55
CA GLU J 114 -15.99 -12.52 -1.14
C GLU J 114 -15.70 -13.99 -0.90
N ASP J 115 -16.26 -14.86 -1.73
CA ASP J 115 -15.85 -16.28 -1.75
C ASP J 115 -15.62 -16.94 -3.12
N LEU J 116 -14.49 -17.64 -3.24
CA LEU J 116 -14.16 -18.42 -4.43
C LEU J 116 -15.18 -19.52 -4.72
N ASN J 117 -16.00 -19.86 -3.72
CA ASN J 117 -17.05 -20.83 -3.97
C ASN J 117 -18.17 -20.28 -4.84
N LYS J 118 -18.12 -18.97 -5.11
CA LYS J 118 -19.09 -18.29 -5.98
C LYS J 118 -18.72 -18.37 -7.47
N VAL J 119 -17.54 -18.93 -7.76
CA VAL J 119 -17.02 -19.09 -9.13
C VAL J 119 -17.64 -20.29 -9.86
N PHE J 120 -18.05 -20.08 -11.11
CA PHE J 120 -18.65 -21.14 -11.92
C PHE J 120 -18.15 -21.16 -13.36
N PRO J 121 -18.13 -22.35 -13.98
CA PRO J 121 -17.85 -22.45 -15.39
C PRO J 121 -19.15 -22.40 -16.19
N PRO J 122 -19.09 -21.95 -17.45
CA PRO J 122 -20.31 -21.87 -18.26
C PRO J 122 -20.84 -23.23 -18.65
N GLU J 123 -22.16 -23.38 -18.75
CA GLU J 123 -22.74 -24.51 -19.48
C GLU J 123 -23.11 -24.02 -20.85
N VAL J 124 -22.49 -24.60 -21.87
CA VAL J 124 -22.77 -24.22 -23.25
C VAL J 124 -23.78 -25.19 -23.85
N ALA J 125 -24.73 -24.65 -24.58
CA ALA J 125 -25.67 -25.44 -25.34
C ALA J 125 -25.82 -24.73 -26.67
N LEU J 126 -26.07 -25.50 -27.71
CA LEU J 126 -26.28 -24.93 -29.02
C LEU J 126 -27.71 -25.18 -29.44
N PHE J 127 -28.26 -24.27 -30.26
CA PHE J 127 -29.63 -24.39 -30.72
C PHE J 127 -29.69 -24.36 -32.23
N GLU J 128 -30.41 -25.35 -32.75
CA GLU J 128 -30.43 -25.63 -34.16
C GLU J 128 -31.44 -24.74 -34.83
N PRO J 129 -31.15 -24.35 -36.09
CA PRO J 129 -32.04 -23.56 -36.95
C PRO J 129 -33.43 -24.21 -37.12
N SER J 130 -34.46 -23.38 -37.25
CA SER J 130 -35.82 -23.85 -37.48
C SER J 130 -36.10 -23.94 -38.98
N GLU J 131 -36.98 -24.86 -39.35
CA GLU J 131 -37.32 -25.08 -40.76
C GLU J 131 -38.28 -24.00 -41.20
N ALA J 132 -38.96 -23.39 -40.23
CA ALA J 132 -39.73 -22.19 -40.44
C ALA J 132 -38.87 -21.18 -41.21
N GLU J 133 -37.75 -20.78 -40.59
CA GLU J 133 -36.78 -19.85 -41.18
C GLU J 133 -36.19 -20.40 -42.48
N ILE J 134 -35.93 -21.71 -42.49
CA ILE J 134 -35.33 -22.35 -43.65
C ILE J 134 -36.22 -22.13 -44.87
N SER J 135 -37.52 -22.39 -44.74
CA SER J 135 -38.44 -22.24 -45.88
C SER J 135 -38.76 -20.78 -46.25
N HIS J 136 -38.69 -19.89 -45.26
CA HIS J 136 -38.98 -18.46 -45.46
C HIS J 136 -37.85 -17.70 -46.11
N THR J 137 -36.63 -17.91 -45.60
CA THR J 137 -35.48 -17.05 -45.88
C THR J 137 -34.43 -17.71 -46.75
N GLN J 138 -34.38 -19.05 -46.70
CA GLN J 138 -33.29 -19.82 -47.29
C GLN J 138 -31.98 -19.48 -46.57
N LYS J 139 -32.11 -19.19 -45.27
CA LYS J 139 -30.99 -18.91 -44.39
C LYS J 139 -31.24 -19.57 -43.04
N ALA J 140 -30.18 -20.08 -42.43
CA ALA J 140 -30.25 -20.82 -41.16
C ALA J 140 -29.46 -20.15 -40.04
N THR J 141 -30.04 -20.13 -38.85
CA THR J 141 -29.40 -19.45 -37.74
C THR J 141 -29.17 -20.38 -36.55
N LEU J 142 -27.89 -20.55 -36.19
CA LEU J 142 -27.53 -21.25 -34.96
C LEU J 142 -27.40 -20.26 -33.82
N VAL J 143 -27.87 -20.66 -32.64
CA VAL J 143 -27.73 -19.86 -31.45
C VAL J 143 -26.93 -20.67 -30.45
N CYS J 144 -25.91 -20.01 -29.90
CA CYS J 144 -25.17 -20.54 -28.80
C CYS J 144 -25.48 -19.75 -27.53
N LEU J 145 -25.56 -20.41 -26.30
CA LEU J 145 -25.77 -19.70 -25.03
C LEU J 145 -24.78 -20.18 -23.97
N ALA J 146 -24.06 -19.24 -23.36
CA ALA J 146 -23.17 -19.59 -22.27
C ALA J 146 -23.87 -19.20 -20.97
N THR J 147 -24.29 -20.19 -20.19
CA THR J 147 -25.15 -19.89 -19.06
C THR J 147 -24.57 -20.19 -17.71
N GLY J 148 -24.88 -19.32 -16.74
CA GLY J 148 -24.56 -19.53 -15.33
C GLY J 148 -23.10 -19.59 -14.94
N PHE J 149 -22.29 -18.75 -15.58
CA PHE J 149 -20.86 -18.66 -15.26
C PHE J 149 -20.53 -17.41 -14.43
N TYR J 150 -19.47 -17.49 -13.62
CA TYR J 150 -18.95 -16.35 -12.87
C TYR J 150 -17.45 -16.52 -12.70
N PRO J 151 -16.65 -15.47 -12.97
CA PRO J 151 -16.98 -14.09 -13.36
C PRO J 151 -17.21 -13.93 -14.87
N ASP J 152 -17.67 -12.76 -15.29
CA ASP J 152 -17.97 -12.49 -16.72
C ASP J 152 -16.72 -12.37 -17.54
N HIS J 153 -15.92 -13.42 -17.54
CA HIS J 153 -14.62 -13.44 -18.21
C HIS J 153 -14.59 -14.60 -19.21
N VAL J 154 -15.03 -14.36 -20.45
CA VAL J 154 -15.18 -15.42 -21.44
C VAL J 154 -14.86 -14.92 -22.81
N GLU J 155 -14.53 -15.85 -23.69
CA GLU J 155 -14.35 -15.53 -25.09
C GLU J 155 -14.95 -16.63 -25.92
N LEU J 156 -16.07 -16.29 -26.54
CA LEU J 156 -16.82 -17.22 -27.36
C LEU J 156 -16.42 -17.14 -28.86
N SER J 157 -15.99 -18.26 -29.43
CA SER J 157 -15.75 -18.39 -30.89
C SER J 157 -16.50 -19.58 -31.55
N TRP J 158 -16.79 -19.47 -32.84
CA TRP J 158 -17.50 -20.53 -33.57
C TRP J 158 -16.53 -21.32 -34.39
N TRP J 159 -16.72 -22.63 -34.41
CA TRP J 159 -15.85 -23.50 -35.20
C TRP J 159 -16.67 -24.36 -36.17
N VAL J 160 -16.34 -24.20 -37.46
CA VAL J 160 -16.98 -24.91 -38.56
C VAL J 160 -15.94 -25.77 -39.26
N ASN J 161 -16.12 -27.08 -39.14
CA ASN J 161 -15.21 -28.07 -39.68
C ASN J 161 -13.80 -27.87 -39.16
N GLY J 162 -13.69 -27.59 -37.86
CA GLY J 162 -12.40 -27.42 -37.22
C GLY J 162 -11.67 -26.14 -37.61
N LYS J 163 -12.37 -25.21 -38.26
CA LYS J 163 -11.84 -23.86 -38.43
C LYS J 163 -12.74 -22.81 -37.78
N GLU J 164 -12.12 -21.86 -37.07
CA GLU J 164 -12.81 -20.72 -36.48
C GLU J 164 -13.36 -19.83 -37.60
N VAL J 165 -14.61 -19.39 -37.46
CA VAL J 165 -15.26 -18.50 -38.44
C VAL J 165 -15.71 -17.16 -37.85
N HIS J 166 -15.67 -16.11 -38.68
CA HIS J 166 -16.09 -14.74 -38.27
C HIS J 166 -17.21 -14.17 -39.13
N SER J 167 -17.24 -14.57 -40.40
CA SER J 167 -18.29 -14.13 -41.28
C SER J 167 -19.60 -14.72 -40.78
N GLY J 168 -20.62 -13.88 -40.62
CA GLY J 168 -21.97 -14.31 -40.27
C GLY J 168 -22.13 -14.67 -38.82
N VAL J 169 -21.21 -14.15 -38.03
CA VAL J 169 -21.21 -14.31 -36.58
C VAL J 169 -21.51 -12.95 -35.94
N CYS J 170 -22.13 -13.01 -34.76
CA CYS J 170 -22.43 -11.86 -33.96
C CYS J 170 -22.66 -12.32 -32.54
N THR J 171 -21.65 -12.15 -31.70
CA THR J 171 -21.75 -12.38 -30.27
C THR J 171 -22.12 -11.05 -29.65
N ASP J 172 -23.08 -11.05 -28.73
CA ASP J 172 -23.44 -9.76 -28.16
C ASP J 172 -22.31 -9.22 -27.28
N PRO J 173 -22.09 -7.87 -27.31
CA PRO J 173 -20.91 -7.25 -26.69
C PRO J 173 -20.76 -7.55 -25.21
N GLN J 174 -21.89 -7.74 -24.54
CA GLN J 174 -21.98 -7.71 -23.08
C GLN J 174 -22.51 -9.01 -22.46
N PRO J 175 -21.69 -9.69 -21.63
CA PRO J 175 -22.23 -10.79 -20.80
C PRO J 175 -23.31 -10.27 -19.87
N LEU J 176 -24.45 -10.95 -19.81
CA LEU J 176 -25.63 -10.46 -19.07
C LEU J 176 -25.78 -10.98 -17.63
N LYS J 177 -26.03 -10.05 -16.69
CA LYS J 177 -26.34 -10.43 -15.31
C LYS J 177 -27.65 -11.21 -15.24
N GLU J 178 -27.56 -12.47 -14.81
CA GLU J 178 -28.75 -13.32 -14.69
C GLU J 178 -29.66 -12.86 -13.56
N GLN J 179 -29.13 -12.01 -12.67
CA GLN J 179 -29.90 -11.32 -11.61
C GLN J 179 -29.20 -10.00 -11.20
N PRO J 180 -29.66 -8.87 -11.77
CA PRO J 180 -28.85 -7.64 -11.74
C PRO J 180 -28.69 -7.05 -10.35
N ALA J 181 -29.43 -7.58 -9.39
CA ALA J 181 -29.41 -7.10 -8.02
C ALA J 181 -28.10 -7.30 -7.24
N LEU J 182 -27.44 -8.42 -7.50
CA LEU J 182 -26.43 -9.00 -6.63
C LEU J 182 -24.98 -8.87 -7.12
N ASN J 183 -24.11 -8.26 -6.33
CA ASN J 183 -22.69 -7.99 -6.71
C ASN J 183 -22.02 -9.23 -7.31
N ASP J 184 -22.53 -10.41 -7.05
CA ASP J 184 -21.92 -11.61 -7.65
C ASP J 184 -22.92 -12.65 -8.14
N SER J 185 -23.60 -12.32 -9.22
CA SER J 185 -24.68 -13.13 -9.78
C SER J 185 -24.23 -13.71 -11.10
N ARG J 186 -24.43 -15.01 -11.28
CA ARG J 186 -24.01 -15.69 -12.50
C ARG J 186 -24.44 -15.00 -13.79
N TYR J 187 -23.68 -15.25 -14.86
CA TYR J 187 -23.89 -14.57 -16.16
C TYR J 187 -24.32 -15.53 -17.27
N ALA J 188 -25.03 -14.98 -18.23
CA ALA J 188 -25.34 -15.62 -19.50
C ALA J 188 -24.84 -14.76 -20.67
N LEU J 189 -24.52 -15.45 -21.76
CA LEU J 189 -24.02 -14.87 -23.00
C LEU J 189 -24.54 -15.66 -24.20
N SER J 190 -24.98 -15.05 -25.23
CA SER J 190 -25.49 -15.64 -26.46
C SER J 190 -24.58 -15.24 -27.62
N SER J 191 -24.67 -16.01 -28.71
CA SER J 191 -23.99 -15.67 -29.95
C SER J 191 -24.73 -16.32 -31.10
N ARG J 192 -24.40 -15.90 -32.32
CA ARG J 192 -25.18 -16.32 -33.47
C ARG J 192 -24.31 -16.54 -34.69
N LEU J 193 -24.49 -17.72 -35.29
CA LEU J 193 -23.83 -18.02 -36.54
C LEU J 193 -24.90 -18.37 -37.55
N ARG J 194 -24.90 -17.64 -38.65
CA ARG J 194 -25.98 -17.76 -39.58
C ARG J 194 -25.38 -18.08 -40.93
N VAL J 195 -25.73 -19.25 -41.44
CA VAL J 195 -25.26 -19.74 -42.74
C VAL J 195 -26.46 -19.88 -43.67
N SER J 196 -26.18 -20.32 -44.89
CA SER J 196 -27.24 -20.61 -45.85
C SER J 196 -27.94 -21.94 -45.52
N ALA J 197 -29.13 -22.11 -46.11
CA ALA J 197 -29.90 -23.37 -46.08
C ALA J 197 -29.07 -24.59 -46.53
N THR J 198 -28.45 -24.47 -47.70
CA THR J 198 -27.68 -25.54 -48.29
C THR J 198 -26.55 -25.97 -47.35
N PHE J 199 -25.82 -24.99 -46.80
CA PHE J 199 -24.74 -25.26 -45.86
C PHE J 199 -25.27 -26.05 -44.68
N TRP J 200 -26.21 -25.50 -43.93
CA TRP J 200 -26.73 -26.23 -42.79
C TRP J 200 -27.35 -27.59 -43.12
N GLN J 201 -28.01 -27.70 -44.27
CA GLN J 201 -28.61 -29.00 -44.66
C GLN J 201 -27.62 -30.09 -45.08
N ASP J 202 -26.34 -29.73 -45.21
CA ASP J 202 -25.28 -30.70 -45.47
C ASP J 202 -24.89 -31.49 -44.22
N PRO J 203 -25.17 -32.81 -44.18
CA PRO J 203 -24.81 -33.57 -43.00
C PRO J 203 -23.30 -33.64 -42.77
N ARG J 204 -22.54 -33.21 -43.78
CA ARG J 204 -21.10 -33.24 -43.72
C ARG J 204 -20.42 -32.14 -42.88
N ASN J 205 -21.12 -31.02 -42.67
CA ASN J 205 -20.59 -29.88 -41.90
C ASN J 205 -20.78 -30.00 -40.39
N HIS J 206 -19.71 -29.62 -39.68
CA HIS J 206 -19.69 -29.67 -38.24
C HIS J 206 -19.80 -28.25 -37.70
N PHE J 207 -20.52 -28.09 -36.60
CA PHE J 207 -20.57 -26.79 -35.95
C PHE J 207 -20.20 -26.94 -34.49
N ARG J 208 -19.29 -26.07 -34.04
CA ARG J 208 -18.86 -26.05 -32.65
C ARG J 208 -18.95 -24.64 -32.07
N CYS J 209 -19.61 -24.53 -30.92
CA CYS J 209 -19.60 -23.31 -30.12
C CYS J 209 -18.56 -23.45 -29.04
N GLN J 210 -17.58 -22.57 -29.05
CA GLN J 210 -16.48 -22.64 -28.12
C GLN J 210 -16.54 -21.48 -27.18
N VAL J 211 -16.55 -21.79 -25.87
CA VAL J 211 -16.41 -20.78 -24.83
C VAL J 211 -15.19 -21.04 -23.93
N GLN J 212 -14.18 -20.19 -24.08
CA GLN J 212 -13.01 -20.14 -23.19
C GLN J 212 -13.40 -19.43 -21.92
N PHE J 213 -13.21 -20.09 -20.78
CA PHE J 213 -13.58 -19.53 -19.49
C PHE J 213 -12.35 -19.38 -18.65
N TYR J 214 -12.30 -18.28 -17.91
CA TYR J 214 -11.20 -17.95 -17.04
C TYR J 214 -11.36 -17.64 -15.55
N GLY J 215 -11.44 -18.68 -14.72
CA GLY J 215 -11.46 -18.47 -13.27
C GLY J 215 -10.17 -18.79 -12.52
N LEU J 216 -10.03 -20.07 -12.13
CA LEU J 216 -9.04 -20.48 -11.16
C LEU J 216 -7.80 -21.16 -11.74
N SER J 217 -6.61 -20.75 -11.31
CA SER J 217 -5.39 -21.51 -11.66
C SER J 217 -5.37 -22.78 -10.80
N GLU J 218 -4.83 -23.87 -11.34
CA GLU J 218 -5.06 -25.21 -10.75
C GLU J 218 -4.51 -25.45 -9.33
N ALA J 219 -3.49 -24.69 -8.95
CA ALA J 219 -2.89 -24.85 -7.61
C ALA J 219 -3.63 -24.15 -6.46
N ASP J 220 -4.85 -23.66 -6.71
CA ASP J 220 -5.67 -23.02 -5.65
C ASP J 220 -6.35 -24.06 -4.76
N GLU J 221 -6.65 -23.69 -3.52
CA GLU J 221 -7.33 -24.60 -2.59
C GLU J 221 -8.80 -24.76 -2.95
N TRP J 222 -9.30 -25.99 -2.98
CA TRP J 222 -10.71 -26.22 -3.30
C TRP J 222 -11.40 -27.31 -2.47
N THR J 223 -12.29 -26.85 -1.57
CA THR J 223 -13.14 -27.73 -0.78
C THR J 223 -14.55 -27.52 -1.28
N GLN J 224 -15.12 -28.53 -1.92
CA GLN J 224 -16.53 -28.48 -2.33
C GLN J 224 -16.84 -29.75 -3.08
N ASP J 225 -18.10 -30.21 -3.00
CA ASP J 225 -18.57 -31.39 -3.77
C ASP J 225 -18.67 -31.09 -5.28
N ARG J 226 -18.43 -29.83 -5.64
CA ARG J 226 -18.29 -29.39 -7.04
C ARG J 226 -16.86 -29.66 -7.57
N ALA J 227 -16.74 -29.88 -8.88
CA ALA J 227 -15.41 -29.96 -9.52
C ALA J 227 -14.74 -28.60 -9.52
N LYS J 228 -13.42 -28.60 -9.50
CA LYS J 228 -12.65 -27.36 -9.48
C LYS J 228 -12.99 -26.55 -10.73
N PRO J 229 -13.54 -25.33 -10.55
CA PRO J 229 -13.89 -24.44 -11.65
C PRO J 229 -12.66 -23.70 -12.21
N VAL J 230 -11.76 -24.46 -12.82
CA VAL J 230 -10.52 -23.93 -13.41
C VAL J 230 -10.75 -23.18 -14.70
N THR J 231 -9.76 -22.40 -15.15
CA THR J 231 -9.77 -21.88 -16.49
C THR J 231 -9.94 -23.11 -17.36
N GLN J 232 -10.84 -23.02 -18.34
CA GLN J 232 -11.08 -24.15 -19.26
C GLN J 232 -11.77 -23.73 -20.54
N ILE J 233 -12.11 -24.72 -21.35
CA ILE J 233 -13.01 -24.56 -22.47
C ILE J 233 -14.22 -25.49 -22.25
N VAL J 234 -15.41 -24.99 -22.57
CA VAL J 234 -16.60 -25.82 -22.64
C VAL J 234 -17.17 -25.62 -24.02
N SER J 235 -17.60 -26.73 -24.62
CA SER J 235 -18.09 -26.74 -26.00
C SER J 235 -19.43 -27.39 -26.18
N ALA J 236 -20.07 -26.99 -27.27
CA ALA J 236 -21.32 -27.56 -27.72
C ALA J 236 -21.24 -27.73 -29.24
N GLU J 237 -21.92 -28.78 -29.72
CA GLU J 237 -21.84 -29.21 -31.10
C GLU J 237 -23.19 -29.41 -31.70
N ALA J 238 -23.20 -29.38 -33.03
CA ALA J 238 -24.36 -29.67 -33.85
C ALA J 238 -23.89 -30.04 -35.26
N TRP J 239 -24.41 -31.15 -35.79
CA TRP J 239 -24.12 -31.51 -37.15
C TRP J 239 -25.23 -31.06 -38.06
N GLY J 240 -24.87 -30.80 -39.31
CA GLY J 240 -25.85 -30.58 -40.35
C GLY J 240 -26.96 -31.62 -40.35
N ARG J 241 -28.12 -31.21 -40.85
CA ARG J 241 -29.31 -32.03 -40.85
C ARG J 241 -29.64 -32.46 -42.27
N ALA J 242 -29.61 -33.79 -42.49
CA ALA J 242 -30.11 -34.49 -43.72
C ALA J 242 -31.12 -33.72 -44.59
#